data_8TTY
#
_entry.id   8TTY
#
_cell.length_a   98.860
_cell.length_b   139.890
_cell.length_c   149.710
_cell.angle_alpha   90.00
_cell.angle_beta   90.00
_cell.angle_gamma   90.00
#
_symmetry.space_group_name_H-M   'P 21 21 21'
#
loop_
_entity.id
_entity.type
_entity.pdbx_description
1 polymer 'Toll-like receptor 7'
2 branched beta-D-mannopyranose-(1-4)-2-acetamido-2-deoxy-beta-D-glucopyranose-(1-4)-2-acetamido-2-deoxy-beta-D-glucopyranose
3 branched 2-acetamido-2-deoxy-beta-D-glucopyranose-(1-4)-2-acetamido-2-deoxy-beta-D-glucopyranose
4 non-polymer 2-acetamido-2-deoxy-beta-D-glucopyranose
5 non-polymer N~7~-butyl-2-({4-[(cyclobutylamino)methyl]-2-methoxyphenyl}methyl)-2H-pyrazolo[4,3-d]pyrimidine-5,7-diamine
6 non-polymer 'SULFATE ION'
7 water water
#
_entity_poly.entity_id   1
_entity_poly.type   'polypeptide(L)'
_entity_poly.pdbx_seq_one_letter_code
;RSPWARWFPKTLPCDVTLDVSKNHVIVDCTDKHLTEIPGGIPTNTTNLTLTINHIPDISPASFHRLVHLVEIDFRCNCVP
IRLGSKSNMCPRRLQIKPRSFSGLTYLKSLYLDGNQLLEIPQGLPPSLQLLSLEANNIFSIRKEQLTELANIEILYLGQN
CYYRNPCYVSYSIEKDAFLNLTKLKVLSLKDNNVTTVPTVLPSTLTELYLYNNMIAEIQEDDFNNLNQLQILDLSGNCPR
CYNAPFPCTPCKNNSPLQIPVNAFDALTELKVLRLHSNSLQHVPPRWFKNINNLQELDLSQNFLAKEIGDAKFLHFLPNL
IQLDLSFNFELQVYRASMNLSQAFSSLKSLKILRIRGYVFKELKSFQLSPLHNLQNLEVLDLGTNFIKIANLSMFKQFKR
LKVIDLSVNKISPSGDSSEVGFCSNARTSVESYEPQVLEQLYYFRYDKYARSCRFKNKEASFTSVQESCYKYGQTLDLSK
NSIFFIKSSDFQHLSFLKCLNLSGNLISQTLNGSEFQPLAELRYLDFSNNRLDLLHSTAFEELRKLEVLDISSNSHYFQS
EGITHMLNFTKNLKVLQKLMMNDNDISSSTSRTMESESLRTLEFRGNHLDVLWRDGDNRYLQLFKNLLKLEELDISKNSL
SFLPSGVFDGMPPNLKNLSLAKNGLKSFIWEKLRYLKNLETLDLSHNQLTTVPERLSNCSRSLKNLILKNNQIRSLTKYF
LQDAFQLRYLDLSSNKIQMIQKTSFPENVLNNLKMLLLHHNRFLCTCDAVWFVWWVQHTEVTIPYLATDVTCVGPGAHKG
QSVISLDLYTCELDLTN
;
_entity_poly.pdbx_strand_id   A,B
#
loop_
_chem_comp.id
_chem_comp.type
_chem_comp.name
_chem_comp.formula
BMA D-saccharide, beta linking beta-D-mannopyranose 'C6 H12 O6'
NAG D-saccharide, beta linking 2-acetamido-2-deoxy-beta-D-glucopyranose 'C8 H15 N O6'
QEC non-polymer N~7~-butyl-2-({4-[(cyclobutylamino)methyl]-2-methoxyphenyl}methyl)-2H-pyrazolo[4,3-d]pyrimidine-5,7-diamine 'C22 H31 N7 O'
SO4 non-polymer 'SULFATE ION' 'O4 S -2'
#
# COMPACT_ATOMS: atom_id res chain seq x y z
N ALA A 5 22.67 36.29 -16.44
CA ALA A 5 22.07 36.13 -17.76
C ALA A 5 20.90 37.12 -17.97
N ARG A 6 19.89 37.15 -17.08
CA ARG A 6 18.79 38.10 -17.22
C ARG A 6 19.15 39.39 -16.48
N TRP A 7 18.81 40.54 -17.07
CA TRP A 7 19.05 41.85 -16.46
C TRP A 7 17.85 42.28 -15.59
N PHE A 8 16.63 41.85 -15.94
CA PHE A 8 15.41 42.16 -15.20
C PHE A 8 14.76 40.83 -14.78
N PRO A 9 14.86 40.39 -13.50
CA PRO A 9 14.23 39.12 -13.11
C PRO A 9 12.71 39.14 -13.24
N LYS A 10 12.11 38.00 -13.61
CA LYS A 10 10.66 37.92 -13.76
C LYS A 10 10.07 37.64 -12.38
N THR A 11 9.31 38.59 -11.83
CA THR A 11 8.68 38.43 -10.51
C THR A 11 7.16 38.14 -10.64
N LEU A 12 6.57 38.21 -11.87
CA LEU A 12 5.15 37.90 -12.08
C LEU A 12 4.92 36.44 -11.69
N PRO A 13 3.88 36.12 -10.87
CA PRO A 13 3.68 34.71 -10.47
C PRO A 13 3.03 33.81 -11.51
N CYS A 14 3.17 34.12 -12.80
CA CYS A 14 2.56 33.34 -13.88
C CYS A 14 3.63 32.88 -14.86
N ASP A 15 3.37 31.78 -15.57
CA ASP A 15 4.30 31.29 -16.59
C ASP A 15 4.01 32.09 -17.86
N VAL A 16 5.05 32.66 -18.48
CA VAL A 16 4.88 33.46 -19.69
C VAL A 16 5.60 32.79 -20.85
N THR A 17 4.83 32.22 -21.80
CA THR A 17 5.37 31.56 -22.99
C THR A 17 5.12 32.46 -24.19
N LEU A 18 6.03 32.42 -25.15
CA LEU A 18 5.97 33.24 -26.34
C LEU A 18 5.94 32.33 -27.56
N ASP A 19 4.78 32.18 -28.20
CA ASP A 19 4.66 31.35 -29.39
C ASP A 19 4.72 32.28 -30.59
N VAL A 20 5.94 32.62 -30.99
CA VAL A 20 6.17 33.54 -32.11
C VAL A 20 5.55 33.07 -33.44
N SER A 21 5.33 31.76 -33.64
CA SER A 21 4.75 31.27 -34.89
C SER A 21 3.29 31.75 -35.05
N LYS A 22 2.38 31.37 -34.10
CA LYS A 22 0.98 31.79 -34.13
C LYS A 22 0.76 33.19 -33.50
N ASN A 23 1.84 33.94 -33.22
CA ASN A 23 1.77 35.29 -32.67
C ASN A 23 1.09 35.40 -31.29
N HIS A 24 1.29 34.40 -30.40
CA HIS A 24 0.66 34.43 -29.08
C HIS A 24 1.65 34.74 -27.95
N VAL A 25 1.15 35.42 -26.91
CA VAL A 25 1.87 35.72 -25.68
C VAL A 25 0.98 35.11 -24.61
N ILE A 26 1.33 33.90 -24.16
CA ILE A 26 0.53 33.13 -23.21
C ILE A 26 0.97 33.39 -21.77
N VAL A 27 0.05 33.88 -20.94
CA VAL A 27 0.30 34.13 -19.53
C VAL A 27 -0.61 33.15 -18.79
N ASP A 28 -0.01 32.20 -18.04
CA ASP A 28 -0.73 31.17 -17.32
C ASP A 28 -0.56 31.33 -15.81
N CYS A 29 -1.60 31.84 -15.13
CA CYS A 29 -1.64 32.05 -13.68
C CYS A 29 -2.50 30.97 -13.01
N THR A 30 -2.61 29.76 -13.59
CA THR A 30 -3.46 28.72 -12.99
C THR A 30 -2.96 28.31 -11.63
N ASP A 31 -3.87 28.20 -10.66
CA ASP A 31 -3.58 27.72 -9.31
C ASP A 31 -2.34 28.36 -8.67
N LYS A 32 -2.37 29.70 -8.53
CA LYS A 32 -1.29 30.45 -7.90
C LYS A 32 -1.76 31.17 -6.61
N HIS A 33 -2.91 30.76 -6.02
CA HIS A 33 -3.43 31.31 -4.76
C HIS A 33 -3.56 32.82 -4.80
N LEU A 34 -4.02 33.34 -5.95
CA LEU A 34 -4.15 34.77 -6.13
C LEU A 34 -5.47 35.27 -5.59
N THR A 35 -5.43 36.40 -4.89
CA THR A 35 -6.62 37.10 -4.41
C THR A 35 -6.92 38.33 -5.29
N GLU A 36 -5.98 38.75 -6.17
CA GLU A 36 -6.12 39.85 -7.12
C GLU A 36 -5.42 39.46 -8.42
N ILE A 37 -5.75 40.12 -9.55
CA ILE A 37 -5.04 39.88 -10.81
C ILE A 37 -3.65 40.50 -10.61
N PRO A 38 -2.55 39.75 -10.78
CA PRO A 38 -1.23 40.33 -10.53
C PRO A 38 -0.90 41.49 -11.47
N GLY A 39 -0.19 42.48 -10.95
CA GLY A 39 0.25 43.62 -11.74
C GLY A 39 1.45 43.24 -12.58
N GLY A 40 1.69 43.99 -13.64
CA GLY A 40 2.82 43.74 -14.52
C GLY A 40 2.62 42.65 -15.55
N ILE A 41 1.36 42.33 -15.91
CA ILE A 41 1.08 41.34 -16.96
C ILE A 41 1.47 41.99 -18.30
N PRO A 42 2.20 41.30 -19.21
CA PRO A 42 2.60 41.95 -20.46
C PRO A 42 1.45 42.57 -21.24
N THR A 43 1.66 43.77 -21.76
CA THR A 43 0.64 44.46 -22.54
C THR A 43 0.29 43.67 -23.83
N ASN A 44 1.24 42.87 -24.37
CA ASN A 44 0.99 42.08 -25.57
C ASN A 44 0.27 40.74 -25.27
N THR A 45 -0.19 40.50 -24.02
CA THR A 45 -0.85 39.23 -23.66
C THR A 45 -2.05 38.93 -24.55
N THR A 46 -2.07 37.76 -25.19
CA THR A 46 -3.17 37.31 -26.03
C THR A 46 -4.02 36.26 -25.26
N ASN A 47 -3.38 35.32 -24.56
CA ASN A 47 -4.06 34.25 -23.82
C ASN A 47 -3.79 34.37 -22.33
N LEU A 48 -4.79 34.83 -21.53
CA LEU A 48 -4.65 35.00 -20.08
C LEU A 48 -5.51 33.99 -19.33
N THR A 49 -4.86 33.10 -18.54
CA THR A 49 -5.55 32.09 -17.74
C THR A 49 -5.39 32.38 -16.26
N LEU A 50 -6.51 32.61 -15.56
CA LEU A 50 -6.56 32.87 -14.13
C LEU A 50 -7.42 31.79 -13.42
N THR A 51 -7.39 30.56 -13.94
CA THR A 51 -8.19 29.45 -13.43
C THR A 51 -7.71 28.99 -12.06
N ILE A 52 -8.65 28.62 -11.17
CA ILE A 52 -8.38 28.14 -9.82
C ILE A 52 -7.59 29.16 -9.01
N ASN A 53 -8.24 30.26 -8.69
CA ASN A 53 -7.70 31.31 -7.84
C ASN A 53 -8.89 31.83 -7.00
N HIS A 54 -8.69 32.88 -6.20
CA HIS A 54 -9.76 33.44 -5.37
C HIS A 54 -9.87 34.93 -5.62
N ILE A 55 -9.91 35.31 -6.91
CA ILE A 55 -10.08 36.71 -7.30
C ILE A 55 -11.58 37.01 -7.16
N PRO A 56 -12.00 37.89 -6.24
CA PRO A 56 -13.44 38.08 -6.00
C PRO A 56 -14.20 38.90 -7.03
N ASP A 57 -13.52 39.67 -7.90
CA ASP A 57 -14.23 40.51 -8.84
C ASP A 57 -13.43 40.88 -10.09
N ILE A 58 -14.17 41.26 -11.13
CA ILE A 58 -13.63 41.76 -12.40
C ILE A 58 -14.23 43.16 -12.60
N SER A 59 -13.40 44.09 -13.08
CA SER A 59 -13.81 45.48 -13.32
C SER A 59 -13.02 46.05 -14.54
N PRO A 60 -13.33 47.26 -15.05
CA PRO A 60 -12.55 47.80 -16.18
C PRO A 60 -11.03 47.84 -15.94
N ALA A 61 -10.59 47.94 -14.68
CA ALA A 61 -9.16 47.94 -14.33
C ALA A 61 -8.49 46.58 -14.53
N SER A 62 -9.25 45.47 -14.42
CA SER A 62 -8.73 44.10 -14.57
C SER A 62 -7.91 43.87 -15.85
N PHE A 63 -8.44 44.27 -17.02
CA PHE A 63 -7.77 44.05 -18.31
C PHE A 63 -7.58 45.37 -19.07
N HIS A 64 -7.48 46.51 -18.35
CA HIS A 64 -7.35 47.87 -18.91
C HIS A 64 -6.32 47.98 -20.05
N ARG A 65 -5.05 47.59 -19.78
CA ARG A 65 -3.96 47.68 -20.76
C ARG A 65 -3.92 46.53 -21.75
N LEU A 66 -4.60 45.40 -21.46
CA LEU A 66 -4.51 44.19 -22.26
C LEU A 66 -5.50 44.18 -23.43
N VAL A 67 -5.37 45.18 -24.30
CA VAL A 67 -6.23 45.35 -25.46
C VAL A 67 -6.09 44.23 -26.50
N HIS A 68 -4.95 43.50 -26.51
CA HIS A 68 -4.73 42.43 -27.49
C HIS A 68 -5.24 41.06 -27.02
N LEU A 69 -6.03 40.98 -25.93
CA LEU A 69 -6.52 39.69 -25.45
C LEU A 69 -7.46 39.05 -26.45
N VAL A 70 -7.15 37.81 -26.86
CA VAL A 70 -8.00 36.96 -27.71
C VAL A 70 -8.69 35.88 -26.82
N GLU A 71 -8.14 35.57 -25.61
CA GLU A 71 -8.75 34.60 -24.72
C GLU A 71 -8.55 34.95 -23.25
N ILE A 72 -9.63 34.85 -22.46
CA ILE A 72 -9.61 35.02 -21.01
C ILE A 72 -10.20 33.74 -20.45
N ASP A 73 -9.41 32.98 -19.70
CA ASP A 73 -9.89 31.77 -19.06
C ASP A 73 -9.91 32.07 -17.57
N PHE A 74 -11.07 32.51 -17.04
CA PHE A 74 -11.26 32.88 -15.64
C PHE A 74 -12.19 31.85 -14.96
N ARG A 75 -11.87 30.55 -15.11
CA ARG A 75 -12.70 29.50 -14.52
C ARG A 75 -12.40 29.21 -13.05
N CYS A 76 -13.44 28.77 -12.34
CA CYS A 76 -13.33 28.26 -10.99
C CYS A 76 -12.64 29.18 -9.99
N ASN A 77 -13.07 30.43 -9.94
CA ASN A 77 -12.64 31.37 -8.92
C ASN A 77 -13.69 31.42 -7.78
N CYS A 78 -14.92 30.92 -8.01
CA CYS A 78 -15.96 30.77 -7.00
C CYS A 78 -16.79 29.53 -7.33
N VAL A 79 -16.10 28.39 -7.37
CA VAL A 79 -16.72 27.09 -7.70
C VAL A 79 -17.95 26.77 -6.78
N PRO A 80 -19.10 26.25 -7.30
CA PRO A 80 -20.23 25.91 -6.41
C PRO A 80 -19.82 25.04 -5.22
N ILE A 81 -20.41 25.29 -4.05
CA ILE A 81 -20.02 24.64 -2.79
C ILE A 81 -19.85 23.10 -2.88
N ARG A 82 -20.82 22.38 -3.49
CA ARG A 82 -20.72 20.91 -3.59
C ARG A 82 -19.61 20.43 -4.53
N LEU A 83 -19.18 21.27 -5.48
CA LEU A 83 -18.10 20.90 -6.41
C LEU A 83 -16.70 21.39 -5.96
N GLY A 84 -16.65 22.38 -5.08
CA GLY A 84 -15.39 22.96 -4.63
C GLY A 84 -14.82 22.42 -3.33
N SER A 85 -13.69 22.99 -2.94
CA SER A 85 -12.97 22.65 -1.72
C SER A 85 -13.80 23.05 -0.50
N LYS A 86 -13.80 22.20 0.55
CA LYS A 86 -14.47 22.51 1.82
C LYS A 86 -13.52 23.20 2.81
N SER A 87 -12.19 23.02 2.66
CA SER A 87 -11.21 23.70 3.50
C SER A 87 -11.10 25.20 3.12
N ASN A 88 -11.34 25.54 1.84
CA ASN A 88 -11.34 26.94 1.39
C ASN A 88 -12.53 27.16 0.44
N MET A 89 -13.72 27.27 1.04
CA MET A 89 -14.95 27.53 0.30
C MET A 89 -15.03 28.98 -0.12
N CYS A 90 -15.66 29.25 -1.26
CA CYS A 90 -15.82 30.62 -1.75
C CYS A 90 -16.90 31.34 -0.93
N PRO A 91 -16.59 32.51 -0.32
CA PRO A 91 -17.61 33.21 0.48
C PRO A 91 -18.70 33.90 -0.35
N ARG A 92 -18.34 34.58 -1.45
CA ARG A 92 -19.30 35.30 -2.29
C ARG A 92 -19.06 35.02 -3.77
N ARG A 93 -20.14 35.03 -4.57
CA ARG A 93 -20.04 34.81 -6.01
C ARG A 93 -19.20 35.89 -6.69
N LEU A 94 -18.58 35.56 -7.84
CA LEU A 94 -17.76 36.50 -8.59
C LEU A 94 -18.60 37.72 -9.02
N GLN A 95 -18.11 38.94 -8.74
CA GLN A 95 -18.81 40.17 -9.13
C GLN A 95 -18.14 40.69 -10.40
N ILE A 96 -18.92 40.94 -11.45
CA ILE A 96 -18.37 41.46 -12.70
C ILE A 96 -19.03 42.82 -12.90
N LYS A 97 -18.26 43.90 -12.74
CA LYS A 97 -18.79 45.26 -12.89
C LYS A 97 -18.96 45.61 -14.38
N PRO A 98 -19.74 46.64 -14.75
CA PRO A 98 -19.90 46.98 -16.17
C PRO A 98 -18.61 47.41 -16.86
N ARG A 99 -18.56 47.27 -18.20
CA ARG A 99 -17.43 47.64 -19.05
C ARG A 99 -16.13 46.87 -18.79
N SER A 100 -16.23 45.64 -18.26
CA SER A 100 -15.05 44.82 -17.98
C SER A 100 -14.46 44.17 -19.24
N PHE A 101 -15.32 43.79 -20.20
CA PHE A 101 -14.90 43.12 -21.43
C PHE A 101 -15.21 43.94 -22.70
N SER A 102 -16.11 44.94 -22.62
CA SER A 102 -16.52 45.72 -23.79
C SER A 102 -15.38 46.40 -24.57
N GLY A 103 -14.30 46.78 -23.91
CA GLY A 103 -13.15 47.39 -24.56
C GLY A 103 -12.23 46.40 -25.26
N LEU A 104 -12.36 45.09 -24.97
CA LEU A 104 -11.50 44.07 -25.56
C LEU A 104 -12.03 43.68 -26.95
N THR A 105 -11.71 44.48 -27.97
CA THR A 105 -12.23 44.29 -29.32
C THR A 105 -11.69 43.04 -30.07
N TYR A 106 -10.67 42.34 -29.55
CA TYR A 106 -10.15 41.11 -30.17
C TYR A 106 -10.56 39.83 -29.39
N LEU A 107 -11.31 39.94 -28.29
CA LEU A 107 -11.67 38.79 -27.46
C LEU A 107 -12.54 37.79 -28.25
N LYS A 108 -12.00 36.56 -28.46
CA LYS A 108 -12.67 35.48 -29.18
C LYS A 108 -13.19 34.39 -28.24
N SER A 109 -12.54 34.18 -27.07
CA SER A 109 -12.92 33.12 -26.11
C SER A 109 -12.97 33.63 -24.69
N LEU A 110 -14.05 33.32 -23.98
CA LEU A 110 -14.22 33.75 -22.60
C LEU A 110 -14.80 32.60 -21.80
N TYR A 111 -14.01 32.04 -20.87
CA TYR A 111 -14.48 30.97 -19.99
C TYR A 111 -14.71 31.55 -18.61
N LEU A 112 -15.97 31.57 -18.15
CA LEU A 112 -16.34 32.03 -16.82
C LEU A 112 -17.08 30.92 -16.06
N ASP A 113 -16.70 29.65 -16.31
CA ASP A 113 -17.31 28.49 -15.67
C ASP A 113 -16.95 28.45 -14.18
N GLY A 114 -17.84 27.87 -13.38
CA GLY A 114 -17.62 27.68 -11.96
C GLY A 114 -17.36 28.91 -11.14
N ASN A 115 -18.21 29.95 -11.28
CA ASN A 115 -18.06 31.21 -10.54
C ASN A 115 -19.36 31.66 -9.83
N GLN A 116 -20.40 30.80 -9.78
CA GLN A 116 -21.69 31.07 -9.15
C GLN A 116 -22.38 32.33 -9.72
N LEU A 117 -22.20 32.60 -11.03
CA LEU A 117 -22.85 33.73 -11.67
C LEU A 117 -24.36 33.47 -11.77
N LEU A 118 -25.18 34.51 -11.56
CA LEU A 118 -26.64 34.37 -11.60
C LEU A 118 -27.23 34.66 -12.97
N GLU A 119 -26.53 35.44 -13.81
CA GLU A 119 -27.00 35.83 -15.15
C GLU A 119 -25.86 35.75 -16.18
N ILE A 120 -26.22 35.77 -17.46
CA ILE A 120 -25.25 35.76 -18.56
C ILE A 120 -24.55 37.13 -18.54
N PRO A 121 -23.21 37.22 -18.34
CA PRO A 121 -22.58 38.55 -18.30
C PRO A 121 -22.86 39.39 -19.54
N GLN A 122 -23.20 40.68 -19.34
CA GLN A 122 -23.51 41.58 -20.44
C GLN A 122 -22.29 42.47 -20.78
N GLY A 123 -22.42 43.31 -21.81
CA GLY A 123 -21.33 44.15 -22.27
C GLY A 123 -20.18 43.36 -22.85
N LEU A 124 -20.47 42.21 -23.50
CA LEU A 124 -19.41 41.40 -24.09
C LEU A 124 -19.12 41.93 -25.50
N PRO A 125 -17.85 41.87 -25.95
CA PRO A 125 -17.52 42.42 -27.28
C PRO A 125 -18.13 41.64 -28.44
N PRO A 126 -18.36 42.28 -29.60
CA PRO A 126 -18.95 41.56 -30.74
C PRO A 126 -18.03 40.54 -31.41
N SER A 127 -16.73 40.53 -31.08
CA SER A 127 -15.79 39.57 -31.64
C SER A 127 -15.88 38.19 -30.97
N LEU A 128 -16.64 38.03 -29.86
CA LEU A 128 -16.66 36.77 -29.11
C LEU A 128 -17.27 35.62 -29.94
N GLN A 129 -16.54 34.50 -30.01
CA GLN A 129 -16.92 33.28 -30.73
C GLN A 129 -17.22 32.13 -29.75
N LEU A 130 -16.53 32.08 -28.59
CA LEU A 130 -16.76 31.03 -27.60
C LEU A 130 -17.07 31.66 -26.25
N LEU A 131 -18.20 31.27 -25.62
CA LEU A 131 -18.59 31.72 -24.29
C LEU A 131 -18.89 30.47 -23.47
N SER A 132 -18.26 30.30 -22.31
CA SER A 132 -18.47 29.12 -21.48
C SER A 132 -18.93 29.56 -20.10
N LEU A 133 -20.10 29.08 -19.67
CA LEU A 133 -20.67 29.44 -18.38
C LEU A 133 -21.17 28.20 -17.62
N GLU A 134 -20.46 27.08 -17.75
CA GLU A 134 -20.83 25.85 -17.04
C GLU A 134 -20.67 26.02 -15.52
N ALA A 135 -21.37 25.20 -14.73
CA ALA A 135 -21.28 25.21 -13.27
C ALA A 135 -21.45 26.60 -12.64
N ASN A 136 -22.43 27.34 -13.13
CA ASN A 136 -22.84 28.65 -12.59
C ASN A 136 -24.31 28.47 -12.10
N ASN A 137 -25.03 29.54 -11.79
CA ASN A 137 -26.40 29.45 -11.33
C ASN A 137 -27.32 30.22 -12.30
N ILE A 138 -27.16 29.99 -13.62
CA ILE A 138 -27.97 30.61 -14.66
C ILE A 138 -28.94 29.52 -15.15
N PHE A 139 -30.22 29.64 -14.81
CA PHE A 139 -31.23 28.62 -15.17
C PHE A 139 -32.48 29.21 -15.83
N SER A 140 -32.33 30.38 -16.46
CA SER A 140 -33.40 31.04 -17.21
C SER A 140 -32.75 31.80 -18.35
N ILE A 141 -33.01 31.35 -19.60
CA ILE A 141 -32.41 31.95 -20.79
C ILE A 141 -33.44 32.83 -21.46
N ARG A 142 -33.11 34.13 -21.60
CA ARG A 142 -33.97 35.13 -22.22
C ARG A 142 -33.32 35.63 -23.50
N LYS A 143 -34.13 35.83 -24.53
CA LYS A 143 -33.67 36.30 -25.84
C LYS A 143 -32.92 37.64 -25.72
N GLU A 144 -33.39 38.56 -24.84
CA GLU A 144 -32.74 39.86 -24.65
C GLU A 144 -31.31 39.73 -24.09
N GLN A 145 -31.06 38.72 -23.25
CA GLN A 145 -29.73 38.47 -22.69
C GLN A 145 -28.74 37.86 -23.71
N LEU A 146 -29.24 37.39 -24.87
CA LEU A 146 -28.44 36.76 -25.93
C LEU A 146 -28.19 37.67 -27.13
N THR A 147 -28.79 38.89 -27.20
CA THR A 147 -28.60 39.78 -28.34
C THR A 147 -27.12 40.18 -28.51
N GLU A 148 -26.38 40.38 -27.40
CA GLU A 148 -24.94 40.71 -27.47
C GLU A 148 -24.08 39.62 -28.15
N LEU A 149 -24.56 38.35 -28.14
CA LEU A 149 -23.84 37.20 -28.69
C LEU A 149 -24.06 36.99 -30.21
N ALA A 150 -24.22 38.08 -30.99
CA ALA A 150 -24.46 38.00 -32.43
C ALA A 150 -23.50 37.07 -33.20
N ASN A 151 -22.19 37.13 -32.94
CA ASN A 151 -21.22 36.31 -33.67
C ASN A 151 -20.78 35.03 -32.94
N ILE A 152 -21.53 34.61 -31.92
CA ILE A 152 -21.14 33.45 -31.12
C ILE A 152 -21.27 32.15 -31.90
N GLU A 153 -20.25 31.29 -31.80
CA GLU A 153 -20.19 30.01 -32.48
C GLU A 153 -20.30 28.85 -31.50
N ILE A 154 -19.79 29.00 -30.29
CA ILE A 154 -19.76 27.93 -29.29
C ILE A 154 -20.27 28.49 -27.97
N LEU A 155 -21.28 27.84 -27.40
CA LEU A 155 -21.92 28.32 -26.18
C LEU A 155 -22.16 27.14 -25.21
N TYR A 156 -21.44 27.11 -24.08
CA TYR A 156 -21.59 26.06 -23.07
C TYR A 156 -22.39 26.60 -21.90
N LEU A 157 -23.59 26.07 -21.67
CA LEU A 157 -24.45 26.52 -20.56
C LEU A 157 -24.83 25.42 -19.58
N GLY A 158 -24.23 24.23 -19.69
CA GLY A 158 -24.58 23.08 -18.86
C GLY A 158 -24.10 23.15 -17.43
N GLN A 159 -24.56 22.19 -16.61
CA GLN A 159 -24.17 22.06 -15.19
C GLN A 159 -24.61 23.25 -14.31
N ASN A 160 -25.63 23.99 -14.76
CA ASN A 160 -26.17 25.11 -13.99
C ASN A 160 -27.38 24.66 -13.12
N CYS A 161 -27.91 23.42 -13.30
CA CYS A 161 -29.01 22.92 -12.46
C CYS A 161 -29.07 21.39 -12.44
N TYR A 162 -28.28 20.77 -11.55
CA TYR A 162 -28.24 19.32 -11.39
C TYR A 162 -27.86 18.97 -9.92
N TYR A 163 -27.84 17.69 -9.52
CA TYR A 163 -27.63 17.32 -8.10
C TYR A 163 -26.34 17.91 -7.44
N ARG A 164 -25.25 18.11 -8.18
CA ARG A 164 -24.03 18.71 -7.60
C ARG A 164 -24.09 20.27 -7.60
N ASN A 165 -25.13 20.88 -8.19
CA ASN A 165 -25.30 22.33 -8.28
C ASN A 165 -26.80 22.63 -8.55
N PRO A 166 -27.66 22.37 -7.55
CA PRO A 166 -29.10 22.51 -7.79
C PRO A 166 -29.63 23.94 -7.90
N CYS A 167 -30.69 24.11 -8.70
CA CYS A 167 -31.40 25.38 -8.85
C CYS A 167 -32.84 25.31 -8.28
N TYR A 168 -33.34 24.10 -7.94
CA TYR A 168 -34.62 23.86 -7.28
C TYR A 168 -35.86 24.14 -8.15
N VAL A 169 -35.68 24.49 -9.43
CA VAL A 169 -36.78 24.71 -10.38
C VAL A 169 -36.40 24.10 -11.74
N SER A 170 -37.37 23.97 -12.65
CA SER A 170 -37.09 23.51 -13.99
C SER A 170 -36.34 24.64 -14.72
N TYR A 171 -35.46 24.27 -15.63
CA TYR A 171 -34.72 25.23 -16.44
C TYR A 171 -35.72 25.89 -17.41
N SER A 172 -35.59 27.21 -17.64
CA SER A 172 -36.49 27.90 -18.58
C SER A 172 -35.71 28.44 -19.73
N ILE A 173 -36.25 28.31 -20.95
CA ILE A 173 -35.64 28.86 -22.15
C ILE A 173 -36.77 29.55 -22.87
N GLU A 174 -36.63 30.84 -23.13
CA GLU A 174 -37.63 31.60 -23.85
C GLU A 174 -37.79 31.05 -25.28
N LYS A 175 -38.97 31.21 -25.89
CA LYS A 175 -39.20 30.72 -27.25
C LYS A 175 -38.27 31.46 -28.23
N ASP A 176 -37.59 30.70 -29.13
CA ASP A 176 -36.66 31.27 -30.12
C ASP A 176 -35.50 32.05 -29.47
N ALA A 177 -35.08 31.70 -28.23
CA ALA A 177 -33.97 32.39 -27.57
C ALA A 177 -32.68 32.40 -28.41
N PHE A 178 -32.31 31.23 -28.97
CA PHE A 178 -31.09 31.08 -29.77
C PHE A 178 -31.28 31.25 -31.29
N LEU A 179 -32.53 31.37 -31.78
CA LEU A 179 -32.83 31.40 -33.20
C LEU A 179 -32.02 32.43 -34.00
N ASN A 180 -31.82 33.65 -33.48
CA ASN A 180 -31.10 34.68 -34.24
C ASN A 180 -29.57 34.70 -33.96
N LEU A 181 -29.02 33.65 -33.32
CA LEU A 181 -27.57 33.52 -33.18
C LEU A 181 -27.21 32.81 -34.48
N THR A 182 -27.07 33.58 -35.57
CA THR A 182 -26.88 33.04 -36.91
C THR A 182 -25.57 32.32 -37.18
N LYS A 183 -24.58 32.41 -36.27
CA LYS A 183 -23.30 31.72 -36.44
C LYS A 183 -23.11 30.57 -35.43
N LEU A 184 -24.13 30.30 -34.55
CA LEU A 184 -24.03 29.27 -33.51
C LEU A 184 -23.86 27.87 -34.09
N LYS A 185 -22.76 27.19 -33.76
CA LYS A 185 -22.44 25.84 -34.21
C LYS A 185 -22.54 24.82 -33.08
N VAL A 186 -22.12 25.17 -31.85
CA VAL A 186 -22.16 24.23 -30.73
C VAL A 186 -23.01 24.80 -29.60
N LEU A 187 -24.00 24.05 -29.15
CA LEU A 187 -24.84 24.48 -28.03
C LEU A 187 -24.92 23.32 -27.07
N SER A 188 -24.55 23.56 -25.81
CA SER A 188 -24.60 22.52 -24.79
C SER A 188 -25.45 22.99 -23.62
N LEU A 189 -26.56 22.29 -23.38
CA LEU A 189 -27.51 22.55 -22.30
C LEU A 189 -27.64 21.29 -21.40
N LYS A 190 -26.55 20.50 -21.30
CA LYS A 190 -26.48 19.28 -20.49
C LYS A 190 -26.63 19.57 -19.00
N ASP A 191 -27.01 18.55 -18.18
CA ASP A 191 -27.06 18.65 -16.71
C ASP A 191 -27.73 19.98 -16.22
N ASN A 192 -28.86 20.35 -16.84
CA ASN A 192 -29.55 21.61 -16.55
C ASN A 192 -31.00 21.50 -16.09
N ASN A 193 -31.57 20.30 -15.97
CA ASN A 193 -32.96 20.14 -15.53
C ASN A 193 -33.92 20.72 -16.59
N VAL A 194 -33.58 20.55 -17.88
CA VAL A 194 -34.38 21.02 -19.02
C VAL A 194 -35.55 20.05 -19.24
N THR A 195 -36.77 20.57 -19.49
CA THR A 195 -37.97 19.73 -19.66
C THR A 195 -38.39 19.53 -21.12
N THR A 196 -38.02 20.43 -22.03
CA THR A 196 -38.37 20.28 -23.46
C THR A 196 -37.19 20.72 -24.33
N VAL A 197 -37.11 20.21 -25.57
CA VAL A 197 -36.07 20.65 -26.51
C VAL A 197 -36.35 22.12 -26.85
N PRO A 198 -35.41 23.06 -26.66
CA PRO A 198 -35.71 24.46 -27.01
C PRO A 198 -35.91 24.63 -28.51
N THR A 199 -36.96 25.34 -28.91
CA THR A 199 -37.22 25.60 -30.34
C THR A 199 -37.51 27.10 -30.52
N VAL A 200 -37.28 27.69 -31.72
CA VAL A 200 -36.61 27.08 -32.88
C VAL A 200 -35.11 27.33 -32.69
N LEU A 201 -34.27 26.32 -32.94
CA LEU A 201 -32.81 26.49 -32.83
C LEU A 201 -32.23 26.95 -34.18
N PRO A 202 -31.07 27.64 -34.21
CA PRO A 202 -30.55 28.10 -35.52
C PRO A 202 -30.06 26.92 -36.39
N SER A 203 -30.39 26.94 -37.69
CA SER A 203 -30.04 25.86 -38.63
C SER A 203 -28.52 25.65 -38.84
N THR A 204 -27.70 26.56 -38.34
CA THR A 204 -26.25 26.44 -38.44
C THR A 204 -25.63 25.48 -37.40
N LEU A 205 -26.43 24.95 -36.44
CA LEU A 205 -25.93 24.04 -35.42
C LEU A 205 -25.31 22.78 -35.99
N THR A 206 -24.09 22.46 -35.53
CA THR A 206 -23.37 21.23 -35.88
C THR A 206 -23.40 20.25 -34.69
N GLU A 207 -23.46 20.74 -33.44
CA GLU A 207 -23.45 19.88 -32.26
C GLU A 207 -24.46 20.37 -31.22
N LEU A 208 -25.32 19.47 -30.74
CA LEU A 208 -26.35 19.81 -29.76
C LEU A 208 -26.30 18.79 -28.63
N TYR A 209 -26.03 19.26 -27.40
CA TYR A 209 -25.93 18.39 -26.23
C TYR A 209 -27.07 18.74 -25.27
N LEU A 210 -28.00 17.80 -25.07
CA LEU A 210 -29.16 17.97 -24.20
C LEU A 210 -29.26 16.79 -23.23
N TYR A 211 -28.12 16.17 -22.89
CA TYR A 211 -28.12 14.99 -22.06
C TYR A 211 -28.21 15.32 -20.57
N ASN A 212 -28.63 14.31 -19.77
CA ASN A 212 -28.82 14.44 -18.32
C ASN A 212 -29.77 15.58 -17.99
N ASN A 213 -30.98 15.52 -18.55
CA ASN A 213 -32.04 16.53 -18.33
C ASN A 213 -33.36 15.78 -17.96
N MET A 214 -34.50 16.51 -17.94
CA MET A 214 -35.83 15.95 -17.67
C MET A 214 -36.72 16.07 -18.92
N ILE A 215 -36.17 15.74 -20.09
CA ILE A 215 -36.95 15.78 -21.33
C ILE A 215 -37.59 14.40 -21.43
N ALA A 216 -38.91 14.33 -21.29
CA ALA A 216 -39.63 13.06 -21.37
C ALA A 216 -40.09 12.74 -22.80
N GLU A 217 -40.16 13.75 -23.69
CA GLU A 217 -40.67 13.54 -25.01
C GLU A 217 -40.06 14.50 -26.03
N ILE A 218 -39.80 13.97 -27.21
CA ILE A 218 -39.29 14.74 -28.33
C ILE A 218 -40.49 14.98 -29.25
N GLN A 219 -40.71 16.21 -29.67
CA GLN A 219 -41.74 16.54 -30.65
C GLN A 219 -41.19 16.18 -32.05
N GLU A 220 -42.07 15.83 -33.00
CA GLU A 220 -41.63 15.44 -34.33
C GLU A 220 -40.91 16.54 -35.09
N ASP A 221 -41.11 17.81 -34.70
CA ASP A 221 -40.48 18.95 -35.37
C ASP A 221 -39.37 19.64 -34.53
N ASP A 222 -38.97 19.05 -33.39
CA ASP A 222 -37.91 19.65 -32.57
C ASP A 222 -36.59 19.87 -33.30
N PHE A 223 -36.23 19.00 -34.27
CA PHE A 223 -34.97 19.15 -35.02
C PHE A 223 -35.20 19.30 -36.53
N ASN A 224 -36.41 19.76 -36.97
CA ASN A 224 -36.78 19.90 -38.38
C ASN A 224 -35.90 20.78 -39.25
N ASN A 225 -35.29 21.81 -38.67
CA ASN A 225 -34.46 22.73 -39.46
C ASN A 225 -32.95 22.50 -39.29
N LEU A 226 -32.53 21.49 -38.53
CA LEU A 226 -31.12 21.26 -38.26
C LEU A 226 -30.46 20.37 -39.30
N ASN A 227 -30.47 20.83 -40.56
CA ASN A 227 -29.86 20.11 -41.68
C ASN A 227 -28.32 20.05 -41.65
N GLN A 228 -27.64 20.83 -40.78
CA GLN A 228 -26.17 20.79 -40.65
C GLN A 228 -25.69 20.02 -39.40
N LEU A 229 -26.61 19.48 -38.58
CA LEU A 229 -26.26 18.79 -37.34
C LEU A 229 -25.43 17.53 -37.59
N GLN A 230 -24.28 17.43 -36.92
CA GLN A 230 -23.37 16.30 -37.00
C GLN A 230 -23.40 15.49 -35.71
N ILE A 231 -23.58 16.14 -34.54
CA ILE A 231 -23.61 15.43 -33.26
C ILE A 231 -24.88 15.77 -32.51
N LEU A 232 -25.62 14.74 -32.07
CA LEU A 232 -26.82 14.93 -31.24
C LEU A 232 -26.71 13.98 -30.07
N ASP A 233 -26.82 14.52 -28.84
CA ASP A 233 -26.75 13.69 -27.63
C ASP A 233 -27.98 14.00 -26.76
N LEU A 234 -28.89 13.01 -26.64
CA LEU A 234 -30.09 13.11 -25.82
C LEU A 234 -30.05 12.11 -24.65
N SER A 235 -28.85 11.60 -24.28
CA SER A 235 -28.69 10.60 -23.21
C SER A 235 -29.17 11.07 -21.84
N GLY A 236 -29.53 10.14 -20.97
CA GLY A 236 -29.93 10.47 -19.62
C GLY A 236 -31.22 11.25 -19.48
N ASN A 237 -32.15 11.07 -20.42
CA ASN A 237 -33.48 11.66 -20.39
C ASN A 237 -34.37 10.41 -20.28
N CYS A 238 -34.99 10.20 -19.10
CA CYS A 238 -35.69 8.95 -18.77
C CYS A 238 -34.58 7.91 -18.56
N PRO A 239 -33.71 8.10 -17.54
CA PRO A 239 -32.59 7.18 -17.36
C PRO A 239 -32.94 5.82 -16.78
N ARG A 240 -32.05 4.85 -17.03
CA ARG A 240 -32.14 3.52 -16.48
C ARG A 240 -31.39 3.68 -15.15
N CYS A 241 -32.08 3.58 -14.01
CA CYS A 241 -31.47 3.91 -12.72
C CYS A 241 -30.97 2.73 -11.88
N TYR A 242 -31.03 1.48 -12.36
CA TYR A 242 -30.55 0.36 -11.55
C TYR A 242 -29.02 0.47 -11.37
N ASN A 243 -28.55 0.44 -10.11
CA ASN A 243 -27.13 0.58 -9.75
C ASN A 243 -26.50 1.89 -10.21
N ALA A 244 -27.29 2.98 -10.31
CA ALA A 244 -26.73 4.28 -10.71
C ALA A 244 -25.87 4.81 -9.55
N PRO A 245 -24.59 5.13 -9.77
CA PRO A 245 -23.77 5.66 -8.67
C PRO A 245 -24.03 7.15 -8.39
N PHE A 246 -25.08 7.76 -8.98
CA PHE A 246 -25.45 9.15 -8.74
C PHE A 246 -26.97 9.22 -8.54
N PRO A 247 -27.52 10.29 -7.91
CA PRO A 247 -28.98 10.39 -7.76
C PRO A 247 -29.67 10.32 -9.13
N CYS A 248 -30.60 9.38 -9.29
CA CYS A 248 -31.21 9.06 -10.56
C CYS A 248 -32.73 8.94 -10.40
N THR A 249 -33.49 9.74 -11.16
CA THR A 249 -34.95 9.72 -11.13
C THR A 249 -35.46 9.26 -12.51
N PRO A 250 -36.00 8.04 -12.61
CA PRO A 250 -36.51 7.58 -13.91
C PRO A 250 -37.84 8.21 -14.27
N CYS A 251 -38.20 8.13 -15.56
CA CYS A 251 -39.50 8.61 -16.01
C CYS A 251 -40.58 7.68 -15.43
N LYS A 252 -41.74 8.23 -15.08
CA LYS A 252 -42.82 7.45 -14.47
C LYS A 252 -43.26 6.30 -15.38
N ASN A 253 -43.84 5.25 -14.76
CA ASN A 253 -44.34 4.07 -15.47
C ASN A 253 -43.24 3.37 -16.29
N ASN A 254 -41.96 3.52 -15.88
CA ASN A 254 -40.82 2.97 -16.60
C ASN A 254 -40.83 3.30 -18.11
N SER A 255 -41.46 4.44 -18.50
CA SER A 255 -41.55 4.77 -19.91
C SER A 255 -40.21 5.26 -20.46
N PRO A 256 -39.96 4.99 -21.75
CA PRO A 256 -38.72 5.48 -22.36
C PRO A 256 -38.81 6.96 -22.69
N LEU A 257 -37.72 7.52 -23.23
CA LEU A 257 -37.75 8.85 -23.82
C LEU A 257 -38.58 8.64 -25.12
N GLN A 258 -39.70 9.36 -25.28
CA GLN A 258 -40.59 9.15 -26.43
C GLN A 258 -40.06 9.92 -27.63
N ILE A 259 -39.61 9.21 -28.67
CA ILE A 259 -39.07 9.83 -29.87
C ILE A 259 -39.93 9.45 -31.08
N PRO A 260 -40.65 10.39 -31.71
CA PRO A 260 -41.42 10.03 -32.92
C PRO A 260 -40.56 9.39 -33.99
N VAL A 261 -41.13 8.48 -34.76
CA VAL A 261 -40.39 7.75 -35.79
C VAL A 261 -39.75 8.68 -36.84
N ASN A 262 -40.30 9.89 -37.05
CA ASN A 262 -39.78 10.85 -38.04
C ASN A 262 -38.99 12.03 -37.39
N ALA A 263 -38.65 11.95 -36.10
CA ALA A 263 -37.91 13.02 -35.42
C ALA A 263 -36.53 13.36 -36.00
N PHE A 264 -35.86 12.41 -36.67
CA PHE A 264 -34.51 12.65 -37.20
C PHE A 264 -34.47 12.83 -38.72
N ASP A 265 -35.62 13.02 -39.39
CA ASP A 265 -35.66 13.12 -40.85
C ASP A 265 -34.85 14.24 -41.47
N ALA A 266 -34.77 15.40 -40.80
CA ALA A 266 -33.99 16.53 -41.32
C ALA A 266 -32.47 16.40 -41.09
N LEU A 267 -32.02 15.42 -40.30
CA LEU A 267 -30.61 15.30 -39.92
C LEU A 267 -29.79 14.48 -40.92
N THR A 268 -29.72 14.95 -42.17
CA THR A 268 -29.00 14.23 -43.21
C THR A 268 -27.49 14.19 -43.00
N GLU A 269 -26.94 15.14 -42.23
CA GLU A 269 -25.49 15.17 -41.97
C GLU A 269 -25.11 14.55 -40.62
N LEU A 270 -26.06 13.94 -39.88
CA LEU A 270 -25.75 13.37 -38.57
C LEU A 270 -24.70 12.27 -38.64
N LYS A 271 -23.63 12.41 -37.86
CA LYS A 271 -22.54 11.44 -37.77
C LYS A 271 -22.58 10.73 -36.40
N VAL A 272 -22.94 11.44 -35.33
CA VAL A 272 -22.98 10.87 -33.97
C VAL A 272 -24.36 11.03 -33.36
N LEU A 273 -24.95 9.93 -32.88
CA LEU A 273 -26.24 9.94 -32.20
C LEU A 273 -26.02 9.17 -30.89
N ARG A 274 -26.22 9.86 -29.77
CA ARG A 274 -26.02 9.24 -28.47
C ARG A 274 -27.35 9.17 -27.73
N LEU A 275 -27.83 7.93 -27.51
CA LEU A 275 -29.09 7.61 -26.85
C LEU A 275 -28.80 6.64 -25.72
N HIS A 276 -27.83 7.01 -24.87
CA HIS A 276 -27.42 6.24 -23.72
C HIS A 276 -28.38 6.53 -22.56
N SER A 277 -28.82 5.51 -21.83
CA SER A 277 -29.67 5.70 -20.66
C SER A 277 -30.93 6.52 -20.94
N ASN A 278 -31.73 6.02 -21.87
CA ASN A 278 -33.03 6.59 -22.24
C ASN A 278 -34.16 5.55 -22.00
N SER A 279 -33.87 4.39 -21.33
CA SER A 279 -34.85 3.34 -21.03
C SER A 279 -35.57 2.85 -22.27
N LEU A 280 -34.90 2.83 -23.42
CA LEU A 280 -35.49 2.39 -24.68
C LEU A 280 -35.72 0.88 -24.68
N GLN A 281 -36.87 0.44 -25.15
CA GLN A 281 -37.19 -0.97 -25.27
C GLN A 281 -37.12 -1.44 -26.72
N HIS A 282 -37.28 -0.53 -27.69
CA HIS A 282 -37.23 -0.81 -29.12
C HIS A 282 -36.46 0.33 -29.83
N VAL A 283 -35.88 0.01 -30.98
CA VAL A 283 -35.16 0.96 -31.81
C VAL A 283 -35.85 0.88 -33.17
N PRO A 284 -36.86 1.74 -33.43
CA PRO A 284 -37.59 1.59 -34.70
C PRO A 284 -36.72 1.84 -35.93
N PRO A 285 -36.69 0.91 -36.92
CA PRO A 285 -35.87 1.18 -38.12
C PRO A 285 -36.14 2.53 -38.79
N ARG A 286 -37.42 2.96 -38.76
CA ARG A 286 -37.84 4.23 -39.35
C ARG A 286 -37.05 5.44 -38.84
N TRP A 287 -36.41 5.36 -37.65
CA TRP A 287 -35.58 6.47 -37.15
C TRP A 287 -34.45 6.83 -38.11
N PHE A 288 -33.81 5.81 -38.75
CA PHE A 288 -32.64 5.99 -39.60
C PHE A 288 -32.94 6.01 -41.09
N LYS A 289 -34.19 6.31 -41.50
CA LYS A 289 -34.57 6.36 -42.91
C LYS A 289 -33.72 7.38 -43.69
N ASN A 290 -33.67 8.64 -43.23
CA ASN A 290 -32.89 9.69 -43.90
C ASN A 290 -31.49 9.90 -43.34
N ILE A 291 -31.05 9.06 -42.38
CA ILE A 291 -29.72 9.18 -41.80
C ILE A 291 -28.86 8.08 -42.45
N ASN A 292 -28.21 8.41 -43.54
CA ASN A 292 -27.38 7.46 -44.27
C ASN A 292 -25.92 7.50 -43.79
N ASN A 293 -25.43 8.68 -43.38
CA ASN A 293 -24.03 8.86 -43.00
C ASN A 293 -23.71 8.67 -41.50
N LEU A 294 -24.58 8.06 -40.70
CA LEU A 294 -24.31 7.91 -39.25
C LEU A 294 -23.10 7.01 -39.06
N GLN A 295 -22.12 7.47 -38.23
CA GLN A 295 -20.88 6.78 -37.95
C GLN A 295 -20.80 6.22 -36.53
N GLU A 296 -21.38 6.90 -35.54
CA GLU A 296 -21.33 6.46 -34.15
C GLU A 296 -22.74 6.40 -33.57
N LEU A 297 -23.10 5.28 -32.93
CA LEU A 297 -24.40 5.10 -32.30
C LEU A 297 -24.22 4.49 -30.91
N ASP A 298 -24.55 5.26 -29.85
CA ASP A 298 -24.48 4.75 -28.49
C ASP A 298 -25.91 4.45 -28.00
N LEU A 299 -26.21 3.17 -27.79
CA LEU A 299 -27.50 2.69 -27.26
C LEU A 299 -27.28 1.92 -25.94
N SER A 300 -26.25 2.28 -25.17
CA SER A 300 -25.97 1.62 -23.91
C SER A 300 -26.92 2.08 -22.81
N GLN A 301 -27.11 1.25 -21.77
CA GLN A 301 -27.95 1.58 -20.62
C GLN A 301 -29.41 1.81 -20.97
N ASN A 302 -29.96 0.94 -21.79
CA ASN A 302 -31.37 0.94 -22.14
C ASN A 302 -31.91 -0.48 -21.77
N PHE A 303 -33.09 -0.88 -22.28
CA PHE A 303 -33.66 -2.19 -22.03
C PHE A 303 -33.81 -2.85 -23.39
N LEU A 304 -32.70 -2.96 -24.14
CA LEU A 304 -32.67 -3.49 -25.49
C LEU A 304 -32.16 -4.94 -25.63
N ALA A 305 -32.20 -5.76 -24.57
CA ALA A 305 -31.73 -7.15 -24.66
C ALA A 305 -32.49 -7.96 -25.72
N LYS A 306 -33.84 -7.84 -25.74
CA LYS A 306 -34.68 -8.54 -26.72
C LYS A 306 -34.43 -7.96 -28.10
N GLU A 307 -34.35 -6.62 -28.20
CA GLU A 307 -34.09 -5.94 -29.47
C GLU A 307 -32.77 -6.38 -30.08
N ILE A 308 -31.73 -6.68 -29.28
CA ILE A 308 -30.44 -7.14 -29.84
C ILE A 308 -30.62 -8.39 -30.73
N GLY A 309 -31.59 -9.26 -30.38
CA GLY A 309 -31.89 -10.46 -31.16
C GLY A 309 -32.73 -10.24 -32.41
N ASP A 310 -33.18 -8.98 -32.66
CA ASP A 310 -34.00 -8.64 -33.82
C ASP A 310 -33.31 -7.50 -34.62
N ALA A 311 -33.16 -6.32 -34.00
CA ALA A 311 -32.41 -5.18 -34.50
C ALA A 311 -32.51 -4.92 -36.02
N LYS A 312 -33.74 -4.86 -36.55
CA LYS A 312 -33.96 -4.58 -37.97
C LYS A 312 -33.37 -3.22 -38.39
N PHE A 313 -33.24 -2.26 -37.44
CA PHE A 313 -32.66 -0.94 -37.73
C PHE A 313 -31.20 -1.00 -38.25
N LEU A 314 -30.46 -2.08 -37.96
CA LEU A 314 -29.07 -2.18 -38.41
C LEU A 314 -28.95 -2.25 -39.94
N HIS A 315 -30.03 -2.66 -40.65
CA HIS A 315 -30.03 -2.69 -42.13
C HIS A 315 -29.91 -1.30 -42.75
N PHE A 316 -30.24 -0.23 -41.98
CA PHE A 316 -30.17 1.15 -42.45
C PHE A 316 -28.89 1.87 -42.03
N LEU A 317 -27.86 1.13 -41.53
CA LEU A 317 -26.63 1.74 -41.05
C LEU A 317 -25.37 1.10 -41.68
N PRO A 318 -25.25 1.13 -43.04
CA PRO A 318 -24.07 0.51 -43.68
C PRO A 318 -22.76 1.26 -43.50
N ASN A 319 -22.81 2.54 -43.08
CA ASN A 319 -21.61 3.36 -42.85
C ASN A 319 -21.21 3.45 -41.36
N LEU A 320 -21.93 2.76 -40.46
CA LEU A 320 -21.64 2.85 -39.03
C LEU A 320 -20.28 2.28 -38.69
N ILE A 321 -19.48 3.03 -37.97
CA ILE A 321 -18.14 2.67 -37.54
C ILE A 321 -18.16 2.11 -36.12
N GLN A 322 -18.93 2.74 -35.22
CA GLN A 322 -18.94 2.39 -33.81
C GLN A 322 -20.35 2.17 -33.30
N LEU A 323 -20.62 0.99 -32.70
CA LEU A 323 -21.92 0.64 -32.14
C LEU A 323 -21.72 0.17 -30.70
N ASP A 324 -22.43 0.79 -29.75
CA ASP A 324 -22.35 0.42 -28.34
C ASP A 324 -23.74 0.01 -27.82
N LEU A 325 -23.90 -1.26 -27.44
CA LEU A 325 -25.14 -1.80 -26.89
C LEU A 325 -24.90 -2.40 -25.48
N SER A 326 -23.98 -1.79 -24.72
CA SER A 326 -23.62 -2.25 -23.38
C SER A 326 -24.69 -1.96 -22.33
N PHE A 327 -24.74 -2.79 -21.31
CA PHE A 327 -25.64 -2.65 -20.17
C PHE A 327 -27.11 -2.51 -20.56
N ASN A 328 -27.57 -3.46 -21.37
CA ASN A 328 -28.98 -3.59 -21.77
C ASN A 328 -29.62 -4.84 -21.14
N PHE A 329 -28.96 -5.48 -20.14
CA PHE A 329 -29.48 -6.69 -19.51
C PHE A 329 -30.86 -6.53 -18.93
N GLU A 330 -31.60 -7.63 -18.86
CA GLU A 330 -32.90 -7.65 -18.21
C GLU A 330 -32.62 -7.96 -16.74
N LEU A 331 -33.22 -7.22 -15.81
CA LEU A 331 -33.02 -7.46 -14.38
C LEU A 331 -33.41 -8.89 -13.98
N GLN A 332 -32.62 -9.52 -13.11
CA GLN A 332 -32.88 -10.86 -12.57
C GLN A 332 -32.98 -12.00 -13.63
N VAL A 333 -32.43 -11.83 -14.83
CA VAL A 333 -32.44 -12.87 -15.85
C VAL A 333 -30.97 -13.20 -16.19
N TYR A 334 -30.63 -14.50 -16.21
CA TYR A 334 -29.29 -14.95 -16.56
C TYR A 334 -29.45 -15.76 -17.86
N ARG A 335 -29.43 -15.09 -19.02
CA ARG A 335 -29.61 -15.77 -20.31
C ARG A 335 -28.55 -16.86 -20.52
N ALA A 336 -28.92 -17.96 -21.18
CA ALA A 336 -27.98 -19.03 -21.45
C ALA A 336 -26.95 -18.63 -22.53
N SER A 337 -27.35 -17.77 -23.47
CA SER A 337 -26.47 -17.38 -24.57
C SER A 337 -26.74 -15.96 -25.06
N MET A 338 -25.86 -15.43 -25.94
CA MET A 338 -26.04 -14.10 -26.52
C MET A 338 -26.74 -14.27 -27.87
N ASN A 339 -27.94 -13.71 -28.01
CA ASN A 339 -28.70 -13.79 -29.26
C ASN A 339 -28.46 -12.51 -30.07
N LEU A 340 -27.50 -12.56 -31.01
CA LEU A 340 -27.22 -11.46 -31.91
C LEU A 340 -28.00 -11.68 -33.18
N SER A 341 -28.78 -10.71 -33.60
CA SER A 341 -29.56 -10.81 -34.83
C SER A 341 -28.64 -10.97 -36.05
N GLN A 342 -29.13 -11.63 -37.10
CA GLN A 342 -28.39 -11.73 -38.35
C GLN A 342 -28.22 -10.32 -38.99
N ALA A 343 -29.07 -9.32 -38.60
CA ALA A 343 -28.96 -7.96 -39.11
C ALA A 343 -27.60 -7.33 -38.86
N PHE A 344 -26.85 -7.80 -37.83
CA PHE A 344 -25.49 -7.32 -37.57
C PHE A 344 -24.56 -7.53 -38.76
N SER A 345 -24.84 -8.55 -39.62
CA SER A 345 -24.04 -8.79 -40.82
C SER A 345 -24.16 -7.66 -41.88
N SER A 346 -25.18 -6.79 -41.78
CA SER A 346 -25.34 -5.69 -42.72
C SER A 346 -24.55 -4.42 -42.28
N LEU A 347 -23.74 -4.50 -41.19
CA LEU A 347 -22.94 -3.37 -40.72
C LEU A 347 -21.56 -3.43 -41.36
N LYS A 348 -21.53 -3.30 -42.70
CA LYS A 348 -20.31 -3.41 -43.51
C LYS A 348 -19.10 -2.57 -43.03
N SER A 349 -19.32 -1.33 -42.55
CA SER A 349 -18.23 -0.44 -42.14
C SER A 349 -17.80 -0.56 -40.67
N LEU A 350 -18.49 -1.37 -39.85
CA LEU A 350 -18.21 -1.44 -38.41
C LEU A 350 -16.76 -1.80 -38.04
N LYS A 351 -16.17 -1.00 -37.16
CA LYS A 351 -14.82 -1.18 -36.61
C LYS A 351 -14.90 -1.58 -35.13
N ILE A 352 -15.86 -1.02 -34.37
CA ILE A 352 -15.96 -1.30 -32.94
C ILE A 352 -17.37 -1.71 -32.55
N LEU A 353 -17.50 -2.83 -31.85
CA LEU A 353 -18.79 -3.32 -31.36
C LEU A 353 -18.63 -3.60 -29.87
N ARG A 354 -19.42 -2.93 -29.02
CA ARG A 354 -19.33 -3.16 -27.59
C ARG A 354 -20.66 -3.65 -27.05
N ILE A 355 -20.65 -4.79 -26.37
CA ILE A 355 -21.86 -5.34 -25.78
C ILE A 355 -21.49 -5.90 -24.42
N ARG A 356 -21.05 -5.02 -23.53
CA ARG A 356 -20.81 -5.39 -22.15
C ARG A 356 -22.19 -5.49 -21.48
N GLY A 357 -22.25 -6.04 -20.29
CA GLY A 357 -23.48 -6.09 -19.51
C GLY A 357 -24.76 -6.53 -20.21
N TYR A 358 -24.66 -7.54 -21.08
CA TYR A 358 -25.78 -8.26 -21.69
C TYR A 358 -26.17 -9.39 -20.70
N VAL A 359 -25.17 -10.05 -20.05
CA VAL A 359 -25.31 -11.09 -19.01
C VAL A 359 -25.83 -12.40 -19.60
N PHE A 360 -24.89 -13.31 -19.89
CA PHE A 360 -25.18 -14.61 -20.44
C PHE A 360 -24.15 -15.64 -19.95
N LYS A 361 -24.56 -16.91 -19.83
CA LYS A 361 -23.74 -17.98 -19.28
C LYS A 361 -22.68 -18.56 -20.18
N GLU A 362 -22.98 -18.77 -21.48
CA GLU A 362 -22.11 -19.46 -22.43
C GLU A 362 -21.92 -18.69 -23.73
N LEU A 363 -20.67 -18.52 -24.17
CA LEU A 363 -20.39 -17.91 -25.46
C LEU A 363 -20.01 -19.07 -26.39
N LYS A 364 -20.71 -19.22 -27.51
CA LYS A 364 -20.50 -20.26 -28.52
C LYS A 364 -20.13 -19.62 -29.84
N SER A 365 -19.37 -20.35 -30.67
CA SER A 365 -18.87 -19.85 -31.95
C SER A 365 -19.94 -19.33 -32.93
N PHE A 366 -21.05 -20.06 -33.08
CA PHE A 366 -22.10 -19.66 -34.01
C PHE A 366 -22.87 -18.41 -33.55
N GLN A 367 -22.82 -18.05 -32.25
CA GLN A 367 -23.47 -16.82 -31.78
C GLN A 367 -22.80 -15.56 -32.35
N LEU A 368 -21.52 -15.65 -32.77
CA LEU A 368 -20.80 -14.55 -33.39
C LEU A 368 -20.78 -14.68 -34.93
N SER A 369 -21.51 -15.65 -35.55
CA SER A 369 -21.52 -15.79 -37.01
C SER A 369 -22.08 -14.53 -37.74
N PRO A 370 -23.04 -13.75 -37.18
CA PRO A 370 -23.42 -12.50 -37.86
C PRO A 370 -22.25 -11.53 -38.05
N LEU A 371 -21.17 -11.67 -37.26
CA LEU A 371 -20.00 -10.80 -37.33
C LEU A 371 -18.85 -11.36 -38.20
N HIS A 372 -18.98 -12.59 -38.76
CA HIS A 372 -17.88 -13.24 -39.51
C HIS A 372 -17.36 -12.51 -40.76
N ASN A 373 -18.23 -11.93 -41.58
CA ASN A 373 -17.81 -11.24 -42.78
C ASN A 373 -17.80 -9.71 -42.64
N LEU A 374 -17.69 -9.18 -41.41
CA LEU A 374 -17.56 -7.73 -41.21
C LEU A 374 -16.05 -7.48 -41.33
N GLN A 375 -15.62 -7.10 -42.53
CA GLN A 375 -14.21 -6.98 -42.90
C GLN A 375 -13.43 -5.90 -42.15
N ASN A 376 -14.09 -4.83 -41.71
CA ASN A 376 -13.40 -3.75 -41.01
C ASN A 376 -13.46 -3.87 -39.47
N LEU A 377 -14.01 -4.98 -38.92
CA LEU A 377 -14.12 -5.16 -37.47
C LEU A 377 -12.72 -5.23 -36.81
N GLU A 378 -12.49 -4.39 -35.80
CA GLU A 378 -11.23 -4.25 -35.06
C GLU A 378 -11.38 -4.56 -33.57
N VAL A 379 -12.51 -4.19 -32.95
CA VAL A 379 -12.70 -4.39 -31.52
C VAL A 379 -14.02 -5.09 -31.30
N LEU A 380 -14.00 -6.21 -30.55
CA LEU A 380 -15.20 -6.90 -30.15
C LEU A 380 -15.11 -6.94 -28.62
N ASP A 381 -15.95 -6.17 -27.94
CA ASP A 381 -15.91 -6.08 -26.49
C ASP A 381 -17.11 -6.74 -25.85
N LEU A 382 -16.91 -7.90 -25.23
CA LEU A 382 -17.93 -8.63 -24.52
C LEU A 382 -17.54 -8.78 -23.03
N GLY A 383 -16.97 -7.72 -22.44
CA GLY A 383 -16.60 -7.73 -21.04
C GLY A 383 -17.80 -7.58 -20.12
N THR A 384 -17.64 -7.91 -18.82
CA THR A 384 -18.69 -7.74 -17.80
C THR A 384 -20.02 -8.38 -18.23
N ASN A 385 -19.97 -9.66 -18.58
CA ASN A 385 -21.16 -10.42 -19.01
C ASN A 385 -21.40 -11.66 -18.17
N PHE A 386 -20.56 -11.94 -17.12
CA PHE A 386 -20.67 -13.14 -16.29
C PHE A 386 -20.65 -14.41 -17.13
N ILE A 387 -19.85 -14.42 -18.21
CA ILE A 387 -19.71 -15.59 -19.06
C ILE A 387 -18.94 -16.63 -18.27
N LYS A 388 -19.46 -17.86 -18.20
CA LYS A 388 -18.81 -18.96 -17.50
C LYS A 388 -18.01 -19.84 -18.45
N ILE A 389 -18.51 -20.05 -19.68
CA ILE A 389 -17.91 -20.96 -20.64
C ILE A 389 -17.63 -20.27 -21.97
N ALA A 390 -16.44 -20.48 -22.52
CA ALA A 390 -16.09 -19.93 -23.83
C ALA A 390 -14.90 -20.69 -24.43
N ASN A 391 -15.11 -21.37 -25.58
CA ASN A 391 -14.01 -22.04 -26.26
C ASN A 391 -13.23 -20.93 -26.96
N LEU A 392 -12.04 -20.62 -26.46
CA LEU A 392 -11.21 -19.56 -27.03
C LEU A 392 -10.82 -19.82 -28.49
N SER A 393 -10.85 -21.09 -28.95
CA SER A 393 -10.54 -21.43 -30.33
C SER A 393 -11.51 -20.79 -31.33
N MET A 394 -12.72 -20.41 -30.90
CA MET A 394 -13.67 -19.74 -31.81
C MET A 394 -13.06 -18.47 -32.43
N PHE A 395 -12.14 -17.80 -31.73
CA PHE A 395 -11.53 -16.56 -32.22
C PHE A 395 -10.53 -16.78 -33.36
N LYS A 396 -10.38 -18.03 -33.87
CA LYS A 396 -9.58 -18.30 -35.07
C LYS A 396 -10.23 -17.62 -36.31
N GLN A 397 -11.57 -17.45 -36.30
CA GLN A 397 -12.30 -16.72 -37.36
C GLN A 397 -12.30 -15.19 -37.15
N PHE A 398 -11.51 -14.66 -36.18
CA PHE A 398 -11.44 -13.23 -35.90
C PHE A 398 -9.97 -12.74 -35.86
N LYS A 399 -9.10 -13.34 -36.71
CA LYS A 399 -7.67 -12.98 -36.80
C LYS A 399 -7.46 -11.52 -37.22
N ARG A 400 -8.39 -10.96 -38.00
CA ARG A 400 -8.30 -9.56 -38.46
C ARG A 400 -8.49 -8.55 -37.32
N LEU A 401 -9.15 -8.95 -36.21
CA LEU A 401 -9.40 -8.03 -35.10
C LEU A 401 -8.12 -7.60 -34.39
N LYS A 402 -8.13 -6.38 -33.88
CA LYS A 402 -7.04 -5.80 -33.11
C LYS A 402 -7.18 -6.18 -31.65
N VAL A 403 -8.42 -6.13 -31.08
CA VAL A 403 -8.67 -6.48 -29.68
C VAL A 403 -9.94 -7.31 -29.55
N ILE A 404 -9.87 -8.43 -28.82
CA ILE A 404 -11.00 -9.26 -28.44
C ILE A 404 -11.02 -9.10 -26.92
N ASP A 405 -12.00 -8.36 -26.40
CA ASP A 405 -12.04 -8.05 -24.98
C ASP A 405 -13.10 -8.86 -24.24
N LEU A 406 -12.64 -9.83 -23.43
CA LEU A 406 -13.51 -10.65 -22.57
C LEU A 406 -13.16 -10.39 -21.08
N SER A 407 -12.70 -9.17 -20.78
CA SER A 407 -12.30 -8.80 -19.43
C SER A 407 -13.50 -8.81 -18.48
N VAL A 408 -13.26 -9.18 -17.23
CA VAL A 408 -14.29 -9.17 -16.19
C VAL A 408 -15.42 -10.10 -16.53
N ASN A 409 -15.12 -11.37 -16.55
CA ASN A 409 -16.10 -12.42 -16.80
C ASN A 409 -15.74 -13.57 -15.83
N LYS A 410 -16.41 -14.72 -15.91
CA LYS A 410 -16.15 -15.85 -15.03
C LYS A 410 -15.66 -17.07 -15.83
N ILE A 411 -15.07 -16.87 -17.03
CA ILE A 411 -14.57 -17.97 -17.86
C ILE A 411 -13.58 -18.83 -17.07
N SER A 412 -13.73 -20.14 -17.17
CA SER A 412 -12.88 -21.09 -16.44
C SER A 412 -12.75 -22.38 -17.25
N PRO A 413 -11.70 -23.19 -17.05
CA PRO A 413 -11.60 -24.47 -17.79
C PRO A 413 -12.73 -25.43 -17.41
N LEU A 441 -14.59 3.85 -14.61
CA LEU A 441 -15.94 4.39 -14.64
C LEU A 441 -16.18 5.07 -15.99
N TYR A 442 -17.06 4.47 -16.81
CA TYR A 442 -17.35 4.95 -18.16
C TYR A 442 -18.87 4.86 -18.40
N TYR A 443 -19.43 3.64 -18.36
CA TYR A 443 -20.86 3.43 -18.57
C TYR A 443 -21.70 3.87 -17.40
N PHE A 444 -21.13 3.93 -16.18
CA PHE A 444 -21.91 4.29 -15.00
C PHE A 444 -21.58 5.68 -14.47
N ARG A 445 -20.65 6.45 -15.07
CA ARG A 445 -20.43 7.81 -14.59
C ARG A 445 -21.51 8.76 -15.13
N TYR A 446 -21.86 9.76 -14.31
CA TYR A 446 -22.93 10.69 -14.63
C TYR A 446 -22.71 11.44 -15.95
N ASP A 447 -21.54 12.03 -16.10
CA ASP A 447 -21.19 12.80 -17.29
C ASP A 447 -19.74 12.50 -17.62
N LYS A 448 -19.50 11.63 -18.60
CA LYS A 448 -18.15 11.26 -18.99
C LYS A 448 -17.38 12.40 -19.70
N TYR A 449 -18.08 13.45 -20.17
CA TYR A 449 -17.42 14.60 -20.79
C TYR A 449 -17.38 15.81 -19.82
N ALA A 450 -17.45 15.58 -18.50
CA ALA A 450 -17.43 16.67 -17.52
C ALA A 450 -16.04 17.30 -17.46
N ARG A 451 -16.00 18.62 -17.49
CA ARG A 451 -14.78 19.41 -17.48
C ARG A 451 -14.34 19.66 -16.03
N SER A 452 -13.06 19.44 -15.76
CA SER A 452 -12.49 19.72 -14.44
C SER A 452 -11.94 21.16 -14.45
N CYS A 453 -11.80 21.74 -13.27
CA CYS A 453 -11.24 23.09 -13.13
C CYS A 453 -9.77 23.08 -13.55
N SER A 468 -0.31 -0.81 -21.92
CA SER A 468 -1.22 -1.46 -22.86
C SER A 468 -0.42 -2.19 -23.94
N CYS A 469 -0.87 -3.41 -24.31
CA CYS A 469 -0.17 -4.22 -25.30
C CYS A 469 -0.82 -4.24 -26.69
N TYR A 470 -1.84 -3.39 -26.95
CA TYR A 470 -2.50 -3.36 -28.27
C TYR A 470 -1.53 -3.10 -29.40
N LYS A 471 -0.49 -2.28 -29.15
CA LYS A 471 0.52 -1.93 -30.14
C LYS A 471 1.28 -3.15 -30.68
N TYR A 472 1.33 -4.27 -29.92
CA TYR A 472 2.03 -5.49 -30.38
C TYR A 472 1.27 -6.26 -31.47
N GLY A 473 -0.04 -6.04 -31.60
CA GLY A 473 -0.88 -6.69 -32.61
C GLY A 473 -2.11 -7.33 -31.97
N GLN A 474 -2.63 -8.41 -32.58
CA GLN A 474 -3.84 -9.10 -32.10
C GLN A 474 -3.77 -9.43 -30.61
N THR A 475 -4.70 -8.83 -29.84
CA THR A 475 -4.77 -9.00 -28.38
C THR A 475 -6.03 -9.75 -28.00
N LEU A 476 -5.90 -10.70 -27.06
CA LEU A 476 -7.02 -11.42 -26.50
C LEU A 476 -6.97 -11.10 -25.03
N ASP A 477 -7.91 -10.29 -24.55
CA ASP A 477 -7.94 -9.88 -23.15
C ASP A 477 -8.87 -10.76 -22.34
N LEU A 478 -8.29 -11.69 -21.54
CA LEU A 478 -9.03 -12.57 -20.63
C LEU A 478 -8.79 -12.12 -19.18
N SER A 479 -8.39 -10.86 -18.94
CA SER A 479 -8.10 -10.42 -17.59
C SER A 479 -9.34 -10.44 -16.71
N LYS A 480 -9.14 -10.65 -15.40
CA LYS A 480 -10.20 -10.64 -14.40
C LYS A 480 -11.27 -11.65 -14.73
N ASN A 481 -10.82 -12.85 -14.97
CA ASN A 481 -11.66 -14.01 -15.26
C ASN A 481 -11.39 -15.10 -14.18
N SER A 482 -11.98 -16.30 -14.29
CA SER A 482 -11.81 -17.37 -13.29
C SER A 482 -10.98 -18.55 -13.82
N ILE A 483 -9.98 -18.29 -14.65
CA ILE A 483 -9.15 -19.35 -15.19
C ILE A 483 -8.19 -19.76 -14.08
N PHE A 484 -8.38 -20.97 -13.54
CA PHE A 484 -7.55 -21.47 -12.44
C PHE A 484 -6.46 -22.45 -12.92
N PHE A 485 -6.58 -22.97 -14.14
CA PHE A 485 -5.63 -23.89 -14.71
C PHE A 485 -5.60 -23.72 -16.22
N ILE A 486 -4.42 -23.80 -16.83
CA ILE A 486 -4.27 -23.66 -18.28
C ILE A 486 -3.55 -24.86 -18.87
N LYS A 487 -3.95 -25.23 -20.08
CA LYS A 487 -3.35 -26.32 -20.84
C LYS A 487 -3.23 -25.87 -22.30
N SER A 488 -2.29 -26.46 -23.06
CA SER A 488 -2.05 -26.09 -24.46
C SER A 488 -3.33 -26.05 -25.31
N SER A 489 -4.17 -27.09 -25.21
CA SER A 489 -5.40 -27.20 -25.99
C SER A 489 -6.36 -26.02 -25.81
N ASP A 490 -6.26 -25.28 -24.70
CA ASP A 490 -7.12 -24.12 -24.46
C ASP A 490 -6.85 -23.00 -25.48
N PHE A 491 -5.61 -22.92 -25.98
CA PHE A 491 -5.18 -21.90 -26.95
C PHE A 491 -5.00 -22.47 -28.36
N GLN A 492 -5.65 -23.58 -28.69
CA GLN A 492 -5.51 -24.18 -30.01
C GLN A 492 -6.15 -23.28 -31.06
N HIS A 493 -5.53 -23.20 -32.24
CA HIS A 493 -5.97 -22.35 -33.35
C HIS A 493 -5.80 -20.84 -33.09
N LEU A 494 -5.04 -20.46 -32.03
CA LEU A 494 -4.77 -19.06 -31.70
C LEU A 494 -3.29 -18.70 -31.85
N SER A 495 -2.57 -19.37 -32.75
CA SER A 495 -1.15 -19.08 -32.99
C SER A 495 -0.88 -17.67 -33.52
N PHE A 496 -1.91 -17.00 -34.06
CA PHE A 496 -1.77 -15.64 -34.56
C PHE A 496 -1.66 -14.57 -33.45
N LEU A 497 -2.10 -14.88 -32.21
CA LEU A 497 -2.08 -13.87 -31.15
C LEU A 497 -0.71 -13.28 -30.88
N LYS A 498 -0.67 -11.97 -30.66
CA LYS A 498 0.54 -11.24 -30.33
C LYS A 498 0.57 -10.84 -28.85
N CYS A 499 -0.62 -10.68 -28.20
CA CYS A 499 -0.68 -10.35 -26.79
C CYS A 499 -1.81 -11.12 -26.15
N LEU A 500 -1.55 -11.66 -24.97
CA LEU A 500 -2.56 -12.38 -24.22
C LEU A 500 -2.54 -11.80 -22.84
N ASN A 501 -3.67 -11.26 -22.38
CA ASN A 501 -3.75 -10.71 -21.04
C ASN A 501 -4.53 -11.68 -20.14
N LEU A 502 -3.80 -12.41 -19.28
CA LEU A 502 -4.36 -13.31 -18.28
C LEU A 502 -4.26 -12.66 -16.88
N SER A 503 -4.14 -11.34 -16.79
CA SER A 503 -4.01 -10.66 -15.52
C SER A 503 -5.24 -10.85 -14.67
N GLY A 504 -5.05 -11.09 -13.38
CA GLY A 504 -6.16 -11.18 -12.45
C GLY A 504 -7.02 -12.39 -12.64
N ASN A 505 -6.40 -13.54 -12.91
CA ASN A 505 -7.12 -14.79 -13.01
C ASN A 505 -6.78 -15.59 -11.72
N LEU A 506 -7.05 -16.89 -11.65
CA LEU A 506 -6.83 -17.66 -10.42
C LEU A 506 -5.79 -18.76 -10.67
N ILE A 507 -4.77 -18.49 -11.52
CA ILE A 507 -3.83 -19.52 -11.96
C ILE A 507 -2.78 -19.81 -10.91
N SER A 508 -2.91 -20.96 -10.22
N SER A 508 -2.91 -20.96 -10.22
CA SER A 508 -1.97 -21.44 -9.21
CA SER A 508 -1.99 -21.43 -9.21
C SER A 508 -1.39 -22.73 -9.76
C SER A 508 -1.41 -22.72 -9.78
N GLN A 509 -0.41 -22.57 -10.65
CA GLN A 509 0.19 -23.68 -11.39
C GLN A 509 1.71 -23.62 -11.40
N THR A 510 2.36 -24.79 -11.49
CA THR A 510 3.80 -24.96 -11.64
C THR A 510 4.02 -25.09 -13.15
N LEU A 511 4.07 -23.97 -13.87
CA LEU A 511 4.28 -23.98 -15.32
C LEU A 511 5.61 -24.68 -15.69
N ASN A 512 5.58 -25.56 -16.69
CA ASN A 512 6.76 -26.34 -17.12
C ASN A 512 7.16 -26.13 -18.58
N GLY A 513 6.61 -25.12 -19.25
CA GLY A 513 6.94 -24.84 -20.65
C GLY A 513 6.10 -25.59 -21.66
N SER A 514 4.90 -26.04 -21.29
CA SER A 514 4.01 -26.76 -22.20
C SER A 514 2.61 -26.13 -22.28
N GLU A 515 2.26 -25.21 -21.38
CA GLU A 515 0.92 -24.65 -21.29
C GLU A 515 0.51 -23.71 -22.42
N PHE A 516 1.46 -23.01 -23.03
CA PHE A 516 1.19 -22.05 -24.09
C PHE A 516 1.80 -22.48 -25.42
N GLN A 517 1.98 -23.79 -25.64
CA GLN A 517 2.64 -24.31 -26.84
C GLN A 517 2.07 -23.74 -28.15
N PRO A 518 0.74 -23.62 -28.35
CA PRO A 518 0.24 -23.11 -29.64
C PRO A 518 0.50 -21.63 -29.91
N LEU A 519 0.81 -20.82 -28.87
CA LEU A 519 0.99 -19.38 -29.03
C LEU A 519 2.40 -19.04 -29.55
N ALA A 520 2.69 -19.46 -30.78
CA ALA A 520 3.98 -19.30 -31.44
C ALA A 520 4.34 -17.85 -31.77
N GLU A 521 3.37 -16.98 -32.04
CA GLU A 521 3.67 -15.58 -32.38
C GLU A 521 3.59 -14.62 -31.21
N LEU A 522 3.23 -15.09 -30.00
CA LEU A 522 3.05 -14.20 -28.86
C LEU A 522 4.29 -13.38 -28.51
N ARG A 523 4.11 -12.06 -28.39
CA ARG A 523 5.15 -11.10 -28.04
C ARG A 523 4.95 -10.53 -26.62
N TYR A 524 3.71 -10.50 -26.11
CA TYR A 524 3.44 -9.92 -24.81
C TYR A 524 2.53 -10.84 -24.03
N LEU A 525 2.94 -11.23 -22.81
CA LEU A 525 2.10 -12.02 -21.93
C LEU A 525 1.97 -11.28 -20.62
N ASP A 526 0.75 -10.85 -20.29
CA ASP A 526 0.49 -10.25 -19.00
C ASP A 526 -0.06 -11.37 -18.13
N PHE A 527 0.77 -11.88 -17.21
CA PHE A 527 0.40 -12.92 -16.24
C PHE A 527 0.36 -12.32 -14.81
N SER A 528 0.18 -11.00 -14.67
CA SER A 528 0.15 -10.38 -13.36
C SER A 528 -1.11 -10.76 -12.57
N ASN A 529 -1.07 -10.60 -11.24
CA ASN A 529 -2.20 -10.91 -10.36
C ASN A 529 -2.71 -12.34 -10.54
N ASN A 530 -1.79 -13.31 -10.48
CA ASN A 530 -2.05 -14.76 -10.52
C ASN A 530 -1.23 -15.41 -9.36
N ARG A 531 -1.11 -16.74 -9.32
CA ARG A 531 -0.32 -17.43 -8.30
C ARG A 531 0.67 -18.36 -8.98
N LEU A 532 1.56 -17.79 -9.79
CA LEU A 532 2.62 -18.52 -10.47
C LEU A 532 3.50 -19.24 -9.45
N ASP A 533 3.82 -20.52 -9.69
CA ASP A 533 4.74 -21.26 -8.84
C ASP A 533 5.93 -21.61 -9.73
N LEU A 534 7.08 -20.91 -9.53
CA LEU A 534 8.30 -21.14 -10.30
C LEU A 534 9.09 -22.32 -9.71
N LEU A 535 8.51 -23.51 -9.74
CA LEU A 535 9.19 -24.73 -9.35
C LEU A 535 10.20 -25.09 -10.47
N HIS A 536 9.79 -24.92 -11.76
CA HIS A 536 10.61 -25.25 -12.94
C HIS A 536 11.20 -24.02 -13.59
N SER A 537 12.49 -24.08 -13.96
CA SER A 537 13.13 -22.99 -14.69
C SER A 537 12.74 -22.99 -16.20
N THR A 538 11.94 -23.98 -16.67
CA THR A 538 11.46 -24.06 -18.05
C THR A 538 10.13 -23.32 -18.24
N ALA A 539 9.58 -22.64 -17.21
CA ALA A 539 8.30 -21.94 -17.35
C ALA A 539 8.38 -20.86 -18.45
N PHE A 540 7.36 -20.78 -19.31
CA PHE A 540 7.30 -19.80 -20.40
C PHE A 540 8.29 -20.04 -21.58
N GLU A 541 9.15 -21.09 -21.55
CA GLU A 541 10.13 -21.29 -22.62
C GLU A 541 9.54 -21.60 -24.00
N GLU A 542 8.32 -22.15 -24.07
CA GLU A 542 7.64 -22.42 -25.33
C GLU A 542 7.20 -21.10 -26.04
N LEU A 543 7.18 -19.96 -25.32
CA LEU A 543 6.84 -18.68 -25.93
C LEU A 543 8.10 -18.11 -26.54
N ARG A 544 8.51 -18.69 -27.67
CA ARG A 544 9.77 -18.39 -28.34
C ARG A 544 9.91 -16.96 -28.87
N LYS A 545 8.81 -16.26 -29.15
CA LYS A 545 8.87 -14.87 -29.62
C LYS A 545 8.51 -13.85 -28.53
N LEU A 546 8.48 -14.26 -27.25
CA LEU A 546 8.10 -13.37 -26.15
C LEU A 546 9.10 -12.24 -25.93
N GLU A 547 8.61 -11.01 -26.00
CA GLU A 547 9.38 -9.79 -25.80
C GLU A 547 9.08 -9.18 -24.45
N VAL A 548 7.83 -9.28 -23.96
CA VAL A 548 7.49 -8.72 -22.64
C VAL A 548 6.74 -9.77 -21.81
N LEU A 549 7.17 -9.95 -20.54
CA LEU A 549 6.52 -10.87 -19.64
C LEU A 549 6.22 -10.10 -18.36
N ASP A 550 4.96 -10.08 -17.95
CA ASP A 550 4.59 -9.45 -16.69
C ASP A 550 4.19 -10.55 -15.73
N ILE A 551 4.96 -10.76 -14.66
CA ILE A 551 4.59 -11.71 -13.61
C ILE A 551 4.54 -10.97 -12.26
N SER A 552 4.12 -9.68 -12.28
CA SER A 552 3.98 -8.87 -11.08
C SER A 552 2.79 -9.34 -10.28
N SER A 553 2.79 -9.09 -8.98
CA SER A 553 1.68 -9.47 -8.11
C SER A 553 1.31 -10.94 -8.19
N ASN A 554 2.33 -11.80 -8.22
CA ASN A 554 2.22 -13.26 -8.09
C ASN A 554 2.95 -13.61 -6.76
N SER A 555 2.72 -12.82 -5.69
CA SER A 555 3.40 -12.97 -4.42
C SER A 555 3.07 -14.24 -3.64
N HIS A 556 1.89 -14.86 -3.88
CA HIS A 556 1.43 -16.03 -3.14
C HIS A 556 2.52 -17.07 -2.77
N TYR A 557 3.20 -17.66 -3.76
CA TYR A 557 4.21 -18.69 -3.49
C TYR A 557 5.54 -18.08 -2.97
N PHE A 558 5.81 -16.78 -3.22
CA PHE A 558 7.00 -16.13 -2.66
C PHE A 558 6.82 -15.80 -1.15
N GLN A 559 5.56 -15.69 -0.68
CA GLN A 559 5.28 -15.37 0.72
C GLN A 559 5.42 -16.58 1.68
N SER A 560 5.43 -17.84 1.18
CA SER A 560 5.53 -19.00 2.09
C SER A 560 6.96 -19.51 2.14
N GLU A 561 7.48 -19.71 3.36
CA GLU A 561 8.86 -20.10 3.55
C GLU A 561 9.19 -21.47 3.01
N GLY A 562 10.45 -21.63 2.63
CA GLY A 562 11.01 -22.92 2.24
C GLY A 562 10.46 -23.62 1.03
N ILE A 563 10.00 -22.89 0.02
CA ILE A 563 9.58 -23.50 -1.23
C ILE A 563 10.48 -22.98 -2.38
N THR A 564 10.62 -23.80 -3.41
CA THR A 564 11.51 -23.51 -4.54
C THR A 564 11.06 -22.35 -5.40
N HIS A 565 12.02 -21.51 -5.81
CA HIS A 565 11.77 -20.37 -6.72
C HIS A 565 12.92 -20.31 -7.69
N MET A 566 12.68 -20.72 -8.94
CA MET A 566 13.74 -20.71 -9.94
C MET A 566 13.75 -19.38 -10.70
N LEU A 567 14.40 -18.36 -10.13
CA LEU A 567 14.51 -17.07 -10.81
C LEU A 567 15.46 -17.11 -12.05
N ASN A 568 16.15 -18.26 -12.30
CA ASN A 568 17.01 -18.43 -13.49
C ASN A 568 16.19 -18.82 -14.74
N PHE A 569 14.84 -18.78 -14.68
CA PHE A 569 13.97 -19.15 -15.81
C PHE A 569 14.11 -18.24 -17.04
N THR A 570 14.71 -17.05 -16.88
CA THR A 570 14.87 -16.10 -17.98
C THR A 570 15.86 -16.56 -19.06
N LYS A 571 16.82 -17.44 -18.70
CA LYS A 571 17.85 -17.91 -19.64
C LYS A 571 17.30 -18.49 -20.93
N ASN A 572 16.14 -19.17 -20.87
CA ASN A 572 15.52 -19.81 -22.03
C ASN A 572 14.75 -18.86 -22.96
N LEU A 573 14.44 -17.65 -22.51
CA LEU A 573 13.67 -16.68 -23.31
C LEU A 573 14.65 -15.80 -24.09
N LYS A 574 14.93 -16.23 -25.33
CA LYS A 574 15.98 -15.66 -26.16
C LYS A 574 15.70 -14.27 -26.77
N VAL A 575 14.45 -13.81 -26.86
CA VAL A 575 14.18 -12.46 -27.37
C VAL A 575 13.42 -11.60 -26.36
N LEU A 576 13.47 -11.95 -25.05
CA LEU A 576 12.77 -11.20 -24.00
C LEU A 576 13.49 -9.88 -23.79
N GLN A 577 12.76 -8.75 -23.93
CA GLN A 577 13.29 -7.41 -23.75
C GLN A 577 12.96 -6.83 -22.41
N LYS A 578 11.78 -7.15 -21.85
CA LYS A 578 11.30 -6.55 -20.63
C LYS A 578 10.62 -7.60 -19.76
N LEU A 579 10.96 -7.58 -18.47
CA LEU A 579 10.43 -8.51 -17.49
C LEU A 579 9.96 -7.69 -16.30
N MET A 580 8.73 -7.89 -15.86
CA MET A 580 8.21 -7.19 -14.70
C MET A 580 7.89 -8.21 -13.66
N MET A 581 8.46 -8.04 -12.48
CA MET A 581 8.18 -8.93 -11.37
C MET A 581 8.06 -8.09 -10.09
N ASN A 582 7.23 -7.03 -10.22
CA ASN A 582 6.94 -6.10 -9.15
C ASN A 582 5.98 -6.73 -8.13
N ASP A 583 6.05 -6.28 -6.89
CA ASP A 583 5.13 -6.66 -5.82
C ASP A 583 4.96 -8.15 -5.64
N ASN A 584 6.08 -8.86 -5.68
CA ASN A 584 6.07 -10.30 -5.45
C ASN A 584 6.57 -10.67 -4.05
N ASP A 585 7.04 -9.69 -3.24
CA ASP A 585 7.50 -9.96 -1.89
C ASP A 585 8.66 -11.00 -1.89
N ILE A 586 9.49 -11.00 -2.94
CA ILE A 586 10.57 -11.98 -3.06
C ILE A 586 11.61 -11.70 -2.01
N SER A 587 11.82 -12.61 -1.07
CA SER A 587 12.85 -12.52 -0.03
C SER A 587 13.79 -13.74 -0.08
N SER A 588 13.63 -14.65 -1.05
CA SER A 588 14.43 -15.86 -1.16
C SER A 588 14.45 -16.36 -2.60
N SER A 589 15.46 -17.14 -2.97
CA SER A 589 15.57 -17.66 -4.33
C SER A 589 16.41 -18.92 -4.36
N THR A 590 16.00 -19.92 -5.13
CA THR A 590 16.78 -21.14 -5.27
C THR A 590 17.99 -20.86 -6.20
N SER A 591 17.82 -19.99 -7.20
CA SER A 591 18.92 -19.62 -8.08
C SER A 591 19.61 -18.38 -7.54
N ARG A 592 20.93 -18.35 -7.64
CA ARG A 592 21.72 -17.20 -7.21
C ARG A 592 21.90 -16.15 -8.31
N THR A 593 21.65 -16.52 -9.59
CA THR A 593 21.81 -15.63 -10.72
C THR A 593 20.66 -15.75 -11.71
N MET A 594 20.18 -14.61 -12.18
CA MET A 594 19.23 -14.55 -13.28
C MET A 594 20.12 -14.31 -14.50
N GLU A 595 19.83 -14.99 -15.62
CA GLU A 595 20.64 -14.83 -16.83
C GLU A 595 19.79 -14.52 -18.03
N SER A 596 20.34 -13.72 -18.93
CA SER A 596 19.68 -13.34 -20.17
C SER A 596 20.64 -12.64 -21.08
N GLU A 597 20.66 -13.05 -22.35
CA GLU A 597 21.44 -12.37 -23.37
C GLU A 597 20.63 -11.24 -24.04
N SER A 598 19.31 -11.12 -23.79
CA SER A 598 18.48 -10.14 -24.47
C SER A 598 17.78 -9.12 -23.59
N LEU A 599 17.52 -9.44 -22.32
CA LEU A 599 16.75 -8.55 -21.45
C LEU A 599 17.39 -7.17 -21.30
N ARG A 600 16.58 -6.12 -21.54
CA ARG A 600 16.99 -4.73 -21.42
C ARG A 600 16.37 -4.05 -20.19
N THR A 601 15.17 -4.48 -19.78
CA THR A 601 14.47 -3.85 -18.67
C THR A 601 14.00 -4.87 -17.68
N LEU A 602 14.32 -4.67 -16.40
CA LEU A 602 13.85 -5.53 -15.32
C LEU A 602 13.19 -4.65 -14.28
N GLU A 603 11.90 -4.89 -13.98
CA GLU A 603 11.24 -4.16 -12.90
C GLU A 603 11.13 -5.15 -11.73
N PHE A 604 11.79 -4.84 -10.61
CA PHE A 604 11.82 -5.70 -9.43
C PHE A 604 11.41 -4.90 -8.18
N ARG A 605 10.49 -3.97 -8.34
CA ARG A 605 10.05 -3.11 -7.24
C ARG A 605 9.06 -3.88 -6.33
N GLY A 606 8.97 -3.54 -5.05
CA GLY A 606 8.03 -4.21 -4.14
C GLY A 606 8.43 -5.63 -3.77
N ASN A 607 9.72 -5.87 -3.62
CA ASN A 607 10.24 -7.17 -3.22
C ASN A 607 11.09 -6.97 -1.95
N HIS A 608 11.85 -7.97 -1.52
CA HIS A 608 12.66 -7.89 -0.32
C HIS A 608 14.10 -8.20 -0.60
N LEU A 609 14.73 -7.36 -1.41
CA LEU A 609 16.17 -7.48 -1.64
C LEU A 609 16.93 -7.20 -0.34
N ASP A 610 16.34 -6.47 0.64
CA ASP A 610 16.97 -6.27 1.94
C ASP A 610 17.22 -7.63 2.62
N VAL A 611 16.32 -8.61 2.46
CA VAL A 611 16.45 -9.94 3.02
C VAL A 611 17.42 -10.77 2.18
N LEU A 612 17.26 -10.79 0.83
CA LEU A 612 18.19 -11.53 -0.03
C LEU A 612 19.64 -11.07 0.16
N TRP A 613 19.85 -9.77 0.31
CA TRP A 613 21.17 -9.18 0.49
C TRP A 613 21.43 -8.90 1.98
N ARG A 614 20.95 -9.77 2.90
CA ARG A 614 21.18 -9.65 4.35
C ARG A 614 22.70 -9.60 4.59
N ASP A 615 23.18 -8.62 5.39
CA ASP A 615 24.63 -8.46 5.57
C ASP A 615 25.27 -9.74 6.13
N GLY A 616 26.35 -10.18 5.49
CA GLY A 616 26.99 -11.45 5.79
C GLY A 616 26.63 -12.56 4.82
N ASP A 617 25.52 -12.40 4.05
CA ASP A 617 25.11 -13.35 3.03
C ASP A 617 25.46 -12.75 1.64
N ASN A 618 26.51 -13.26 1.02
CA ASN A 618 27.00 -12.80 -0.29
C ASN A 618 26.42 -13.56 -1.49
N ARG A 619 25.66 -14.63 -1.24
CA ARG A 619 25.15 -15.53 -2.29
C ARG A 619 24.35 -14.87 -3.43
N TYR A 620 23.60 -13.78 -3.16
CA TYR A 620 22.77 -13.12 -4.20
C TYR A 620 23.27 -11.75 -4.64
N LEU A 621 24.52 -11.38 -4.32
CA LEU A 621 25.07 -10.08 -4.73
C LEU A 621 25.34 -9.97 -6.24
N GLN A 622 25.28 -11.08 -7.00
CA GLN A 622 25.40 -11.08 -8.46
C GLN A 622 24.07 -11.56 -9.10
N LEU A 623 22.91 -11.36 -8.42
CA LEU A 623 21.61 -11.82 -8.92
C LEU A 623 21.30 -11.28 -10.31
N PHE A 624 21.68 -10.03 -10.60
CA PHE A 624 21.40 -9.40 -11.90
C PHE A 624 22.66 -9.26 -12.79
N LYS A 625 23.86 -9.66 -12.31
CA LYS A 625 25.11 -9.48 -13.04
C LYS A 625 25.12 -10.07 -14.44
N ASN A 626 24.53 -11.25 -14.61
CA ASN A 626 24.55 -11.94 -15.90
C ASN A 626 23.36 -11.59 -16.80
N LEU A 627 22.69 -10.46 -16.53
CA LEU A 627 21.66 -9.93 -17.42
C LEU A 627 22.52 -8.94 -18.22
N LEU A 628 23.34 -9.47 -19.11
CA LEU A 628 24.37 -8.74 -19.84
C LEU A 628 23.92 -7.52 -20.63
N LYS A 629 22.70 -7.53 -21.20
CA LYS A 629 22.21 -6.39 -21.95
C LYS A 629 21.30 -5.47 -21.13
N LEU A 630 21.19 -5.67 -19.80
CA LEU A 630 20.27 -4.90 -18.99
C LEU A 630 20.67 -3.43 -18.95
N GLU A 631 19.71 -2.55 -19.21
CA GLU A 631 19.94 -1.11 -19.18
C GLU A 631 19.08 -0.42 -18.12
N GLU A 632 17.93 -0.96 -17.78
CA GLU A 632 17.04 -0.34 -16.81
C GLU A 632 16.75 -1.34 -15.72
N LEU A 633 17.01 -0.95 -14.47
CA LEU A 633 16.72 -1.78 -13.32
C LEU A 633 16.00 -0.93 -12.30
N ASP A 634 14.78 -1.35 -11.92
CA ASP A 634 14.00 -0.68 -10.89
C ASP A 634 13.98 -1.56 -9.64
N ILE A 635 14.77 -1.20 -8.63
CA ILE A 635 14.79 -1.90 -7.34
C ILE A 635 14.35 -0.94 -6.23
N SER A 636 13.35 -0.11 -6.54
CA SER A 636 12.73 0.76 -5.55
C SER A 636 11.80 -0.10 -4.68
N LYS A 637 11.40 0.41 -3.50
CA LYS A 637 10.49 -0.30 -2.58
C LYS A 637 10.97 -1.71 -2.26
N ASN A 638 12.21 -1.84 -1.88
CA ASN A 638 12.78 -3.13 -1.49
C ASN A 638 13.33 -3.09 -0.05
N SER A 639 12.91 -2.07 0.78
CA SER A 639 13.33 -1.93 2.18
C SER A 639 14.84 -1.87 2.35
N LEU A 640 15.55 -1.36 1.35
CA LEU A 640 17.00 -1.27 1.41
C LEU A 640 17.38 -0.04 2.24
N SER A 641 17.47 -0.18 3.55
CA SER A 641 17.91 0.94 4.41
C SER A 641 19.42 1.24 4.20
N PHE A 642 20.18 0.29 3.66
CA PHE A 642 21.58 0.41 3.27
C PHE A 642 21.82 -0.57 2.11
N LEU A 643 22.93 -0.38 1.38
CA LEU A 643 23.31 -1.28 0.30
C LEU A 643 24.59 -1.99 0.73
N PRO A 644 24.63 -3.33 0.92
CA PRO A 644 25.90 -3.96 1.29
C PRO A 644 26.96 -3.78 0.21
N SER A 645 28.25 -3.91 0.59
CA SER A 645 29.32 -3.81 -0.40
C SER A 645 29.23 -5.05 -1.31
N GLY A 646 29.32 -4.81 -2.62
CA GLY A 646 29.18 -5.86 -3.62
C GLY A 646 27.96 -5.69 -4.50
N VAL A 647 26.98 -4.86 -4.08
CA VAL A 647 25.78 -4.61 -4.89
C VAL A 647 26.14 -3.89 -6.21
N PHE A 648 26.98 -2.85 -6.15
CA PHE A 648 27.36 -2.09 -7.35
C PHE A 648 28.28 -2.90 -8.25
N ASP A 649 29.28 -3.57 -7.66
CA ASP A 649 30.16 -4.43 -8.44
C ASP A 649 29.35 -5.60 -9.10
N GLY A 650 28.28 -6.06 -8.43
CA GLY A 650 27.40 -7.10 -8.94
C GLY A 650 26.40 -6.66 -10.01
N MET A 651 26.33 -5.37 -10.35
CA MET A 651 25.38 -4.90 -11.36
C MET A 651 25.86 -5.28 -12.77
N PRO A 652 24.93 -5.50 -13.73
CA PRO A 652 25.37 -5.81 -15.10
C PRO A 652 26.08 -4.61 -15.75
N PRO A 653 26.95 -4.86 -16.75
CA PRO A 653 27.83 -3.79 -17.24
C PRO A 653 27.21 -2.60 -17.98
N ASN A 654 26.08 -2.77 -18.68
CA ASN A 654 25.47 -1.69 -19.45
C ASN A 654 24.32 -1.01 -18.73
N LEU A 655 24.23 -1.14 -17.39
CA LEU A 655 23.17 -0.52 -16.62
C LEU A 655 23.24 1.03 -16.77
N LYS A 656 22.15 1.63 -17.27
CA LYS A 656 21.99 3.05 -17.55
C LYS A 656 21.01 3.74 -16.58
N ASN A 657 19.87 3.11 -16.29
CA ASN A 657 18.84 3.70 -15.41
C ASN A 657 18.64 2.84 -14.20
N LEU A 658 19.01 3.35 -13.03
CA LEU A 658 18.86 2.60 -11.80
C LEU A 658 17.95 3.37 -10.89
N SER A 659 16.89 2.73 -10.38
CA SER A 659 16.05 3.35 -9.38
C SER A 659 16.19 2.58 -8.07
N LEU A 660 16.54 3.32 -7.02
CA LEU A 660 16.62 2.90 -5.64
C LEU A 660 15.66 3.78 -4.80
N ALA A 661 14.56 4.28 -5.43
CA ALA A 661 13.58 5.14 -4.77
C ALA A 661 12.81 4.40 -3.67
N LYS A 662 12.22 5.14 -2.73
CA LYS A 662 11.34 4.60 -1.71
C LYS A 662 11.89 3.37 -0.99
N ASN A 663 13.14 3.45 -0.55
CA ASN A 663 13.77 2.33 0.15
C ASN A 663 14.07 2.60 1.62
N GLY A 664 13.93 3.84 2.08
CA GLY A 664 14.34 4.18 3.44
C GLY A 664 15.85 4.16 3.56
N LEU A 665 16.58 4.42 2.45
CA LEU A 665 18.05 4.42 2.44
C LEU A 665 18.55 5.52 3.36
N LYS A 666 19.32 5.16 4.40
CA LYS A 666 19.84 6.13 5.38
C LYS A 666 21.28 6.54 5.09
N SER A 667 22.00 5.80 4.23
CA SER A 667 23.38 6.12 3.85
C SER A 667 23.64 5.55 2.45
N PHE A 668 24.65 6.09 1.80
CA PHE A 668 24.97 5.68 0.44
C PHE A 668 26.46 5.97 0.17
N ILE A 669 27.26 4.96 -0.16
CA ILE A 669 28.66 5.15 -0.49
C ILE A 669 28.71 5.59 -1.97
N TRP A 670 28.64 6.91 -2.19
CA TRP A 670 28.67 7.53 -3.53
C TRP A 670 29.83 7.11 -4.41
N GLU A 671 30.96 6.79 -3.81
CA GLU A 671 32.14 6.36 -4.57
C GLU A 671 31.90 5.06 -5.32
N LYS A 672 31.00 4.19 -4.83
CA LYS A 672 30.70 2.92 -5.49
C LYS A 672 30.05 3.11 -6.87
N LEU A 673 29.52 4.31 -7.20
CA LEU A 673 28.97 4.56 -8.54
C LEU A 673 30.04 4.42 -9.64
N ARG A 674 31.34 4.46 -9.28
CA ARG A 674 32.44 4.25 -10.23
C ARG A 674 32.32 2.89 -10.93
N TYR A 675 31.73 1.89 -10.26
CA TYR A 675 31.52 0.57 -10.86
C TYR A 675 30.55 0.63 -12.02
N LEU A 676 29.50 1.48 -11.93
CA LEU A 676 28.49 1.59 -12.98
C LEU A 676 28.94 2.56 -14.06
N LYS A 677 29.79 2.09 -14.95
CA LYS A 677 30.43 2.92 -15.98
C LYS A 677 29.50 3.42 -17.09
N ASN A 678 28.28 2.91 -17.18
CA ASN A 678 27.30 3.39 -18.15
C ASN A 678 26.08 4.03 -17.47
N LEU A 679 26.13 4.31 -16.14
CA LEU A 679 25.01 4.90 -15.45
C LEU A 679 24.74 6.30 -15.98
N GLU A 680 23.50 6.56 -16.36
CA GLU A 680 23.08 7.85 -16.85
C GLU A 680 21.99 8.44 -15.94
N THR A 681 21.07 7.61 -15.41
CA THR A 681 20.00 8.08 -14.54
C THR A 681 20.07 7.34 -13.22
N LEU A 682 20.07 8.08 -12.11
CA LEU A 682 20.10 7.52 -10.78
C LEU A 682 18.94 8.14 -10.00
N ASP A 683 17.94 7.32 -9.63
CA ASP A 683 16.81 7.79 -8.85
C ASP A 683 16.95 7.33 -7.39
N LEU A 684 17.25 8.29 -6.51
CA LEU A 684 17.35 8.07 -5.07
C LEU A 684 16.24 8.84 -4.34
N SER A 685 15.09 9.10 -5.00
CA SER A 685 14.00 9.86 -4.38
C SER A 685 13.31 9.11 -3.27
N HIS A 686 12.75 9.85 -2.30
CA HIS A 686 11.98 9.30 -1.19
C HIS A 686 12.80 8.33 -0.38
N ASN A 687 13.90 8.82 0.14
CA ASN A 687 14.78 8.05 1.00
C ASN A 687 15.13 8.93 2.26
N GLN A 688 16.14 8.56 3.03
CA GLN A 688 16.54 9.31 4.21
C GLN A 688 18.01 9.75 4.10
N LEU A 689 18.48 10.11 2.90
CA LEU A 689 19.86 10.53 2.70
C LEU A 689 20.08 11.91 3.29
N THR A 690 21.22 12.13 3.92
CA THR A 690 21.54 13.41 4.57
C THR A 690 22.67 14.16 3.86
N THR A 691 23.44 13.51 2.97
CA THR A 691 24.56 14.14 2.31
C THR A 691 24.59 13.86 0.81
N VAL A 692 25.33 14.70 0.08
CA VAL A 692 25.61 14.56 -1.35
C VAL A 692 27.12 14.25 -1.45
N PRO A 693 27.65 13.68 -2.56
CA PRO A 693 29.11 13.43 -2.60
C PRO A 693 29.92 14.72 -2.59
N GLU A 694 31.19 14.64 -2.10
CA GLU A 694 32.10 15.80 -2.07
C GLU A 694 32.30 16.37 -3.47
N ARG A 695 32.45 15.48 -4.45
CA ARG A 695 32.58 15.85 -5.86
C ARG A 695 31.88 14.78 -6.66
N LEU A 696 30.68 15.07 -7.14
CA LEU A 696 29.91 14.12 -7.94
C LEU A 696 30.73 13.58 -9.16
N SER A 697 31.48 14.46 -9.86
CA SER A 697 32.28 14.04 -11.00
C SER A 697 33.33 12.94 -10.64
N ASN A 698 33.84 12.93 -9.40
CA ASN A 698 34.80 11.92 -8.97
C ASN A 698 34.12 10.54 -8.66
N CYS A 699 32.79 10.46 -8.66
CA CYS A 699 32.01 9.25 -8.41
C CYS A 699 31.49 8.64 -9.69
N SER A 700 31.17 9.46 -10.67
CA SER A 700 30.61 9.00 -11.92
C SER A 700 30.99 9.95 -13.01
N ARG A 701 31.70 9.47 -14.03
CA ARG A 701 32.03 10.27 -15.20
C ARG A 701 30.83 10.32 -16.19
N SER A 702 29.82 9.43 -16.04
CA SER A 702 28.72 9.28 -16.99
C SER A 702 27.37 9.85 -16.55
N LEU A 703 27.12 10.00 -15.24
CA LEU A 703 25.83 10.43 -14.74
C LEU A 703 25.29 11.72 -15.38
N LYS A 704 24.06 11.68 -15.90
CA LYS A 704 23.39 12.81 -16.53
C LYS A 704 22.20 13.30 -15.69
N ASN A 705 21.43 12.37 -15.08
CA ASN A 705 20.21 12.70 -14.35
C ASN A 705 20.31 12.16 -12.94
N LEU A 706 20.31 13.07 -11.97
CA LEU A 706 20.41 12.72 -10.57
C LEU A 706 19.18 13.22 -9.83
N ILE A 707 18.37 12.28 -9.27
CA ILE A 707 17.13 12.62 -8.59
C ILE A 707 17.29 12.33 -7.10
N LEU A 708 17.30 13.39 -6.29
CA LEU A 708 17.46 13.33 -4.85
C LEU A 708 16.28 13.96 -4.12
N LYS A 709 15.12 14.14 -4.79
CA LYS A 709 13.97 14.73 -4.14
C LYS A 709 13.50 13.89 -2.96
N ASN A 710 12.90 14.56 -1.95
CA ASN A 710 12.33 13.90 -0.79
C ASN A 710 13.34 13.08 -0.01
N ASN A 711 14.37 13.77 0.47
CA ASN A 711 15.42 13.20 1.33
C ASN A 711 15.62 14.19 2.52
N GLN A 712 16.65 13.99 3.34
CA GLN A 712 16.93 14.82 4.51
C GLN A 712 18.20 15.67 4.32
N ILE A 713 18.54 16.04 3.09
CA ILE A 713 19.76 16.79 2.82
C ILE A 713 19.63 18.20 3.38
N ARG A 714 20.54 18.60 4.27
CA ARG A 714 20.53 19.91 4.91
C ARG A 714 21.56 20.87 4.34
N SER A 715 22.56 20.37 3.62
CA SER A 715 23.58 21.22 2.99
C SER A 715 24.26 20.47 1.86
N LEU A 716 24.82 21.22 0.90
CA LEU A 716 25.57 20.64 -0.21
C LEU A 716 27.04 20.74 0.11
N THR A 717 27.84 19.82 -0.44
CA THR A 717 29.29 19.85 -0.22
C THR A 717 29.91 21.07 -0.91
N LYS A 718 31.08 21.50 -0.44
CA LYS A 718 31.75 22.68 -0.96
C LYS A 718 31.89 22.70 -2.51
N TYR A 719 32.31 21.58 -3.11
CA TYR A 719 32.53 21.52 -4.56
C TYR A 719 31.66 20.45 -5.23
N PHE A 720 30.44 20.21 -4.68
CA PHE A 720 29.47 19.22 -5.16
C PHE A 720 29.49 18.96 -6.69
N LEU A 721 29.15 19.98 -7.51
CA LEU A 721 29.04 19.82 -8.95
C LEU A 721 30.25 20.26 -9.75
N GLN A 722 31.41 20.44 -9.10
CA GLN A 722 32.63 20.86 -9.78
C GLN A 722 33.05 19.84 -10.88
N ASP A 723 33.11 20.31 -12.15
CA ASP A 723 33.50 19.51 -13.31
C ASP A 723 32.56 18.35 -13.63
N ALA A 724 31.28 18.43 -13.20
CA ALA A 724 30.30 17.38 -13.51
C ALA A 724 29.75 17.70 -14.91
N PHE A 725 30.63 17.63 -15.92
CA PHE A 725 30.35 17.99 -17.31
C PHE A 725 29.20 17.22 -17.98
N GLN A 726 28.93 15.97 -17.56
CA GLN A 726 27.85 15.18 -18.14
C GLN A 726 26.48 15.48 -17.52
N LEU A 727 26.43 16.11 -16.33
CA LEU A 727 25.15 16.41 -15.67
C LEU A 727 24.24 17.30 -16.52
N ARG A 728 22.97 16.89 -16.65
CA ARG A 728 21.93 17.60 -17.39
C ARG A 728 20.67 17.83 -16.59
N TYR A 729 20.43 17.07 -15.50
CA TYR A 729 19.19 17.20 -14.74
C TYR A 729 19.46 16.86 -13.27
N LEU A 730 19.12 17.78 -12.37
CA LEU A 730 19.36 17.60 -10.95
C LEU A 730 18.10 18.02 -10.16
N ASP A 731 17.57 17.09 -9.34
CA ASP A 731 16.41 17.35 -8.52
C ASP A 731 16.81 17.26 -7.05
N LEU A 732 16.85 18.43 -6.39
CA LEU A 732 17.15 18.57 -4.97
C LEU A 732 15.91 19.06 -4.19
N SER A 733 14.71 18.95 -4.78
CA SER A 733 13.49 19.44 -4.16
C SER A 733 13.06 18.58 -2.97
N SER A 734 12.28 19.17 -2.07
CA SER A 734 11.78 18.50 -0.86
C SER A 734 12.89 17.88 -0.04
N ASN A 735 13.88 18.69 0.27
CA ASN A 735 14.98 18.39 1.16
C ASN A 735 14.94 19.50 2.25
N LYS A 736 16.01 19.67 3.04
CA LYS A 736 16.05 20.66 4.09
C LYS A 736 17.25 21.57 3.92
N ILE A 737 17.59 21.91 2.66
CA ILE A 737 18.75 22.75 2.38
C ILE A 737 18.47 24.18 2.84
N GLN A 738 19.40 24.77 3.59
CA GLN A 738 19.28 26.15 4.07
C GLN A 738 20.06 27.11 3.19
N MET A 739 21.30 26.73 2.80
CA MET A 739 22.22 27.57 2.05
C MET A 739 22.85 26.84 0.86
N ILE A 740 23.13 27.58 -0.22
CA ILE A 740 23.84 27.07 -1.39
C ILE A 740 24.86 28.15 -1.75
N GLN A 741 26.14 27.80 -1.77
CA GLN A 741 27.23 28.71 -2.12
C GLN A 741 27.71 28.45 -3.56
N LYS A 742 28.32 29.46 -4.19
CA LYS A 742 28.78 29.42 -5.58
C LYS A 742 29.65 28.22 -5.90
N THR A 743 30.57 27.86 -5.01
CA THR A 743 31.49 26.75 -5.22
C THR A 743 30.77 25.42 -5.51
N SER A 744 29.62 25.18 -4.87
CA SER A 744 28.86 23.96 -5.06
C SER A 744 28.26 23.87 -6.46
N PHE A 745 27.91 25.02 -7.05
CA PHE A 745 27.19 25.14 -8.33
C PHE A 745 28.02 25.96 -9.35
N PRO A 746 29.09 25.40 -9.97
CA PRO A 746 29.85 26.19 -10.95
C PRO A 746 29.01 26.51 -12.17
N GLU A 747 29.12 27.74 -12.70
CA GLU A 747 28.31 28.19 -13.83
C GLU A 747 28.51 27.30 -15.07
N ASN A 748 29.74 26.79 -15.34
CA ASN A 748 29.97 25.93 -16.51
C ASN A 748 29.15 24.62 -16.43
N VAL A 749 28.73 24.20 -15.23
CA VAL A 749 27.89 23.03 -15.07
C VAL A 749 26.42 23.46 -15.13
N LEU A 750 26.05 24.55 -14.40
CA LEU A 750 24.67 25.05 -14.40
C LEU A 750 24.16 25.35 -15.81
N ASN A 751 24.99 25.95 -16.67
CA ASN A 751 24.58 26.29 -18.04
C ASN A 751 24.27 25.08 -18.93
N ASN A 752 24.68 23.85 -18.54
CA ASN A 752 24.33 22.65 -19.28
C ASN A 752 23.04 22.00 -18.75
N LEU A 753 22.53 22.40 -17.58
CA LEU A 753 21.34 21.80 -17.03
C LEU A 753 20.10 22.16 -17.82
N LYS A 754 19.32 21.14 -18.16
CA LYS A 754 18.01 21.24 -18.79
C LYS A 754 16.97 21.62 -17.71
N MET A 755 17.18 21.18 -16.44
CA MET A 755 16.30 21.52 -15.34
C MET A 755 17.05 21.35 -14.01
N LEU A 756 16.74 22.20 -13.04
CA LEU A 756 17.30 22.15 -11.69
C LEU A 756 16.11 22.39 -10.77
N LEU A 757 15.75 21.42 -9.93
CA LEU A 757 14.62 21.54 -9.02
C LEU A 757 15.14 21.80 -7.60
N LEU A 758 14.69 22.92 -7.01
CA LEU A 758 15.10 23.39 -5.69
C LEU A 758 13.93 23.67 -4.76
N HIS A 759 12.68 23.48 -5.20
CA HIS A 759 11.49 23.81 -4.42
C HIS A 759 11.31 22.97 -3.18
N HIS A 760 10.60 23.54 -2.20
CA HIS A 760 10.29 22.91 -0.93
C HIS A 760 11.54 22.55 -0.12
N ASN A 761 12.44 23.52 0.05
CA ASN A 761 13.65 23.38 0.87
C ASN A 761 13.51 24.31 2.13
N ARG A 762 14.58 24.62 2.88
CA ARG A 762 14.46 25.47 4.09
C ARG A 762 15.40 26.69 3.94
N PHE A 763 15.31 27.38 2.79
CA PHE A 763 16.21 28.49 2.47
C PHE A 763 16.17 29.62 3.49
N LEU A 764 17.35 29.98 4.01
CA LEU A 764 17.51 31.00 5.04
C LEU A 764 18.06 32.25 4.34
N CYS A 765 17.20 33.26 4.22
CA CYS A 765 17.48 34.46 3.43
C CYS A 765 18.12 35.59 4.21
N THR A 766 19.36 35.36 4.64
CA THR A 766 20.20 36.34 5.35
C THR A 766 21.23 36.93 4.31
N CYS A 767 22.15 37.80 4.74
CA CYS A 767 23.16 38.35 3.85
C CYS A 767 24.18 37.28 3.40
N ASP A 768 24.26 36.11 4.06
CA ASP A 768 25.12 35.03 3.59
C ASP A 768 24.53 34.39 2.31
N ALA A 769 23.19 34.46 2.11
CA ALA A 769 22.52 33.91 0.93
C ALA A 769 22.54 34.89 -0.25
N VAL A 770 23.39 35.91 -0.23
CA VAL A 770 23.44 36.96 -1.24
C VAL A 770 23.68 36.35 -2.66
N TRP A 771 24.72 35.48 -2.82
CA TRP A 771 25.00 34.88 -4.13
C TRP A 771 23.80 34.07 -4.63
N PHE A 772 23.24 33.18 -3.78
CA PHE A 772 22.15 32.31 -4.18
C PHE A 772 20.90 33.08 -4.58
N VAL A 773 20.55 34.11 -3.81
CA VAL A 773 19.36 34.93 -4.13
C VAL A 773 19.57 35.65 -5.47
N TRP A 774 20.72 36.28 -5.66
CA TRP A 774 21.00 36.97 -6.92
C TRP A 774 21.01 35.97 -8.11
N TRP A 775 21.67 34.82 -7.94
CA TRP A 775 21.76 33.82 -8.99
C TRP A 775 20.38 33.30 -9.38
N VAL A 776 19.52 32.96 -8.40
CA VAL A 776 18.17 32.46 -8.70
C VAL A 776 17.37 33.50 -9.50
N GLN A 777 17.50 34.78 -9.15
CA GLN A 777 16.77 35.84 -9.83
C GLN A 777 17.23 36.07 -11.25
N HIS A 778 18.54 35.96 -11.52
CA HIS A 778 19.08 36.29 -12.83
C HIS A 778 19.43 35.10 -13.74
N THR A 779 19.34 33.85 -13.24
CA THR A 779 19.69 32.69 -14.07
C THR A 779 18.66 32.38 -15.14
N GLU A 780 19.14 31.81 -16.24
CA GLU A 780 18.31 31.33 -17.34
C GLU A 780 17.99 29.83 -17.19
N VAL A 781 18.63 29.10 -16.21
CA VAL A 781 18.36 27.69 -15.96
C VAL A 781 16.90 27.52 -15.59
N THR A 782 16.23 26.47 -16.11
CA THR A 782 14.84 26.21 -15.77
C THR A 782 14.76 25.68 -14.35
N ILE A 783 13.98 26.37 -13.51
CA ILE A 783 13.73 26.03 -12.12
C ILE A 783 12.22 26.09 -11.95
N PRO A 784 11.50 24.96 -11.82
CA PRO A 784 10.03 25.06 -11.64
C PRO A 784 9.59 25.53 -10.25
N TYR A 785 8.35 26.06 -10.15
CA TYR A 785 7.72 26.51 -8.90
C TYR A 785 8.39 27.73 -8.24
N LEU A 786 9.14 28.56 -9.00
CA LEU A 786 9.78 29.75 -8.41
C LEU A 786 8.82 30.70 -7.64
N ALA A 787 7.60 30.94 -8.15
CA ALA A 787 6.66 31.87 -7.50
C ALA A 787 5.66 31.22 -6.55
N THR A 788 5.85 29.95 -6.21
CA THR A 788 4.89 29.26 -5.34
C THR A 788 5.58 28.38 -4.28
N ASP A 789 6.79 27.82 -4.54
CA ASP A 789 7.42 26.95 -3.55
C ASP A 789 8.96 27.02 -3.51
N VAL A 790 9.57 28.17 -3.87
CA VAL A 790 11.02 28.41 -3.73
C VAL A 790 11.08 29.61 -2.78
N THR A 791 10.82 29.32 -1.51
CA THR A 791 10.56 30.27 -0.45
C THR A 791 11.59 30.36 0.67
N CYS A 792 11.65 31.53 1.33
CA CYS A 792 12.49 31.76 2.50
C CYS A 792 11.73 31.20 3.69
N VAL A 793 12.37 30.45 4.57
CA VAL A 793 11.74 30.05 5.85
C VAL A 793 12.10 31.04 6.99
N GLY A 794 13.04 31.94 6.74
CA GLY A 794 13.51 32.92 7.72
C GLY A 794 14.61 33.79 7.12
N PRO A 795 15.07 34.81 7.86
CA PRO A 795 14.71 35.18 9.23
C PRO A 795 13.52 36.13 9.29
N GLY A 796 12.76 36.04 10.38
CA GLY A 796 11.60 36.87 10.69
C GLY A 796 10.81 37.47 9.54
N ALA A 797 11.19 38.69 9.14
CA ALA A 797 10.51 39.43 8.06
C ALA A 797 10.35 38.66 6.75
N HIS A 798 11.36 37.86 6.39
CA HIS A 798 11.34 37.13 5.13
C HIS A 798 10.62 35.77 5.19
N LYS A 799 10.12 35.33 6.37
CA LYS A 799 9.44 34.04 6.47
C LYS A 799 8.22 33.96 5.54
N GLY A 800 8.19 32.94 4.67
CA GLY A 800 7.10 32.77 3.70
C GLY A 800 7.26 33.53 2.41
N GLN A 801 8.27 34.39 2.29
CA GLN A 801 8.50 35.20 1.09
C GLN A 801 9.24 34.41 -0.01
N SER A 802 8.83 34.58 -1.28
CA SER A 802 9.52 33.93 -2.40
C SER A 802 10.92 34.55 -2.53
N VAL A 803 11.94 33.73 -2.85
CA VAL A 803 13.30 34.27 -2.99
C VAL A 803 13.40 35.16 -4.27
N ILE A 804 12.52 34.95 -5.27
CA ILE A 804 12.50 35.76 -6.50
C ILE A 804 12.12 37.24 -6.18
N SER A 805 11.21 37.47 -5.22
CA SER A 805 10.80 38.83 -4.83
C SER A 805 11.69 39.45 -3.73
N LEU A 806 12.80 38.80 -3.37
CA LEU A 806 13.66 39.23 -2.26
C LEU A 806 14.64 40.34 -2.65
N ASP A 807 14.69 41.42 -1.86
CA ASP A 807 15.58 42.56 -2.10
C ASP A 807 16.58 42.61 -0.97
N LEU A 808 17.87 42.33 -1.24
CA LEU A 808 18.90 42.34 -0.19
C LEU A 808 19.87 43.52 -0.34
N TYR A 809 19.33 44.71 -0.72
CA TYR A 809 20.17 45.89 -0.87
C TYR A 809 20.83 46.30 0.46
N THR A 810 20.18 46.04 1.61
CA THR A 810 20.76 46.35 2.92
C THR A 810 22.08 45.61 3.16
N CYS A 811 22.29 44.46 2.49
CA CYS A 811 23.53 43.69 2.60
C CYS A 811 24.71 44.36 1.90
N GLU A 812 24.49 45.39 1.07
CA GLU A 812 25.58 46.09 0.37
C GLU A 812 25.37 47.61 0.44
N LEU A 813 25.69 48.19 1.61
CA LEU A 813 25.57 49.63 1.84
C LEU A 813 26.96 50.24 2.06
N ALA B 5 2.59 18.33 40.69
CA ALA B 5 3.46 19.48 40.95
C ALA B 5 4.75 19.07 41.66
N ARG B 6 5.75 18.69 40.86
CA ARG B 6 7.08 18.28 41.32
C ARG B 6 7.86 19.54 41.73
N TRP B 7 8.65 19.46 42.80
CA TRP B 7 9.48 20.58 43.24
C TRP B 7 10.85 20.59 42.53
N PHE B 8 11.38 19.41 42.19
CA PHE B 8 12.65 19.27 41.49
C PHE B 8 12.42 18.53 40.16
N PRO B 9 12.51 19.20 39.00
CA PRO B 9 12.28 18.50 37.72
C PRO B 9 13.29 17.39 37.46
N LYS B 10 12.86 16.34 36.78
CA LYS B 10 13.76 15.24 36.41
C LYS B 10 14.35 15.57 35.04
N THR B 11 15.67 15.81 34.99
CA THR B 11 16.36 16.11 33.74
C THR B 11 17.18 14.90 33.23
N LEU B 12 17.30 13.80 34.04
CA LEU B 12 18.01 12.58 33.63
C LEU B 12 17.31 12.03 32.37
N PRO B 13 18.04 11.69 31.30
CA PRO B 13 17.37 11.21 30.07
C PRO B 13 16.92 9.74 30.12
N CYS B 14 16.66 9.18 31.30
CA CYS B 14 16.25 7.78 31.46
C CYS B 14 14.93 7.70 32.21
N ASP B 15 14.18 6.63 32.00
CA ASP B 15 12.93 6.41 32.71
C ASP B 15 13.28 5.80 34.07
N VAL B 16 12.77 6.35 35.16
CA VAL B 16 13.07 5.85 36.50
C VAL B 16 11.79 5.34 37.16
N THR B 17 11.68 4.01 37.31
CA THR B 17 10.53 3.35 37.95
C THR B 17 10.97 2.86 39.32
N LEU B 18 10.05 2.87 40.27
CA LEU B 18 10.32 2.47 41.65
C LEU B 18 9.43 1.30 42.00
N ASP B 19 10.01 0.09 42.10
CA ASP B 19 9.28 -1.12 42.46
C ASP B 19 9.57 -1.39 43.95
N VAL B 20 8.87 -0.65 44.83
CA VAL B 20 9.02 -0.69 46.29
C VAL B 20 8.90 -2.10 46.90
N SER B 21 8.21 -3.04 46.21
CA SER B 21 8.06 -4.40 46.73
C SER B 21 9.43 -5.12 46.82
N LYS B 22 10.12 -5.29 45.66
CA LYS B 22 11.44 -5.94 45.62
C LYS B 22 12.60 -4.98 45.92
N ASN B 23 12.36 -3.81 46.57
CA ASN B 23 13.42 -2.81 46.85
C ASN B 23 14.15 -2.33 45.57
N HIS B 24 13.59 -2.61 44.37
CA HIS B 24 14.25 -2.27 43.12
C HIS B 24 13.94 -0.86 42.63
N VAL B 25 14.98 -0.17 42.15
CA VAL B 25 14.90 1.16 41.56
C VAL B 25 15.45 0.93 40.13
N ILE B 26 14.55 0.97 39.13
CA ILE B 26 14.87 0.69 37.73
C ILE B 26 15.14 1.97 36.94
N VAL B 27 16.34 2.07 36.35
CA VAL B 27 16.74 3.19 35.52
C VAL B 27 16.92 2.62 34.12
N ASP B 28 16.08 3.05 33.16
CA ASP B 28 16.11 2.56 31.78
C ASP B 28 16.52 3.67 30.80
N CYS B 29 17.78 3.60 30.33
CA CYS B 29 18.36 4.55 29.38
C CYS B 29 18.43 3.91 27.97
N THR B 30 17.53 2.96 27.64
CA THR B 30 17.60 2.31 26.32
C THR B 30 17.38 3.31 25.20
N ASP B 31 18.22 3.23 24.16
CA ASP B 31 18.09 4.03 22.95
C ASP B 31 17.85 5.53 23.21
N LYS B 32 18.80 6.16 23.90
CA LYS B 32 18.75 7.59 24.20
C LYS B 32 19.91 8.37 23.55
N HIS B 33 20.60 7.79 22.55
CA HIS B 33 21.69 8.45 21.81
C HIS B 33 22.75 9.00 22.74
N LEU B 34 23.10 8.22 23.77
CA LEU B 34 24.07 8.65 24.76
C LEU B 34 25.46 8.31 24.30
N THR B 35 26.39 9.25 24.48
CA THR B 35 27.81 9.06 24.23
C THR B 35 28.59 8.85 25.55
N GLU B 36 27.96 9.13 26.72
CA GLU B 36 28.52 8.93 28.06
C GLU B 36 27.39 8.43 28.97
N ILE B 37 27.75 7.80 30.11
CA ILE B 37 26.74 7.41 31.10
C ILE B 37 26.24 8.72 31.73
N PRO B 38 24.93 9.03 31.68
CA PRO B 38 24.48 10.32 32.23
C PRO B 38 24.73 10.46 33.72
N GLY B 39 25.06 11.68 34.13
CA GLY B 39 25.29 11.98 35.53
C GLY B 39 23.96 12.11 36.25
N GLY B 40 23.98 11.95 37.57
CA GLY B 40 22.78 12.07 38.37
C GLY B 40 21.90 10.84 38.42
N ILE B 41 22.46 9.65 38.13
CA ILE B 41 21.69 8.40 38.23
C ILE B 41 21.48 8.13 39.73
N PRO B 42 20.25 7.76 40.19
CA PRO B 42 20.04 7.56 41.64
C PRO B 42 21.03 6.58 42.28
N THR B 43 21.56 6.93 43.45
CA THR B 43 22.54 6.10 44.18
C THR B 43 21.99 4.71 44.52
N ASN B 44 20.67 4.59 44.81
CA ASN B 44 20.07 3.30 45.16
C ASN B 44 19.58 2.52 43.92
N THR B 45 20.10 2.81 42.71
CA THR B 45 19.70 2.11 41.49
C THR B 45 20.10 0.64 41.58
N THR B 46 19.15 -0.28 41.35
CA THR B 46 19.40 -1.72 41.38
C THR B 46 19.52 -2.28 39.95
N ASN B 47 18.66 -1.82 39.01
CA ASN B 47 18.65 -2.28 37.61
C ASN B 47 18.97 -1.11 36.67
N LEU B 48 20.14 -1.13 36.01
CA LEU B 48 20.57 -0.08 35.09
C LEU B 48 20.70 -0.63 33.67
N THR B 49 19.90 -0.11 32.73
CA THR B 49 19.93 -0.52 31.32
C THR B 49 20.43 0.62 30.45
N LEU B 50 21.56 0.40 29.75
CA LEU B 50 22.18 1.35 28.84
C LEU B 50 22.25 0.74 27.42
N THR B 51 21.28 -0.10 27.06
CA THR B 51 21.24 -0.79 25.77
C THR B 51 20.99 0.17 24.62
N ILE B 52 21.66 -0.07 23.47
CA ILE B 52 21.53 0.71 22.25
C ILE B 52 21.90 2.16 22.50
N ASN B 53 23.16 2.41 22.75
CA ASN B 53 23.74 3.73 22.92
C ASN B 53 25.14 3.69 22.28
N HIS B 54 25.94 4.76 22.39
CA HIS B 54 27.28 4.80 21.82
C HIS B 54 28.27 5.22 22.88
N ILE B 55 28.19 4.57 24.06
CA ILE B 55 29.12 4.83 25.16
C ILE B 55 30.39 4.04 24.82
N PRO B 56 31.53 4.71 24.56
CA PRO B 56 32.73 3.98 24.11
C PRO B 56 33.51 3.21 25.16
N ASP B 57 33.28 3.46 26.46
CA ASP B 57 34.06 2.77 27.48
C ASP B 57 33.39 2.70 28.84
N ILE B 58 33.86 1.73 29.64
CA ILE B 58 33.45 1.52 31.03
C ILE B 58 34.74 1.62 31.87
N SER B 59 34.65 2.27 33.03
CA SER B 59 35.78 2.45 33.93
C SER B 59 35.27 2.48 35.40
N PRO B 60 36.15 2.48 36.43
CA PRO B 60 35.64 2.55 37.82
C PRO B 60 34.70 3.73 38.09
N ALA B 61 34.82 4.83 37.34
CA ALA B 61 33.93 5.99 37.49
C ALA B 61 32.50 5.74 37.01
N SER B 62 32.32 4.83 36.02
CA SER B 62 31.01 4.50 35.44
C SER B 62 29.92 4.18 36.47
N PHE B 63 30.21 3.28 37.42
CA PHE B 63 29.24 2.85 38.44
C PHE B 63 29.80 3.03 39.86
N HIS B 64 30.68 4.05 40.07
CA HIS B 64 31.35 4.34 41.35
C HIS B 64 30.41 4.38 42.56
N ARG B 65 29.37 5.21 42.50
CA ARG B 65 28.44 5.36 43.63
C ARG B 65 27.27 4.36 43.60
N LEU B 66 27.10 3.62 42.50
CA LEU B 66 26.00 2.67 42.33
C LEU B 66 26.32 1.29 42.93
N VAL B 67 26.63 1.28 44.22
CA VAL B 67 26.99 0.06 44.94
C VAL B 67 25.85 -0.97 45.06
N HIS B 68 24.57 -0.55 44.99
CA HIS B 68 23.44 -1.49 45.15
C HIS B 68 22.97 -2.06 43.79
N LEU B 69 23.86 -2.13 42.78
CA LEU B 69 23.47 -2.65 41.47
C LEU B 69 23.42 -4.17 41.47
N VAL B 70 22.25 -4.73 41.14
CA VAL B 70 22.05 -6.17 40.98
C VAL B 70 22.09 -6.51 39.47
N GLU B 71 21.78 -5.57 38.55
CA GLU B 71 21.82 -5.84 37.11
C GLU B 71 22.33 -4.66 36.31
N ILE B 72 23.22 -4.93 35.35
CA ILE B 72 23.73 -3.96 34.39
C ILE B 72 23.46 -4.56 33.03
N ASP B 73 22.62 -3.90 32.23
CA ASP B 73 22.33 -4.36 30.89
C ASP B 73 22.98 -3.33 29.95
N PHE B 74 24.22 -3.59 29.51
CA PHE B 74 25.00 -2.70 28.65
C PHE B 74 25.15 -3.34 27.25
N ARG B 75 24.04 -3.77 26.65
CA ARG B 75 24.07 -4.43 25.35
C ARG B 75 24.10 -3.47 24.17
N CYS B 76 24.72 -3.90 23.09
CA CYS B 76 24.70 -3.24 21.80
C CYS B 76 25.12 -1.77 21.82
N ASN B 77 26.25 -1.48 22.43
CA ASN B 77 26.87 -0.17 22.37
C ASN B 77 27.95 -0.14 21.26
N CYS B 78 28.42 -1.32 20.78
CA CYS B 78 29.32 -1.45 19.65
C CYS B 78 28.99 -2.72 18.90
N VAL B 79 27.74 -2.80 18.42
CA VAL B 79 27.22 -3.97 17.70
C VAL B 79 28.12 -4.36 16.49
N PRO B 80 28.42 -5.66 16.23
CA PRO B 80 29.24 -6.02 15.05
C PRO B 80 28.71 -5.40 13.75
N ILE B 81 29.61 -4.95 12.86
CA ILE B 81 29.29 -4.21 11.65
C ILE B 81 28.12 -4.82 10.83
N ARG B 82 28.14 -6.13 10.55
CA ARG B 82 27.08 -6.78 9.76
C ARG B 82 25.73 -6.83 10.46
N LEU B 83 25.70 -6.75 11.80
CA LEU B 83 24.45 -6.77 12.57
C LEU B 83 23.93 -5.36 12.92
N GLY B 84 24.80 -4.35 12.89
CA GLY B 84 24.43 -3.00 13.27
C GLY B 84 24.05 -2.07 12.14
N SER B 85 23.76 -0.82 12.53
CA SER B 85 23.39 0.25 11.61
C SER B 85 24.57 0.63 10.72
N LYS B 86 24.30 0.89 9.43
CA LYS B 86 25.34 1.36 8.49
C LYS B 86 25.42 2.89 8.46
N SER B 87 24.33 3.60 8.82
CA SER B 87 24.33 5.06 8.90
C SER B 87 25.14 5.54 10.12
N ASN B 88 25.17 4.76 11.22
CA ASN B 88 25.96 5.09 12.40
C ASN B 88 26.68 3.82 12.91
N MET B 89 27.76 3.44 12.20
CA MET B 89 28.56 2.27 12.54
C MET B 89 29.46 2.60 13.74
N CYS B 90 29.75 1.59 14.57
CA CYS B 90 30.63 1.78 15.71
C CYS B 90 32.09 1.89 15.24
N PRO B 91 32.82 2.97 15.59
CA PRO B 91 34.21 3.08 15.14
C PRO B 91 35.20 2.15 15.88
N ARG B 92 35.08 2.02 17.21
CA ARG B 92 35.98 1.18 17.99
C ARG B 92 35.21 0.31 18.99
N ARG B 93 35.73 -0.89 19.29
CA ARG B 93 35.10 -1.79 20.24
C ARG B 93 35.05 -1.18 21.65
N LEU B 94 34.07 -1.62 22.47
CA LEU B 94 33.91 -1.13 23.84
C LEU B 94 35.18 -1.44 24.66
N GLN B 95 35.74 -0.42 25.34
CA GLN B 95 36.92 -0.60 26.18
C GLN B 95 36.44 -0.70 27.62
N ILE B 96 36.84 -1.76 28.34
CA ILE B 96 36.45 -1.93 29.72
C ILE B 96 37.75 -1.92 30.52
N LYS B 97 37.98 -0.84 31.28
CA LYS B 97 39.20 -0.70 32.08
C LYS B 97 39.11 -1.58 33.35
N PRO B 98 40.25 -1.88 34.03
CA PRO B 98 40.16 -2.71 35.25
C PRO B 98 39.36 -2.08 36.38
N ARG B 99 38.84 -2.92 37.30
CA ARG B 99 38.08 -2.53 38.49
C ARG B 99 36.74 -1.82 38.18
N SER B 100 36.14 -2.10 37.01
CA SER B 100 34.87 -1.50 36.62
C SER B 100 33.66 -2.16 37.32
N PHE B 101 33.74 -3.48 37.57
CA PHE B 101 32.65 -4.25 38.18
C PHE B 101 33.04 -4.88 39.52
N SER B 102 34.34 -4.99 39.84
CA SER B 102 34.80 -5.64 41.06
C SER B 102 34.24 -5.07 42.38
N GLY B 103 33.94 -3.78 42.42
CA GLY B 103 33.37 -3.16 43.60
C GLY B 103 31.86 -3.40 43.76
N LEU B 104 31.18 -3.87 42.70
CA LEU B 104 29.74 -4.10 42.76
C LEU B 104 29.45 -5.48 43.39
N THR B 105 29.46 -5.53 44.73
CA THR B 105 29.29 -6.79 45.46
C THR B 105 27.87 -7.42 45.40
N TYR B 106 26.86 -6.72 44.87
CA TYR B 106 25.51 -7.28 44.72
C TYR B 106 25.16 -7.64 43.24
N LEU B 107 26.09 -7.43 42.29
CA LEU B 107 25.81 -7.66 40.87
C LEU B 107 25.53 -9.14 40.60
N LYS B 108 24.29 -9.45 40.15
CA LYS B 108 23.81 -10.79 39.83
C LYS B 108 23.73 -11.04 38.32
N SER B 109 23.47 -9.98 37.51
CA SER B 109 23.30 -10.10 36.06
C SER B 109 24.09 -9.05 35.31
N LEU B 110 24.83 -9.46 34.29
CA LEU B 110 25.63 -8.55 33.49
C LEU B 110 25.51 -8.94 32.02
N TYR B 111 24.84 -8.08 31.22
CA TYR B 111 24.72 -8.33 29.79
C TYR B 111 25.65 -7.38 29.05
N LEU B 112 26.68 -7.93 28.38
CA LEU B 112 27.61 -7.16 27.57
C LEU B 112 27.60 -7.67 26.12
N ASP B 113 26.44 -8.12 25.64
CA ASP B 113 26.27 -8.63 24.29
C ASP B 113 26.42 -7.51 23.26
N GLY B 114 26.88 -7.85 22.06
CA GLY B 114 27.01 -6.92 20.95
C GLY B 114 27.88 -5.71 21.18
N ASN B 115 29.12 -5.91 21.68
CA ASN B 115 30.06 -4.82 21.95
C ASN B 115 31.46 -5.05 21.34
N GLN B 116 31.62 -6.07 20.47
CA GLN B 116 32.88 -6.41 19.82
C GLN B 116 34.03 -6.70 20.82
N LEU B 117 33.70 -7.25 21.99
CA LEU B 117 34.73 -7.57 23.00
C LEU B 117 35.57 -8.74 22.48
N LEU B 118 36.88 -8.72 22.73
CA LEU B 118 37.80 -9.77 22.27
C LEU B 118 38.00 -10.87 23.31
N GLU B 119 37.80 -10.58 24.60
CA GLU B 119 38.00 -11.53 25.69
C GLU B 119 36.86 -11.45 26.72
N ILE B 120 36.75 -12.48 27.57
CA ILE B 120 35.77 -12.51 28.64
C ILE B 120 36.20 -11.44 29.67
N PRO B 121 35.38 -10.40 29.96
CA PRO B 121 35.83 -9.38 30.93
C PRO B 121 36.23 -9.96 32.27
N GLN B 122 37.37 -9.52 32.82
CA GLN B 122 37.87 -10.00 34.10
C GLN B 122 37.52 -9.02 35.24
N GLY B 123 37.86 -9.38 36.47
CA GLY B 123 37.54 -8.57 37.64
C GLY B 123 36.04 -8.51 37.90
N LEU B 124 35.30 -9.59 37.59
CA LEU B 124 33.87 -9.61 37.83
C LEU B 124 33.61 -10.04 39.28
N PRO B 125 32.56 -9.51 39.93
CA PRO B 125 32.31 -9.86 41.33
C PRO B 125 31.89 -11.32 41.54
N PRO B 126 32.13 -11.90 42.73
CA PRO B 126 31.73 -13.30 42.96
C PRO B 126 30.23 -13.55 43.09
N SER B 127 29.42 -12.48 43.20
CA SER B 127 27.97 -12.61 43.29
C SER B 127 27.31 -12.86 41.92
N LEU B 128 28.05 -12.75 40.79
CA LEU B 128 27.45 -12.86 39.46
C LEU B 128 26.87 -14.26 39.19
N GLN B 129 25.61 -14.31 38.75
CA GLN B 129 24.86 -15.53 38.43
C GLN B 129 24.58 -15.62 36.92
N LEU B 130 24.42 -14.48 36.22
CA LEU B 130 24.16 -14.48 34.78
C LEU B 130 25.18 -13.58 34.09
N LEU B 131 25.88 -14.12 33.07
CA LEU B 131 26.83 -13.36 32.25
C LEU B 131 26.44 -13.61 30.80
N SER B 132 26.23 -12.54 30.03
CA SER B 132 25.84 -12.68 28.63
C SER B 132 26.84 -11.96 27.75
N LEU B 133 27.46 -12.67 26.81
CA LEU B 133 28.46 -12.10 25.92
C LEU B 133 28.20 -12.50 24.46
N GLU B 134 26.93 -12.60 24.07
CA GLU B 134 26.59 -12.95 22.68
C GLU B 134 27.00 -11.83 21.71
N ALA B 135 27.19 -12.17 20.44
CA ALA B 135 27.54 -11.20 19.39
C ALA B 135 28.76 -10.33 19.73
N ASN B 136 29.80 -10.96 20.27
CA ASN B 136 31.09 -10.33 20.55
C ASN B 136 32.13 -11.08 19.67
N ASN B 137 33.44 -10.90 19.90
CA ASN B 137 34.47 -11.57 19.12
C ASN B 137 35.34 -12.44 20.05
N ILE B 138 34.70 -13.23 20.93
CA ILE B 138 35.37 -14.14 21.86
C ILE B 138 35.20 -15.55 21.27
N PHE B 139 36.27 -16.14 20.73
CA PHE B 139 36.19 -17.45 20.09
C PHE B 139 37.27 -18.43 20.60
N SER B 140 37.74 -18.22 21.82
CA SER B 140 38.72 -19.08 22.47
C SER B 140 38.43 -19.03 23.97
N ILE B 141 37.96 -20.15 24.54
CA ILE B 141 37.60 -20.24 25.95
C ILE B 141 38.72 -20.95 26.70
N ARG B 142 39.32 -20.25 27.66
CA ARG B 142 40.39 -20.78 28.49
C ARG B 142 39.89 -20.91 29.92
N LYS B 143 40.29 -22.00 30.60
CA LYS B 143 39.91 -22.28 31.99
C LYS B 143 40.31 -21.13 32.93
N GLU B 144 41.48 -20.51 32.72
CA GLU B 144 41.94 -19.40 33.57
C GLU B 144 41.02 -18.18 33.48
N GLN B 145 40.42 -17.93 32.30
CA GLN B 145 39.49 -16.82 32.10
C GLN B 145 38.11 -17.07 32.75
N LEU B 146 37.78 -18.30 33.14
CA LEU B 146 36.50 -18.62 33.78
C LEU B 146 36.61 -18.79 35.31
N THR B 147 37.84 -18.71 35.89
CA THR B 147 38.06 -18.86 37.34
C THR B 147 37.17 -17.92 38.14
N GLU B 148 37.07 -16.67 37.69
CA GLU B 148 36.27 -15.63 38.34
C GLU B 148 34.77 -15.97 38.43
N LEU B 149 34.28 -16.82 37.53
CA LEU B 149 32.86 -17.15 37.42
C LEU B 149 32.42 -18.31 38.33
N ALA B 150 33.02 -18.44 39.53
CA ALA B 150 32.71 -19.52 40.47
C ALA B 150 31.21 -19.76 40.74
N ASN B 151 30.41 -18.70 40.95
CA ASN B 151 28.99 -18.87 41.27
C ASN B 151 28.05 -18.68 40.06
N ILE B 152 28.59 -18.73 38.83
CA ILE B 152 27.79 -18.48 37.64
C ILE B 152 26.80 -19.62 37.38
N GLU B 153 25.56 -19.26 37.07
CA GLU B 153 24.47 -20.18 36.79
C GLU B 153 24.06 -20.17 35.32
N ILE B 154 24.15 -19.01 34.66
CA ILE B 154 23.71 -18.86 33.28
C ILE B 154 24.82 -18.13 32.51
N LEU B 155 25.26 -18.73 31.40
CA LEU B 155 26.35 -18.19 30.62
C LEU B 155 26.03 -18.28 29.12
N TYR B 156 25.83 -17.12 28.47
CA TYR B 156 25.53 -17.05 27.05
C TYR B 156 26.78 -16.63 26.29
N LEU B 157 27.34 -17.51 25.46
CA LEU B 157 28.55 -17.20 24.68
C LEU B 157 28.36 -17.32 23.16
N GLY B 158 27.13 -17.52 22.69
CA GLY B 158 26.85 -17.74 21.27
C GLY B 158 26.97 -16.51 20.38
N GLN B 159 26.89 -16.72 19.07
CA GLN B 159 26.95 -15.66 18.06
C GLN B 159 28.28 -14.90 18.02
N ASN B 160 29.34 -15.51 18.52
CA ASN B 160 30.68 -14.92 18.48
C ASN B 160 31.47 -15.38 17.22
N CYS B 161 30.97 -16.38 16.44
CA CYS B 161 31.66 -16.80 15.21
C CYS B 161 30.70 -17.48 14.24
N TYR B 162 29.99 -16.69 13.43
CA TYR B 162 29.05 -17.19 12.42
C TYR B 162 28.97 -16.19 11.23
N TYR B 163 28.24 -16.49 10.15
CA TYR B 163 28.25 -15.64 8.94
C TYR B 163 27.93 -14.13 9.18
N ARG B 164 27.08 -13.78 10.15
CA ARG B 164 26.80 -12.35 10.44
C ARG B 164 27.86 -11.72 11.38
N ASN B 165 28.82 -12.52 11.90
CA ASN B 165 29.86 -12.05 12.80
C ASN B 165 31.03 -13.06 12.77
N PRO B 166 31.74 -13.14 11.64
CA PRO B 166 32.78 -14.16 11.49
C PRO B 166 34.06 -13.95 12.30
N CYS B 167 34.68 -15.08 12.69
CA CYS B 167 35.96 -15.09 13.40
C CYS B 167 37.09 -15.70 12.53
N TYR B 168 36.75 -16.34 11.39
CA TYR B 168 37.67 -16.89 10.39
C TYR B 168 38.46 -18.12 10.87
N VAL B 169 38.20 -18.64 12.08
CA VAL B 169 38.86 -19.85 12.60
C VAL B 169 37.80 -20.69 13.33
N SER B 170 38.14 -21.96 13.65
CA SER B 170 37.26 -22.80 14.44
C SER B 170 37.26 -22.26 15.88
N TYR B 171 36.15 -22.41 16.57
CA TYR B 171 36.03 -22.01 17.96
C TYR B 171 36.90 -22.96 18.80
N SER B 172 37.60 -22.46 19.82
CA SER B 172 38.42 -23.32 20.69
C SER B 172 37.90 -23.28 22.10
N ILE B 173 37.84 -24.44 22.75
CA ILE B 173 37.44 -24.54 24.15
C ILE B 173 38.47 -25.43 24.80
N GLU B 174 39.16 -24.92 25.83
CA GLU B 174 40.17 -25.71 26.53
C GLU B 174 39.50 -26.90 27.23
N LYS B 175 40.25 -28.00 27.44
CA LYS B 175 39.71 -29.21 28.08
C LYS B 175 39.26 -28.87 29.50
N ASP B 176 38.03 -29.30 29.90
CA ASP B 176 37.47 -29.05 31.23
C ASP B 176 37.34 -27.55 31.55
N ALA B 177 37.19 -26.67 30.55
CA ALA B 177 37.06 -25.23 30.79
C ALA B 177 35.91 -24.90 31.78
N PHE B 178 34.72 -25.50 31.58
CA PHE B 178 33.55 -25.26 32.41
C PHE B 178 33.37 -26.24 33.56
N LEU B 179 34.18 -27.31 33.65
CA LEU B 179 33.99 -28.37 34.64
C LEU B 179 33.87 -27.89 36.09
N ASN B 180 34.68 -26.90 36.51
CA ASN B 180 34.63 -26.44 37.91
C ASN B 180 33.67 -25.26 38.15
N LEU B 181 32.77 -24.96 37.19
CA LEU B 181 31.71 -23.98 37.41
C LEU B 181 30.61 -24.84 38.02
N THR B 182 30.71 -25.08 39.34
CA THR B 182 29.85 -26.03 40.05
C THR B 182 28.38 -25.63 40.16
N LYS B 183 28.01 -24.38 39.82
CA LYS B 183 26.61 -23.94 39.88
C LYS B 183 26.02 -23.70 38.48
N LEU B 184 26.80 -23.94 37.39
CA LEU B 184 26.36 -23.69 36.02
C LEU B 184 25.16 -24.54 35.63
N LYS B 185 24.03 -23.90 35.27
CA LYS B 185 22.80 -24.56 34.86
C LYS B 185 22.54 -24.37 33.37
N VAL B 186 22.80 -23.19 32.80
CA VAL B 186 22.54 -22.93 31.38
C VAL B 186 23.82 -22.54 30.67
N LEU B 187 24.16 -23.24 29.59
CA LEU B 187 25.34 -22.94 28.81
C LEU B 187 24.92 -22.90 27.36
N SER B 188 25.17 -21.78 26.68
CA SER B 188 24.81 -21.64 25.28
C SER B 188 26.05 -21.28 24.47
N LEU B 189 26.43 -22.17 23.55
CA LEU B 189 27.57 -22.01 22.65
C LEU B 189 27.09 -22.09 21.18
N LYS B 190 25.85 -21.66 20.92
CA LYS B 190 25.23 -21.65 19.59
C LYS B 190 25.94 -20.70 18.62
N ASP B 191 25.77 -20.89 17.30
CA ASP B 191 26.29 -19.98 16.27
C ASP B 191 27.76 -19.54 16.54
N ASN B 192 28.63 -20.51 16.89
CA ASN B 192 30.01 -20.23 17.28
C ASN B 192 31.09 -20.95 16.46
N ASN B 193 30.73 -21.77 15.46
CA ASN B 193 31.72 -22.49 14.66
C ASN B 193 32.49 -23.52 15.52
N VAL B 194 31.76 -24.17 16.46
CA VAL B 194 32.30 -25.19 17.37
C VAL B 194 32.43 -26.51 16.60
N THR B 195 33.55 -27.24 16.77
CA THR B 195 33.79 -28.50 16.05
C THR B 195 33.54 -29.76 16.88
N THR B 196 33.62 -29.69 18.21
CA THR B 196 33.36 -30.85 19.07
C THR B 196 32.59 -30.43 20.31
N VAL B 197 31.83 -31.35 20.93
CA VAL B 197 31.13 -31.06 22.17
C VAL B 197 32.18 -30.82 23.26
N PRO B 198 32.20 -29.67 23.97
CA PRO B 198 33.22 -29.48 25.00
C PRO B 198 33.05 -30.46 26.16
N THR B 199 34.14 -31.09 26.60
CA THR B 199 34.08 -32.01 27.73
C THR B 199 35.22 -31.68 28.72
N VAL B 200 35.09 -32.00 30.02
CA VAL B 200 33.91 -32.54 30.68
C VAL B 200 33.07 -31.33 31.12
N LEU B 201 31.74 -31.37 30.91
CA LEU B 201 30.87 -30.27 31.34
C LEU B 201 30.38 -30.51 32.78
N PRO B 202 30.01 -29.47 33.56
CA PRO B 202 29.57 -29.72 34.95
C PRO B 202 28.22 -30.45 34.99
N SER B 203 28.08 -31.46 35.87
CA SER B 203 26.86 -32.27 35.98
C SER B 203 25.61 -31.50 36.44
N THR B 204 25.76 -30.25 36.85
CA THR B 204 24.64 -29.42 37.27
C THR B 204 23.88 -28.78 36.08
N LEU B 205 24.37 -28.96 34.83
CA LEU B 205 23.71 -28.39 33.65
C LEU B 205 22.28 -28.88 33.46
N THR B 206 21.35 -27.94 33.26
CA THR B 206 19.95 -28.22 32.96
C THR B 206 19.67 -27.93 31.47
N GLU B 207 20.39 -26.99 30.84
CA GLU B 207 20.14 -26.62 29.45
C GLU B 207 21.47 -26.43 28.72
N LEU B 208 21.62 -27.11 27.56
CA LEU B 208 22.85 -27.03 26.76
C LEU B 208 22.47 -26.74 25.32
N TYR B 209 22.93 -25.62 24.78
CA TYR B 209 22.63 -25.20 23.41
C TYR B 209 23.93 -25.21 22.61
N LEU B 210 24.02 -26.10 21.63
CA LEU B 210 25.19 -26.26 20.75
C LEU B 210 24.75 -26.26 19.29
N TYR B 211 23.65 -25.55 18.97
CA TYR B 211 23.11 -25.55 17.63
C TYR B 211 23.81 -24.56 16.71
N ASN B 212 23.67 -24.78 15.39
CA ASN B 212 24.30 -23.96 14.35
C ASN B 212 25.81 -23.88 14.54
N ASN B 213 26.45 -25.05 14.58
CA ASN B 213 27.91 -25.17 14.75
C ASN B 213 28.46 -26.13 13.64
N MET B 214 29.75 -26.57 13.75
CA MET B 214 30.43 -27.48 12.83
C MET B 214 30.73 -28.81 13.55
N ILE B 215 29.80 -29.30 14.40
CA ILE B 215 30.02 -30.56 15.12
C ILE B 215 29.54 -31.64 14.15
N ALA B 216 30.47 -32.45 13.64
CA ALA B 216 30.11 -33.52 12.71
C ALA B 216 29.82 -34.85 13.43
N GLU B 217 30.34 -35.02 14.66
CA GLU B 217 30.25 -36.27 15.38
C GLU B 217 30.08 -36.07 16.88
N ILE B 218 29.19 -36.84 17.51
CA ILE B 218 29.01 -36.86 18.96
C ILE B 218 29.75 -38.11 19.45
N GLN B 219 30.58 -37.99 20.46
CA GLN B 219 31.24 -39.12 21.09
C GLN B 219 30.23 -39.78 22.06
N GLU B 220 30.35 -41.10 22.29
CA GLU B 220 29.41 -41.80 23.15
C GLU B 220 29.40 -41.31 24.60
N ASP B 221 30.49 -40.65 25.04
CA ASP B 221 30.59 -40.15 26.41
C ASP B 221 30.50 -38.61 26.52
N ASP B 222 30.17 -37.90 25.44
CA ASP B 222 30.04 -36.44 25.49
C ASP B 222 29.05 -35.92 26.55
N PHE B 223 27.96 -36.66 26.82
CA PHE B 223 26.96 -36.22 27.81
C PHE B 223 26.79 -37.25 28.94
N ASN B 224 27.82 -38.09 29.22
CA ASN B 224 27.78 -39.16 30.25
C ASN B 224 27.48 -38.72 31.67
N ASN B 225 27.89 -37.52 32.06
CA ASN B 225 27.68 -37.07 33.44
C ASN B 225 26.52 -36.07 33.60
N LEU B 226 25.79 -35.76 32.52
CA LEU B 226 24.73 -34.77 32.57
C LEU B 226 23.37 -35.35 32.97
N ASN B 227 23.33 -35.95 34.17
CA ASN B 227 22.11 -36.55 34.72
C ASN B 227 21.00 -35.54 35.09
N GLN B 228 21.27 -34.22 35.13
CA GLN B 228 20.26 -33.19 35.42
C GLN B 228 19.78 -32.44 34.16
N LEU B 229 20.31 -32.78 32.96
CA LEU B 229 19.96 -32.08 31.73
C LEU B 229 18.48 -32.24 31.36
N GLN B 230 17.81 -31.12 31.14
CA GLN B 230 16.41 -31.07 30.75
C GLN B 230 16.26 -30.65 29.29
N ILE B 231 17.15 -29.76 28.78
CA ILE B 231 17.06 -29.31 27.39
C ILE B 231 18.40 -29.52 26.70
N LEU B 232 18.36 -30.18 25.52
CA LEU B 232 19.56 -30.39 24.71
C LEU B 232 19.19 -29.99 23.29
N ASP B 233 19.97 -29.08 22.68
CA ASP B 233 19.72 -28.66 21.30
C ASP B 233 21.03 -28.80 20.52
N LEU B 234 21.05 -29.74 19.56
CA LEU B 234 22.19 -29.99 18.68
C LEU B 234 21.84 -29.67 17.21
N SER B 235 20.77 -28.88 16.96
CA SER B 235 20.31 -28.56 15.61
C SER B 235 21.34 -27.83 14.76
N GLY B 236 21.22 -27.92 13.44
CA GLY B 236 22.11 -27.21 12.54
C GLY B 236 23.56 -27.64 12.57
N ASN B 237 23.83 -28.90 12.88
CA ASN B 237 25.16 -29.50 12.86
C ASN B 237 25.00 -30.56 11.75
N CYS B 238 25.63 -30.34 10.59
CA CYS B 238 25.39 -31.13 9.37
C CYS B 238 24.00 -30.73 8.89
N PRO B 239 23.80 -29.45 8.50
CA PRO B 239 22.47 -29.00 8.11
C PRO B 239 21.99 -29.47 6.74
N ARG B 240 20.66 -29.48 6.57
CA ARG B 240 20.01 -29.76 5.31
C ARG B 240 19.95 -28.37 4.65
N CYS B 241 20.71 -28.16 3.57
CA CYS B 241 20.87 -26.83 2.99
C CYS B 241 19.98 -26.50 1.78
N TYR B 242 19.07 -27.38 1.34
CA TYR B 242 18.22 -27.05 0.18
C TYR B 242 17.27 -25.88 0.56
N ASN B 243 17.28 -24.81 -0.25
CA ASN B 243 16.48 -23.59 -0.03
C ASN B 243 16.76 -22.90 1.31
N ALA B 244 18.00 -23.00 1.82
CA ALA B 244 18.34 -22.33 3.08
C ALA B 244 18.41 -20.82 2.80
N PRO B 245 17.66 -19.97 3.52
CA PRO B 245 17.75 -18.52 3.27
C PRO B 245 18.98 -17.86 3.92
N PHE B 246 19.94 -18.66 4.42
CA PHE B 246 21.18 -18.15 5.00
C PHE B 246 22.35 -19.00 4.46
N PRO B 247 23.61 -18.50 4.50
CA PRO B 247 24.75 -19.33 4.05
C PRO B 247 24.79 -20.66 4.82
N CYS B 248 24.79 -21.77 4.10
CA CYS B 248 24.64 -23.10 4.66
C CYS B 248 25.67 -24.05 4.04
N THR B 249 26.52 -24.65 4.88
CA THR B 249 27.54 -25.59 4.44
C THR B 249 27.21 -26.99 5.03
N PRO B 250 26.75 -27.94 4.20
CA PRO B 250 26.44 -29.27 4.73
C PRO B 250 27.70 -30.09 5.02
N CYS B 251 27.53 -31.15 5.81
CA CYS B 251 28.63 -32.07 6.08
C CYS B 251 28.96 -32.82 4.78
N LYS B 252 30.23 -33.11 4.55
CA LYS B 252 30.67 -33.80 3.33
C LYS B 252 29.98 -35.15 3.16
N ASN B 253 29.87 -35.62 1.90
CA ASN B 253 29.27 -36.90 1.55
C ASN B 253 27.80 -36.99 2.00
N ASN B 254 27.11 -35.83 2.16
CA ASN B 254 25.73 -35.77 2.65
C ASN B 254 25.53 -36.58 3.95
N SER B 255 26.59 -36.73 4.77
CA SER B 255 26.47 -37.50 6.00
C SER B 255 25.68 -36.75 7.07
N PRO B 256 24.93 -37.49 7.88
CA PRO B 256 24.22 -36.85 8.99
C PRO B 256 25.16 -36.50 10.14
N LEU B 257 24.63 -35.85 11.19
CA LEU B 257 25.35 -35.64 12.45
C LEU B 257 25.44 -37.09 13.05
N GLN B 258 26.63 -37.59 13.28
CA GLN B 258 26.80 -38.97 13.75
C GLN B 258 26.60 -39.03 15.26
N ILE B 259 25.51 -39.69 15.71
CA ILE B 259 25.20 -39.80 17.13
C ILE B 259 25.22 -41.29 17.52
N PRO B 260 26.16 -41.74 18.37
CA PRO B 260 26.12 -43.15 18.82
C PRO B 260 24.79 -43.51 19.46
N VAL B 261 24.37 -44.77 19.30
CA VAL B 261 23.10 -45.23 19.82
C VAL B 261 22.95 -45.05 21.34
N ASN B 262 24.06 -45.02 22.09
CA ASN B 262 24.05 -44.85 23.56
C ASN B 262 24.44 -43.43 24.03
N ALA B 263 24.51 -42.44 23.12
CA ALA B 263 24.91 -41.09 23.50
C ALA B 263 23.99 -40.39 24.51
N PHE B 264 22.71 -40.78 24.61
CA PHE B 264 21.77 -40.11 25.52
C PHE B 264 21.42 -40.93 26.75
N ASP B 265 22.17 -42.02 27.05
CA ASP B 265 21.85 -42.90 28.17
C ASP B 265 21.84 -42.25 29.55
N ALA B 266 22.72 -41.28 29.80
CA ALA B 266 22.77 -40.60 31.10
C ALA B 266 21.69 -39.51 31.26
N LEU B 267 20.96 -39.16 30.20
CA LEU B 267 20.00 -38.05 30.25
C LEU B 267 18.61 -38.49 30.71
N THR B 268 18.51 -39.00 31.93
CA THR B 268 17.24 -39.50 32.46
C THR B 268 16.21 -38.38 32.71
N GLU B 269 16.65 -37.13 32.88
CA GLU B 269 15.75 -36.01 33.10
C GLU B 269 15.46 -35.20 31.83
N LEU B 270 15.93 -35.63 30.64
CA LEU B 270 15.72 -34.87 29.43
C LEU B 270 14.23 -34.71 29.09
N LYS B 271 13.79 -33.47 28.90
CA LYS B 271 12.42 -33.12 28.53
C LYS B 271 12.37 -32.61 27.08
N VAL B 272 13.41 -31.88 26.63
CA VAL B 272 13.43 -31.33 25.27
C VAL B 272 14.68 -31.78 24.54
N LEU B 273 14.52 -32.36 23.35
CA LEU B 273 15.61 -32.78 22.48
C LEU B 273 15.34 -32.16 21.11
N ARG B 274 16.24 -31.30 20.65
CA ARG B 274 16.06 -30.64 19.37
C ARG B 274 17.17 -31.10 18.41
N LEU B 275 16.75 -31.82 17.36
CA LEU B 275 17.60 -32.37 16.33
C LEU B 275 17.10 -31.90 14.97
N HIS B 276 16.89 -30.59 14.84
CA HIS B 276 16.42 -29.94 13.63
C HIS B 276 17.62 -29.74 12.69
N SER B 277 17.46 -30.01 11.41
CA SER B 277 18.52 -29.77 10.43
C SER B 277 19.85 -30.41 10.79
N ASN B 278 19.83 -31.73 10.95
CA ASN B 278 21.01 -32.55 11.20
C ASN B 278 21.19 -33.61 10.06
N SER B 279 20.47 -33.48 8.91
CA SER B 279 20.55 -34.39 7.77
C SER B 279 20.36 -35.87 8.16
N LEU B 280 19.55 -36.15 9.21
CA LEU B 280 19.31 -37.51 9.68
C LEU B 280 18.49 -38.30 8.70
N GLN B 281 18.88 -39.55 8.44
CA GLN B 281 18.14 -40.45 7.56
C GLN B 281 17.39 -41.51 8.36
N HIS B 282 17.82 -41.81 9.60
CA HIS B 282 17.19 -42.78 10.49
C HIS B 282 17.19 -42.21 11.92
N VAL B 283 16.25 -42.69 12.73
CA VAL B 283 16.13 -42.32 14.13
C VAL B 283 16.17 -43.64 14.89
N PRO B 284 17.36 -44.09 15.34
CA PRO B 284 17.43 -45.43 15.98
C PRO B 284 16.63 -45.49 17.27
N PRO B 285 15.72 -46.48 17.45
CA PRO B 285 14.98 -46.57 18.72
C PRO B 285 15.87 -46.57 19.96
N ARG B 286 17.04 -47.20 19.87
CA ARG B 286 18.00 -47.30 20.96
C ARG B 286 18.37 -45.92 21.57
N TRP B 287 18.22 -44.80 20.81
CA TRP B 287 18.50 -43.47 21.36
C TRP B 287 17.67 -43.16 22.61
N PHE B 288 16.38 -43.57 22.62
CA PHE B 288 15.44 -43.26 23.69
C PHE B 288 15.24 -44.37 24.72
N LYS B 289 16.19 -45.31 24.85
CA LYS B 289 16.09 -46.41 25.81
C LYS B 289 15.92 -45.88 27.26
N ASN B 290 16.84 -45.01 27.72
CA ASN B 290 16.80 -44.46 29.08
C ASN B 290 16.12 -43.10 29.18
N ILE B 291 15.53 -42.58 28.07
CA ILE B 291 14.84 -41.30 28.09
C ILE B 291 13.35 -41.62 28.12
N ASN B 292 12.79 -41.74 29.32
CA ASN B 292 11.37 -42.05 29.48
C ASN B 292 10.52 -40.78 29.57
N ASN B 293 11.06 -39.69 30.15
CA ASN B 293 10.30 -38.46 30.38
C ASN B 293 10.38 -37.41 29.25
N LEU B 294 10.77 -37.78 28.01
CA LEU B 294 10.88 -36.81 26.93
C LEU B 294 9.52 -36.23 26.55
N GLN B 295 9.41 -34.89 26.54
CA GLN B 295 8.16 -34.20 26.25
C GLN B 295 8.15 -33.53 24.88
N GLU B 296 9.28 -32.99 24.42
CA GLU B 296 9.34 -32.29 23.13
C GLU B 296 10.46 -32.88 22.28
N LEU B 297 10.16 -33.21 21.01
CA LEU B 297 11.13 -33.76 20.08
C LEU B 297 11.01 -33.06 18.73
N ASP B 298 12.04 -32.30 18.33
CA ASP B 298 12.05 -31.62 17.04
C ASP B 298 12.98 -32.38 16.10
N LEU B 299 12.42 -33.01 15.06
CA LEU B 299 13.17 -33.74 14.02
C LEU B 299 12.89 -33.12 12.64
N SER B 300 12.61 -31.81 12.58
CA SER B 300 12.34 -31.15 11.32
C SER B 300 13.63 -30.90 10.53
N GLN B 301 13.50 -30.72 9.21
CA GLN B 301 14.63 -30.42 8.32
C GLN B 301 15.71 -31.50 8.32
N ASN B 302 15.29 -32.74 8.27
CA ASN B 302 16.19 -33.88 8.12
C ASN B 302 15.76 -34.59 6.80
N PHE B 303 16.16 -35.87 6.59
CA PHE B 303 15.79 -36.67 5.43
C PHE B 303 15.07 -37.90 5.97
N LEU B 304 14.01 -37.67 6.76
CA LEU B 304 13.26 -38.73 7.44
C LEU B 304 11.92 -39.11 6.79
N ALA B 305 11.71 -38.83 5.49
CA ALA B 305 10.44 -39.19 4.83
C ALA B 305 10.15 -40.70 4.88
N LYS B 306 11.17 -41.54 4.59
CA LYS B 306 11.03 -43.00 4.65
C LYS B 306 10.85 -43.43 6.10
N GLU B 307 11.63 -42.86 7.02
CA GLU B 307 11.54 -43.18 8.44
C GLU B 307 10.15 -42.89 9.00
N ILE B 308 9.45 -41.84 8.51
CA ILE B 308 8.09 -41.55 9.00
C ILE B 308 7.14 -42.76 8.82
N GLY B 309 7.35 -43.55 7.76
CA GLY B 309 6.55 -44.75 7.50
C GLY B 309 6.94 -45.97 8.32
N ASP B 310 7.99 -45.88 9.15
CA ASP B 310 8.48 -46.99 9.99
C ASP B 310 8.51 -46.53 11.47
N ALA B 311 9.35 -45.53 11.80
CA ALA B 311 9.43 -44.85 13.09
C ALA B 311 9.25 -45.75 14.33
N LYS B 312 10.00 -46.85 14.41
CA LYS B 312 9.92 -47.75 15.56
C LYS B 312 10.28 -47.02 16.88
N PHE B 313 11.09 -45.94 16.81
CA PHE B 313 11.45 -45.16 18.00
C PHE B 313 10.26 -44.54 18.76
N LEU B 314 9.10 -44.35 18.09
CA LEU B 314 7.93 -43.77 18.74
C LEU B 314 7.37 -44.68 19.85
N HIS B 315 7.66 -46.00 19.83
CA HIS B 315 7.22 -46.92 20.89
C HIS B 315 7.88 -46.61 22.23
N PHE B 316 9.02 -45.89 22.24
CA PHE B 316 9.75 -45.53 23.47
C PHE B 316 9.43 -44.12 23.96
N LEU B 317 8.38 -43.46 23.42
CA LEU B 317 8.04 -42.09 23.79
C LEU B 317 6.56 -41.94 24.22
N PRO B 318 6.11 -42.69 25.25
CA PRO B 318 4.70 -42.58 25.68
C PRO B 318 4.32 -41.27 26.38
N ASN B 319 5.31 -40.49 26.85
CA ASN B 319 5.06 -39.21 27.52
C ASN B 319 5.27 -38.00 26.60
N LEU B 320 5.57 -38.21 25.31
CA LEU B 320 5.85 -37.10 24.40
C LEU B 320 4.60 -36.25 24.17
N ILE B 321 4.74 -34.94 24.33
CA ILE B 321 3.67 -33.96 24.17
C ILE B 321 3.73 -33.35 22.78
N GLN B 322 4.92 -33.00 22.29
CA GLN B 322 5.09 -32.32 21.01
C GLN B 322 6.09 -33.07 20.13
N LEU B 323 5.69 -33.35 18.88
CA LEU B 323 6.53 -34.01 17.89
C LEU B 323 6.49 -33.19 16.60
N ASP B 324 7.67 -32.80 16.08
CA ASP B 324 7.76 -32.03 14.84
C ASP B 324 8.62 -32.80 13.82
N LEU B 325 8.01 -33.21 12.70
CA LEU B 325 8.69 -33.93 11.61
C LEU B 325 8.53 -33.16 10.28
N SER B 326 8.49 -31.83 10.36
CA SER B 326 8.32 -30.96 9.19
C SER B 326 9.56 -30.90 8.30
N PHE B 327 9.34 -30.64 7.02
CA PHE B 327 10.37 -30.47 6.01
C PHE B 327 11.38 -31.62 5.98
N ASN B 328 10.86 -32.83 5.86
CA ASN B 328 11.65 -34.05 5.68
C ASN B 328 11.45 -34.63 4.26
N PHE B 329 10.87 -33.86 3.32
CA PHE B 329 10.62 -34.33 1.95
C PHE B 329 11.86 -34.81 1.24
N GLU B 330 11.68 -35.74 0.29
CA GLU B 330 12.78 -36.20 -0.55
C GLU B 330 12.77 -35.24 -1.74
N LEU B 331 13.95 -34.73 -2.12
CA LEU B 331 14.06 -33.83 -3.27
C LEU B 331 13.52 -34.47 -4.56
N GLN B 332 12.80 -33.69 -5.38
CA GLN B 332 12.25 -34.15 -6.68
C GLN B 332 11.25 -35.31 -6.61
N VAL B 333 10.65 -35.60 -5.44
CA VAL B 333 9.65 -36.66 -5.34
C VAL B 333 8.31 -36.04 -4.95
N TYR B 334 7.23 -36.46 -5.62
CA TYR B 334 5.89 -36.00 -5.27
C TYR B 334 5.10 -37.26 -4.86
N ARG B 335 5.21 -37.68 -3.59
CA ARG B 335 4.52 -38.88 -3.12
C ARG B 335 3.01 -38.79 -3.32
N ALA B 336 2.36 -39.92 -3.63
CA ALA B 336 0.93 -39.95 -3.83
C ALA B 336 0.17 -39.76 -2.50
N SER B 337 0.75 -40.22 -1.38
CA SER B 337 0.07 -40.17 -0.09
C SER B 337 1.06 -40.01 1.07
N MET B 338 0.55 -39.76 2.30
CA MET B 338 1.37 -39.65 3.48
C MET B 338 1.38 -41.01 4.17
N ASN B 339 2.55 -41.65 4.29
CA ASN B 339 2.68 -42.95 4.94
C ASN B 339 3.12 -42.74 6.39
N LEU B 340 2.14 -42.72 7.32
CA LEU B 340 2.41 -42.61 8.75
C LEU B 340 2.45 -44.00 9.32
N SER B 341 3.52 -44.34 10.01
CA SER B 341 3.65 -45.65 10.64
C SER B 341 2.57 -45.87 11.68
N GLN B 342 2.19 -47.14 11.91
CA GLN B 342 1.24 -47.46 12.99
C GLN B 342 1.86 -47.13 14.36
N ALA B 343 3.21 -47.01 14.47
CA ALA B 343 3.89 -46.66 15.71
C ALA B 343 3.41 -45.33 16.30
N PHE B 344 2.88 -44.42 15.46
CA PHE B 344 2.31 -43.15 15.95
C PHE B 344 1.18 -43.37 16.95
N SER B 345 0.46 -44.53 16.88
CA SER B 345 -0.60 -44.87 17.83
C SER B 345 -0.08 -45.10 19.27
N SER B 346 1.24 -45.32 19.45
CA SER B 346 1.81 -45.52 20.78
C SER B 346 2.21 -44.18 21.45
N LEU B 347 1.89 -43.01 20.85
CA LEU B 347 2.20 -41.71 21.41
C LEU B 347 1.01 -41.22 22.24
N LYS B 348 0.69 -41.96 23.31
CA LYS B 348 -0.46 -41.72 24.19
C LYS B 348 -0.63 -40.28 24.69
N SER B 349 0.48 -39.58 25.05
CA SER B 349 0.41 -38.23 25.59
C SER B 349 0.44 -37.09 24.56
N LEU B 350 0.63 -37.38 23.27
CA LEU B 350 0.79 -36.35 22.25
C LEU B 350 -0.35 -35.33 22.16
N LYS B 351 0.01 -34.04 22.16
CA LYS B 351 -0.90 -32.90 22.02
C LYS B 351 -0.68 -32.23 20.67
N ILE B 352 0.58 -32.13 20.20
CA ILE B 352 0.87 -31.43 18.95
C ILE B 352 1.71 -32.30 18.01
N LEU B 353 1.26 -32.45 16.77
CA LEU B 353 1.98 -33.20 15.74
C LEU B 353 2.10 -32.30 14.53
N ARG B 354 3.33 -32.01 14.09
CA ARG B 354 3.53 -31.16 12.92
C ARG B 354 4.28 -31.92 11.86
N ILE B 355 3.74 -31.98 10.65
CA ILE B 355 4.39 -32.64 9.53
C ILE B 355 4.15 -31.80 8.29
N ARG B 356 4.68 -30.59 8.31
CA ARG B 356 4.69 -29.71 7.15
C ARG B 356 5.79 -30.21 6.21
N GLY B 357 5.75 -29.80 4.95
CA GLY B 357 6.80 -30.15 4.01
C GLY B 357 7.21 -31.61 3.89
N TYR B 358 6.23 -32.52 3.92
CA TYR B 358 6.39 -33.94 3.62
C TYR B 358 6.20 -34.08 2.07
N VAL B 359 5.24 -33.31 1.47
CA VAL B 359 4.96 -33.22 0.04
C VAL B 359 4.28 -34.50 -0.49
N PHE B 360 2.95 -34.46 -0.56
CA PHE B 360 2.14 -35.56 -1.06
C PHE B 360 0.88 -35.02 -1.76
N LYS B 361 0.37 -35.78 -2.75
CA LYS B 361 -0.75 -35.37 -3.58
C LYS B 361 -2.13 -35.49 -2.98
N GLU B 362 -2.42 -36.55 -2.23
CA GLU B 362 -3.74 -36.80 -1.72
C GLU B 362 -3.72 -37.29 -0.29
N LEU B 363 -4.60 -36.73 0.54
CA LEU B 363 -4.78 -37.14 1.92
C LEU B 363 -6.10 -37.95 1.99
N LYS B 364 -6.01 -39.22 2.44
CA LYS B 364 -7.17 -40.10 2.60
C LYS B 364 -7.34 -40.42 4.08
N SER B 365 -8.58 -40.64 4.51
CA SER B 365 -8.94 -40.85 5.91
C SER B 365 -8.13 -41.94 6.65
N PHE B 366 -7.90 -43.08 6.00
CA PHE B 366 -7.17 -44.17 6.63
C PHE B 366 -5.68 -43.87 6.85
N GLN B 367 -5.11 -42.91 6.11
CA GLN B 367 -3.71 -42.52 6.33
C GLN B 367 -3.53 -41.86 7.71
N LEU B 368 -4.60 -41.27 8.29
CA LEU B 368 -4.57 -40.67 9.62
C LEU B 368 -5.09 -41.63 10.72
N SER B 369 -5.33 -42.94 10.39
CA SER B 369 -5.82 -43.90 11.36
C SER B 369 -4.85 -44.14 12.54
N PRO B 370 -3.51 -44.13 12.36
CA PRO B 370 -2.62 -44.25 13.53
C PRO B 370 -2.84 -43.18 14.61
N LEU B 371 -3.49 -42.05 14.27
CA LEU B 371 -3.76 -40.95 15.21
C LEU B 371 -5.14 -41.03 15.89
N HIS B 372 -6.07 -41.86 15.36
CA HIS B 372 -7.47 -41.97 15.80
C HIS B 372 -7.71 -42.06 17.33
N ASN B 373 -6.93 -42.89 18.04
CA ASN B 373 -7.13 -43.04 19.49
C ASN B 373 -6.10 -42.28 20.33
N LEU B 374 -5.48 -41.22 19.79
CA LEU B 374 -4.58 -40.38 20.58
C LEU B 374 -5.49 -39.36 21.24
N GLN B 375 -5.90 -39.66 22.48
CA GLN B 375 -6.91 -38.90 23.22
C GLN B 375 -6.54 -37.47 23.56
N ASN B 376 -5.24 -37.16 23.71
CA ASN B 376 -4.82 -35.80 24.06
C ASN B 376 -4.42 -34.94 22.85
N LEU B 377 -4.61 -35.44 21.60
CA LEU B 377 -4.22 -34.70 20.40
C LEU B 377 -5.06 -33.41 20.26
N GLU B 378 -4.39 -32.26 20.10
CA GLU B 378 -4.96 -30.93 20.00
C GLU B 378 -4.64 -30.23 18.67
N VAL B 379 -3.42 -30.43 18.14
CA VAL B 379 -3.02 -29.77 16.90
C VAL B 379 -2.50 -30.80 15.94
N LEU B 380 -3.03 -30.82 14.71
CA LEU B 380 -2.53 -31.66 13.63
C LEU B 380 -2.19 -30.67 12.52
N ASP B 381 -0.90 -30.46 12.25
CA ASP B 381 -0.47 -29.51 11.26
C ASP B 381 0.13 -30.20 10.04
N LEU B 382 -0.60 -30.18 8.92
CA LEU B 382 -0.15 -30.73 7.66
C LEU B 382 -0.11 -29.62 6.60
N GLY B 383 0.35 -28.43 6.98
CA GLY B 383 0.49 -27.33 6.04
C GLY B 383 1.69 -27.46 5.13
N THR B 384 1.73 -26.71 4.02
CA THR B 384 2.85 -26.69 3.07
C THR B 384 3.24 -28.11 2.62
N ASN B 385 2.27 -28.85 2.10
CA ASN B 385 2.49 -30.22 1.61
C ASN B 385 2.07 -30.39 0.15
N PHE B 386 1.59 -29.33 -0.54
CA PHE B 386 1.11 -29.41 -1.92
C PHE B 386 0.02 -30.48 -2.08
N ILE B 387 -0.82 -30.66 -1.05
CA ILE B 387 -1.94 -31.59 -1.08
C ILE B 387 -2.95 -31.05 -2.10
N LYS B 388 -3.38 -31.85 -3.08
CA LYS B 388 -4.35 -31.46 -4.10
C LYS B 388 -5.76 -31.90 -3.74
N ILE B 389 -5.90 -33.09 -3.11
CA ILE B 389 -7.19 -33.69 -2.79
C ILE B 389 -7.31 -34.02 -1.31
N ALA B 390 -8.44 -33.67 -0.69
CA ALA B 390 -8.69 -34.02 0.71
C ALA B 390 -10.18 -33.93 1.02
N ASN B 391 -10.80 -35.06 1.40
CA ASN B 391 -12.21 -35.04 1.79
C ASN B 391 -12.24 -34.48 3.20
N LEU B 392 -12.72 -33.24 3.35
CA LEU B 392 -12.77 -32.59 4.65
C LEU B 392 -13.63 -33.35 5.67
N SER B 393 -14.57 -34.19 5.22
CA SER B 393 -15.40 -34.98 6.12
C SER B 393 -14.59 -35.96 6.97
N MET B 394 -13.35 -36.33 6.57
CA MET B 394 -12.51 -37.23 7.38
C MET B 394 -12.25 -36.66 8.80
N PHE B 395 -12.28 -35.32 8.94
CA PHE B 395 -12.04 -34.69 10.22
C PHE B 395 -13.20 -34.82 11.21
N LYS B 396 -14.27 -35.58 10.87
CA LYS B 396 -15.35 -35.92 11.81
C LYS B 396 -14.79 -36.82 12.96
N GLN B 397 -13.74 -37.62 12.68
CA GLN B 397 -13.07 -38.45 13.68
C GLN B 397 -11.99 -37.64 14.48
N PHE B 398 -11.93 -36.29 14.30
CA PHE B 398 -10.96 -35.42 14.97
C PHE B 398 -11.66 -34.25 15.68
N LYS B 399 -12.89 -34.46 16.20
CA LYS B 399 -13.67 -33.43 16.89
C LYS B 399 -12.96 -32.91 18.15
N ARG B 400 -12.18 -33.77 18.81
CA ARG B 400 -11.45 -33.39 20.03
C ARG B 400 -10.33 -32.38 19.76
N LEU B 401 -9.82 -32.30 18.52
CA LEU B 401 -8.72 -31.38 18.20
C LEU B 401 -9.14 -29.92 18.30
N LYS B 402 -8.17 -29.07 18.67
CA LYS B 402 -8.33 -27.63 18.77
C LYS B 402 -8.06 -26.99 17.42
N VAL B 403 -7.02 -27.44 16.69
CA VAL B 403 -6.67 -26.89 15.39
C VAL B 403 -6.29 -28.00 14.40
N ILE B 404 -6.87 -27.98 13.20
CA ILE B 404 -6.51 -28.86 12.09
C ILE B 404 -5.97 -27.88 11.07
N ASP B 405 -4.66 -27.88 10.87
CA ASP B 405 -4.02 -26.90 10.01
C ASP B 405 -3.62 -27.49 8.67
N LEU B 406 -4.34 -27.12 7.59
CA LEU B 406 -4.02 -27.51 6.21
C LEU B 406 -3.67 -26.25 5.38
N SER B 407 -3.11 -25.23 6.02
CA SER B 407 -2.77 -23.98 5.38
C SER B 407 -1.67 -24.18 4.35
N VAL B 408 -1.71 -23.42 3.26
CA VAL B 408 -0.69 -23.45 2.21
C VAL B 408 -0.60 -24.83 1.57
N ASN B 409 -1.66 -25.22 0.90
CA ASN B 409 -1.73 -26.46 0.16
C ASN B 409 -2.46 -26.17 -1.19
N LYS B 410 -2.68 -27.17 -2.05
CA LYS B 410 -3.35 -26.97 -3.34
C LYS B 410 -4.74 -27.63 -3.37
N ILE B 411 -5.38 -27.86 -2.21
CA ILE B 411 -6.71 -28.49 -2.15
C ILE B 411 -7.73 -27.70 -3.00
N SER B 412 -8.61 -28.44 -3.69
CA SER B 412 -9.63 -27.84 -4.54
C SER B 412 -10.81 -28.81 -4.71
N PRO B 413 -12.03 -28.34 -5.04
CA PRO B 413 -13.14 -29.28 -5.24
C PRO B 413 -12.89 -30.22 -6.42
N LEU B 441 8.42 -17.00 9.08
CA LEU B 441 9.73 -17.64 9.06
C LEU B 441 9.96 -18.33 10.41
N TYR B 442 9.96 -19.67 10.41
CA TYR B 442 10.10 -20.50 11.60
C TYR B 442 11.03 -21.68 11.30
N TYR B 443 10.64 -22.55 10.35
CA TYR B 443 11.44 -23.71 9.96
C TYR B 443 12.66 -23.35 9.14
N PHE B 444 12.64 -22.20 8.45
CA PHE B 444 13.76 -21.82 7.59
C PHE B 444 14.59 -20.66 8.16
N ARG B 445 14.27 -20.09 9.34
CA ARG B 445 15.13 -19.06 9.89
C ARG B 445 16.36 -19.68 10.56
N TYR B 446 17.48 -18.97 10.48
CA TYR B 446 18.77 -19.45 10.99
C TYR B 446 18.72 -19.78 12.48
N ASP B 447 18.25 -18.85 13.29
CA ASP B 447 18.18 -19.02 14.73
C ASP B 447 16.87 -18.40 15.20
N LYS B 448 15.86 -19.23 15.45
CA LYS B 448 14.55 -18.74 15.89
C LYS B 448 14.57 -18.18 17.33
N TYR B 449 15.62 -18.46 18.13
CA TYR B 449 15.74 -17.91 19.47
C TYR B 449 16.78 -16.76 19.52
N ALA B 450 17.04 -16.08 18.39
CA ALA B 450 18.02 -15.00 18.35
C ALA B 450 17.49 -13.77 19.09
N ARG B 451 18.33 -13.18 19.93
CA ARG B 451 18.01 -12.01 20.74
C ARG B 451 18.28 -10.74 19.96
N SER B 452 17.32 -9.80 19.98
CA SER B 452 17.50 -8.49 19.34
C SER B 452 18.06 -7.52 20.38
N CYS B 453 18.68 -6.44 19.91
CA CYS B 453 19.22 -5.41 20.79
C CYS B 453 18.07 -4.68 21.50
N SER B 468 -6.50 -14.15 15.49
CA SER B 468 -6.56 -15.61 15.52
C SER B 468 -7.91 -16.07 16.09
N CYS B 469 -8.50 -17.13 15.50
CA CYS B 469 -9.81 -17.63 15.93
C CYS B 469 -9.77 -18.90 16.76
N TYR B 470 -8.58 -19.37 17.19
CA TYR B 470 -8.47 -20.61 17.98
C TYR B 470 -9.28 -20.55 19.26
N LYS B 471 -9.38 -19.35 19.88
CA LYS B 471 -10.15 -19.13 21.11
C LYS B 471 -11.64 -19.50 20.97
N TYR B 472 -12.19 -19.49 19.74
CA TYR B 472 -13.61 -19.85 19.52
C TYR B 472 -13.89 -21.34 19.64
N GLY B 473 -12.88 -22.19 19.50
CA GLY B 473 -13.02 -23.65 19.60
C GLY B 473 -12.42 -24.35 18.40
N GLN B 474 -12.95 -25.53 18.03
CA GLN B 474 -12.43 -26.32 16.90
C GLN B 474 -12.27 -25.51 15.62
N THR B 475 -11.01 -25.38 15.15
CA THR B 475 -10.67 -24.61 13.97
C THR B 475 -10.18 -25.53 12.86
N LEU B 476 -10.63 -25.27 11.63
CA LEU B 476 -10.17 -25.98 10.45
C LEU B 476 -9.58 -24.91 9.57
N ASP B 477 -8.25 -24.89 9.46
CA ASP B 477 -7.57 -23.87 8.67
C ASP B 477 -7.27 -24.36 7.27
N LEU B 478 -8.06 -23.90 6.28
CA LEU B 478 -7.86 -24.19 4.86
C LEU B 478 -7.31 -22.95 4.13
N SER B 479 -6.66 -22.01 4.82
CA SER B 479 -6.16 -20.81 4.19
C SER B 479 -5.06 -21.10 3.18
N LYS B 480 -4.93 -20.22 2.19
CA LYS B 480 -3.94 -20.30 1.12
C LYS B 480 -3.99 -21.65 0.41
N ASN B 481 -5.18 -21.99 -0.03
CA ASN B 481 -5.45 -23.21 -0.78
C ASN B 481 -6.05 -22.82 -2.16
N SER B 482 -6.50 -23.81 -2.95
CA SER B 482 -7.02 -23.56 -4.31
C SER B 482 -8.54 -23.81 -4.42
N ILE B 483 -9.29 -23.61 -3.33
CA ILE B 483 -10.73 -23.86 -3.35
C ILE B 483 -11.36 -22.72 -4.15
N PHE B 484 -11.87 -23.02 -5.34
CA PHE B 484 -12.48 -22.03 -6.23
C PHE B 484 -14.03 -22.02 -6.16
N PHE B 485 -14.62 -23.07 -5.61
CA PHE B 485 -16.07 -23.19 -5.49
C PHE B 485 -16.39 -24.02 -4.26
N ILE B 486 -17.45 -23.66 -3.52
CA ILE B 486 -17.86 -24.38 -2.33
C ILE B 486 -19.32 -24.78 -2.42
N LYS B 487 -19.63 -25.95 -1.87
CA LYS B 487 -20.98 -26.50 -1.81
C LYS B 487 -21.18 -27.13 -0.42
N SER B 488 -22.44 -27.23 0.04
CA SER B 488 -22.75 -27.78 1.36
C SER B 488 -22.08 -29.12 1.66
N SER B 489 -22.14 -30.07 0.70
CA SER B 489 -21.58 -31.41 0.85
C SER B 489 -20.08 -31.43 1.17
N ASP B 490 -19.35 -30.35 0.82
CA ASP B 490 -17.91 -30.27 1.13
C ASP B 490 -17.65 -30.25 2.64
N PHE B 491 -18.60 -29.69 3.42
CA PHE B 491 -18.49 -29.56 4.86
C PHE B 491 -19.40 -30.55 5.62
N GLN B 492 -19.77 -31.67 4.99
CA GLN B 492 -20.64 -32.66 5.63
C GLN B 492 -19.88 -33.34 6.78
N HIS B 493 -20.60 -33.62 7.87
CA HIS B 493 -20.04 -34.22 9.07
C HIS B 493 -19.10 -33.29 9.86
N LEU B 494 -19.07 -31.98 9.54
CA LEU B 494 -18.23 -30.99 10.23
C LEU B 494 -19.07 -29.95 10.98
N SER B 495 -20.28 -30.31 11.44
CA SER B 495 -21.15 -29.41 12.19
C SER B 495 -20.54 -28.95 13.52
N PHE B 496 -19.55 -29.67 14.05
CA PHE B 496 -18.89 -29.30 15.30
C PHE B 496 -17.94 -28.09 15.15
N LEU B 497 -17.49 -27.74 13.93
CA LEU B 497 -16.53 -26.64 13.77
C LEU B 497 -17.02 -25.32 14.33
N LYS B 498 -16.11 -24.59 14.98
CA LYS B 498 -16.37 -23.27 15.54
C LYS B 498 -15.70 -22.17 14.70
N CYS B 499 -14.60 -22.48 13.99
CA CYS B 499 -13.94 -21.52 13.12
C CYS B 499 -13.49 -22.21 11.85
N LEU B 500 -13.68 -21.55 10.72
CA LEU B 500 -13.26 -22.06 9.45
C LEU B 500 -12.50 -20.94 8.79
N ASN B 501 -11.22 -21.17 8.46
CA ASN B 501 -10.43 -20.16 7.79
C ASN B 501 -10.27 -20.54 6.31
N LEU B 502 -11.02 -19.85 5.44
CA LEU B 502 -10.93 -19.99 3.98
C LEU B 502 -10.18 -18.79 3.38
N SER B 503 -9.37 -18.08 4.16
CA SER B 503 -8.65 -16.92 3.67
C SER B 503 -7.68 -17.28 2.57
N GLY B 504 -7.61 -16.46 1.54
CA GLY B 504 -6.64 -16.67 0.48
C GLY B 504 -6.89 -17.89 -0.37
N ASN B 505 -8.14 -18.16 -0.69
CA ASN B 505 -8.51 -19.24 -1.61
C ASN B 505 -8.89 -18.55 -2.95
N LEU B 506 -9.57 -19.24 -3.87
CA LEU B 506 -9.91 -18.67 -5.18
C LEU B 506 -11.42 -18.60 -5.37
N ILE B 507 -12.20 -18.35 -4.30
CA ILE B 507 -13.65 -18.42 -4.33
C ILE B 507 -14.28 -17.21 -5.00
N SER B 508 -14.77 -17.36 -6.26
CA SER B 508 -15.48 -16.32 -7.02
C SER B 508 -16.89 -16.83 -7.20
N GLN B 509 -17.70 -16.65 -6.17
CA GLN B 509 -19.05 -17.20 -6.13
C GLN B 509 -20.08 -16.18 -5.64
N THR B 510 -21.33 -16.32 -6.12
CA THR B 510 -22.48 -15.53 -5.68
C THR B 510 -23.15 -16.37 -4.59
N LEU B 511 -22.64 -16.29 -3.36
CA LEU B 511 -23.19 -17.06 -2.24
C LEU B 511 -24.68 -16.71 -2.01
N ASN B 512 -25.54 -17.71 -1.82
CA ASN B 512 -26.98 -17.53 -1.65
C ASN B 512 -27.53 -18.08 -0.31
N GLY B 513 -26.66 -18.42 0.64
CA GLY B 513 -27.10 -18.95 1.92
C GLY B 513 -27.30 -20.45 1.97
N SER B 514 -26.66 -21.21 1.07
CA SER B 514 -26.77 -22.67 1.04
C SER B 514 -25.40 -23.37 1.08
N GLU B 515 -24.30 -22.65 0.87
CA GLU B 515 -22.96 -23.24 0.77
C GLU B 515 -22.39 -23.80 2.06
N PHE B 516 -22.74 -23.24 3.21
CA PHE B 516 -22.22 -23.67 4.50
C PHE B 516 -23.31 -24.26 5.40
N GLN B 517 -24.37 -24.84 4.80
CA GLN B 517 -25.49 -25.37 5.56
C GLN B 517 -25.10 -26.32 6.71
N PRO B 518 -24.14 -27.26 6.54
CA PRO B 518 -23.81 -28.17 7.66
C PRO B 518 -23.09 -27.53 8.84
N LEU B 519 -22.48 -26.34 8.66
CA LEU B 519 -21.71 -25.68 9.71
C LEU B 519 -22.60 -24.92 10.72
N ALA B 520 -23.44 -25.68 11.43
CA ALA B 520 -24.41 -25.16 12.38
C ALA B 520 -23.80 -24.49 13.63
N GLU B 521 -22.62 -24.93 14.08
CA GLU B 521 -22.00 -24.35 15.27
C GLU B 521 -20.97 -23.27 14.98
N LEU B 522 -20.69 -22.95 13.70
CA LEU B 522 -19.65 -21.98 13.36
C LEU B 522 -19.87 -20.60 13.95
N ARG B 523 -18.84 -20.08 14.63
CA ARG B 523 -18.83 -18.76 15.26
C ARG B 523 -17.91 -17.77 14.51
N TYR B 524 -16.88 -18.27 13.79
CA TYR B 524 -15.94 -17.40 13.11
C TYR B 524 -15.71 -17.92 11.70
N LEU B 525 -15.90 -17.05 10.69
CA LEU B 525 -15.61 -17.41 9.31
C LEU B 525 -14.66 -16.39 8.76
N ASP B 526 -13.43 -16.80 8.42
CA ASP B 526 -12.49 -15.90 7.77
C ASP B 526 -12.61 -16.22 6.29
N PHE B 527 -13.26 -15.33 5.53
CA PHE B 527 -13.43 -15.43 4.08
C PHE B 527 -12.59 -14.31 3.38
N SER B 528 -11.56 -13.78 4.04
CA SER B 528 -10.75 -12.71 3.44
C SER B 528 -9.91 -13.23 2.26
N ASN B 529 -9.46 -12.32 1.38
CA ASN B 529 -8.63 -12.65 0.23
C ASN B 529 -9.28 -13.72 -0.67
N ASN B 530 -10.56 -13.49 -1.04
CA ASN B 530 -11.34 -14.31 -1.97
C ASN B 530 -12.02 -13.34 -2.98
N ARG B 531 -12.98 -13.80 -3.79
CA ARG B 531 -13.70 -12.96 -4.74
C ARG B 531 -15.20 -13.11 -4.52
N LEU B 532 -15.65 -12.78 -3.32
CA LEU B 532 -17.07 -12.82 -2.96
C LEU B 532 -17.88 -11.92 -3.89
N ASP B 533 -19.01 -12.40 -4.40
CA ASP B 533 -19.91 -11.59 -5.21
C ASP B 533 -21.21 -11.50 -4.42
N LEU B 534 -21.49 -10.32 -3.81
CA LEU B 534 -22.70 -10.08 -3.03
C LEU B 534 -23.87 -9.71 -3.95
N LEU B 535 -24.27 -10.63 -4.82
CA LEU B 535 -25.45 -10.46 -5.66
C LEU B 535 -26.69 -10.64 -4.77
N HIS B 536 -26.66 -11.63 -3.83
CA HIS B 536 -27.77 -11.96 -2.94
C HIS B 536 -27.55 -11.44 -1.53
N SER B 537 -28.59 -10.84 -0.93
CA SER B 537 -28.51 -10.40 0.46
C SER B 537 -28.66 -11.59 1.47
N THR B 538 -28.90 -12.83 0.98
CA THR B 538 -29.01 -14.04 1.80
C THR B 538 -27.64 -14.72 2.00
N ALA B 539 -26.51 -14.15 1.50
CA ALA B 539 -25.19 -14.78 1.67
C ALA B 539 -24.85 -14.93 3.16
N PHE B 540 -24.33 -16.10 3.55
CA PHE B 540 -23.94 -16.39 4.94
C PHE B 540 -25.12 -16.56 5.94
N GLU B 541 -26.40 -16.42 5.52
CA GLU B 541 -27.52 -16.52 6.47
C GLU B 541 -27.70 -17.90 7.13
N GLU B 542 -27.25 -18.98 6.48
CA GLU B 542 -27.30 -20.33 7.05
C GLU B 542 -26.32 -20.48 8.25
N LEU B 543 -25.34 -19.57 8.41
CA LEU B 543 -24.42 -19.61 9.55
C LEU B 543 -25.10 -18.91 10.72
N ARG B 544 -26.09 -19.58 11.29
CA ARG B 544 -26.95 -19.03 12.35
C ARG B 544 -26.24 -18.64 13.65
N LYS B 545 -25.09 -19.24 13.98
CA LYS B 545 -24.35 -18.90 15.19
C LYS B 545 -23.11 -18.03 14.91
N LEU B 546 -23.00 -17.42 13.71
CA LEU B 546 -21.84 -16.62 13.32
C LEU B 546 -21.72 -15.35 14.14
N GLU B 547 -20.57 -15.18 14.80
CA GLU B 547 -20.24 -14.03 15.63
C GLU B 547 -19.25 -13.12 14.91
N VAL B 548 -18.31 -13.69 14.13
CA VAL B 548 -17.34 -12.88 13.41
C VAL B 548 -17.27 -13.30 11.94
N LEU B 549 -17.35 -12.33 11.02
CA LEU B 549 -17.25 -12.59 9.60
C LEU B 549 -16.18 -11.67 9.04
N ASP B 550 -15.17 -12.25 8.39
CA ASP B 550 -14.15 -11.44 7.73
C ASP B 550 -14.33 -11.58 6.23
N ILE B 551 -14.71 -10.51 5.54
CA ILE B 551 -14.79 -10.53 4.08
C ILE B 551 -13.87 -9.40 3.52
N SER B 552 -12.74 -9.13 4.21
CA SER B 552 -11.78 -8.14 3.77
C SER B 552 -11.04 -8.65 2.56
N SER B 553 -10.51 -7.73 1.74
CA SER B 553 -9.75 -8.08 0.55
C SER B 553 -10.51 -9.02 -0.39
N ASN B 554 -11.78 -8.74 -0.61
CA ASN B 554 -12.64 -9.36 -1.62
C ASN B 554 -13.02 -8.20 -2.60
N SER B 555 -12.04 -7.35 -2.97
CA SER B 555 -12.26 -6.18 -3.82
C SER B 555 -12.65 -6.47 -5.25
N HIS B 556 -12.33 -7.67 -5.79
CA HIS B 556 -12.56 -8.01 -7.19
C HIS B 556 -13.91 -7.52 -7.78
N TYR B 557 -15.05 -7.94 -7.21
CA TYR B 557 -16.35 -7.53 -7.75
C TYR B 557 -16.74 -6.09 -7.37
N PHE B 558 -16.13 -5.50 -6.32
CA PHE B 558 -16.37 -4.10 -5.98
C PHE B 558 -15.60 -3.14 -6.94
N GLN B 559 -14.52 -3.62 -7.59
CA GLN B 559 -13.73 -2.81 -8.51
C GLN B 559 -14.35 -2.65 -9.91
N SER B 560 -15.34 -3.49 -10.31
CA SER B 560 -15.92 -3.36 -11.66
C SER B 560 -17.24 -2.61 -11.58
N GLU B 561 -17.39 -1.57 -12.43
CA GLU B 561 -18.57 -0.72 -12.41
C GLU B 561 -19.84 -1.43 -12.78
N GLY B 562 -20.94 -0.91 -12.23
CA GLY B 562 -22.28 -1.32 -12.60
C GLY B 562 -22.72 -2.73 -12.27
N ILE B 563 -22.24 -3.30 -11.18
CA ILE B 563 -22.69 -4.63 -10.76
C ILE B 563 -23.28 -4.53 -9.35
N THR B 564 -24.18 -5.44 -9.04
CA THR B 564 -24.92 -5.43 -7.79
C THR B 564 -24.07 -5.76 -6.56
N HIS B 565 -24.26 -5.01 -5.47
CA HIS B 565 -23.59 -5.24 -4.18
C HIS B 565 -24.63 -5.07 -3.10
N MET B 566 -25.09 -6.17 -2.50
CA MET B 566 -26.10 -6.10 -1.45
C MET B 566 -25.44 -5.98 -0.08
N LEU B 567 -25.05 -4.76 0.32
CA LEU B 567 -24.46 -4.55 1.65
C LEU B 567 -25.49 -4.71 2.80
N ASN B 568 -26.81 -4.90 2.49
CA ASN B 568 -27.83 -5.15 3.51
C ASN B 568 -27.87 -6.63 3.96
N PHE B 569 -26.90 -7.46 3.54
CA PHE B 569 -26.85 -8.88 3.89
C PHE B 569 -26.70 -9.15 5.39
N THR B 570 -26.27 -8.16 6.17
CA THR B 570 -26.05 -8.31 7.61
C THR B 570 -27.35 -8.52 8.42
N LYS B 571 -28.49 -8.04 7.91
CA LYS B 571 -29.78 -8.13 8.60
C LYS B 571 -30.15 -9.56 9.03
N ASN B 572 -29.80 -10.57 8.22
CA ASN B 572 -30.11 -11.96 8.51
C ASN B 572 -29.21 -12.64 9.56
N LEU B 573 -28.04 -12.05 9.88
CA LEU B 573 -27.10 -12.63 10.82
C LEU B 573 -27.40 -12.09 12.22
N LYS B 574 -28.23 -12.83 12.96
CA LYS B 574 -28.81 -12.41 14.23
C LYS B 574 -27.87 -12.37 15.44
N VAL B 575 -26.72 -13.06 15.43
CA VAL B 575 -25.78 -12.97 16.56
C VAL B 575 -24.40 -12.49 16.11
N LEU B 576 -24.29 -11.80 14.94
CA LEU B 576 -23.02 -11.28 14.43
C LEU B 576 -22.57 -10.12 15.29
N GLN B 577 -21.36 -10.20 15.85
CA GLN B 577 -20.77 -9.17 16.71
C GLN B 577 -19.77 -8.30 15.98
N LYS B 578 -18.99 -8.90 15.06
CA LYS B 578 -17.92 -8.20 14.37
C LYS B 578 -17.94 -8.54 12.87
N LEU B 579 -17.79 -7.53 12.04
CA LEU B 579 -17.77 -7.67 10.59
C LEU B 579 -16.59 -6.89 10.08
N MET B 580 -15.73 -7.52 9.27
CA MET B 580 -14.58 -6.85 8.69
C MET B 580 -14.75 -6.86 7.20
N MET B 581 -14.71 -5.69 6.61
CA MET B 581 -14.80 -5.56 5.16
C MET B 581 -13.81 -4.49 4.70
N ASN B 582 -12.56 -4.67 5.18
CA ASN B 582 -11.45 -3.80 4.88
C ASN B 582 -10.93 -4.07 3.46
N ASP B 583 -10.33 -3.07 2.84
CA ASP B 583 -9.65 -3.17 1.57
C ASP B 583 -10.47 -3.82 0.48
N ASN B 584 -11.74 -3.42 0.39
CA ASN B 584 -12.62 -3.91 -0.65
C ASN B 584 -12.82 -2.88 -1.76
N ASP B 585 -12.29 -1.63 -1.64
CA ASP B 585 -12.42 -0.62 -2.66
C ASP B 585 -13.91 -0.31 -2.96
N ILE B 586 -14.78 -0.41 -1.93
CA ILE B 586 -16.21 -0.20 -2.13
C ILE B 586 -16.46 1.26 -2.42
N SER B 587 -16.96 1.57 -3.61
CA SER B 587 -17.33 2.92 -4.02
C SER B 587 -18.81 3.00 -4.46
N SER B 588 -19.57 1.90 -4.34
CA SER B 588 -20.97 1.85 -4.76
C SER B 588 -21.71 0.76 -3.99
N SER B 589 -23.04 0.87 -3.91
CA SER B 589 -23.83 -0.12 -3.19
C SER B 589 -25.25 -0.13 -3.68
N THR B 590 -25.85 -1.31 -3.85
CA THR B 590 -27.24 -1.41 -4.26
C THR B 590 -28.15 -1.07 -3.06
N SER B 591 -27.72 -1.40 -1.83
CA SER B 591 -28.48 -1.06 -0.63
C SER B 591 -27.99 0.25 -0.08
N ARG B 592 -28.91 1.07 0.42
CA ARG B 592 -28.57 2.34 1.02
C ARG B 592 -28.30 2.25 2.52
N THR B 593 -28.71 1.14 3.17
CA THR B 593 -28.54 0.92 4.59
C THR B 593 -28.10 -0.49 4.92
N MET B 594 -27.14 -0.60 5.81
CA MET B 594 -26.74 -1.87 6.38
C MET B 594 -27.53 -1.94 7.69
N GLU B 595 -28.10 -3.11 8.01
CA GLU B 595 -28.88 -3.26 9.23
C GLU B 595 -28.42 -4.42 10.07
N SER B 596 -28.51 -4.26 11.38
CA SER B 596 -28.14 -5.31 12.32
C SER B 596 -28.60 -4.94 13.71
N GLU B 597 -29.24 -5.87 14.40
CA GLU B 597 -29.61 -5.68 15.79
C GLU B 597 -28.47 -6.13 16.73
N SER B 598 -27.41 -6.80 16.24
CA SER B 598 -26.36 -7.35 17.10
C SER B 598 -24.97 -6.84 16.87
N LEU B 599 -24.64 -6.36 15.66
CA LEU B 599 -23.28 -5.95 15.32
C LEU B 599 -22.74 -4.85 16.25
N ARG B 600 -21.56 -5.08 16.82
CA ARG B 600 -20.87 -4.14 17.70
C ARG B 600 -19.64 -3.50 17.03
N THR B 601 -18.99 -4.23 16.11
CA THR B 601 -17.79 -3.73 15.47
C THR B 601 -17.86 -3.88 13.97
N LEU B 602 -17.61 -2.78 13.25
CA LEU B 602 -17.55 -2.81 11.80
C LEU B 602 -16.22 -2.20 11.38
N GLU B 603 -15.40 -2.97 10.64
CA GLU B 603 -14.17 -2.43 10.08
C GLU B 603 -14.42 -2.22 8.59
N PHE B 604 -14.37 -0.96 8.14
CA PHE B 604 -14.64 -0.58 6.75
C PHE B 604 -13.48 0.27 6.19
N ARG B 605 -12.26 -0.03 6.60
CA ARG B 605 -11.08 0.73 6.18
C ARG B 605 -10.66 0.30 4.75
N GLY B 606 -10.03 1.18 3.98
CA GLY B 606 -9.57 0.83 2.64
C GLY B 606 -10.69 0.70 1.61
N ASN B 607 -11.70 1.54 1.75
CA ASN B 607 -12.84 1.57 0.81
C ASN B 607 -12.93 3.00 0.23
N HIS B 608 -14.02 3.33 -0.45
CA HIS B 608 -14.18 4.63 -1.07
C HIS B 608 -15.49 5.29 -0.63
N LEU B 609 -15.58 5.55 0.67
CA LEU B 609 -16.72 6.31 1.18
C LEU B 609 -16.71 7.74 0.61
N ASP B 610 -15.54 8.26 0.16
CA ASP B 610 -15.49 9.56 -0.50
C ASP B 610 -16.39 9.57 -1.75
N VAL B 611 -16.46 8.43 -2.49
CA VAL B 611 -17.29 8.30 -3.69
C VAL B 611 -18.75 8.07 -3.28
N LEU B 612 -19.01 7.12 -2.33
CA LEU B 612 -20.40 6.89 -1.87
C LEU B 612 -21.05 8.16 -1.31
N TRP B 613 -20.27 8.96 -0.56
CA TRP B 613 -20.74 10.19 0.05
C TRP B 613 -20.33 11.40 -0.81
N ARG B 614 -20.33 11.27 -2.16
CA ARG B 614 -20.01 12.36 -3.08
C ARG B 614 -20.96 13.53 -2.79
N ASP B 615 -20.44 14.77 -2.64
CA ASP B 615 -21.28 15.91 -2.26
C ASP B 615 -22.42 16.12 -3.27
N GLY B 616 -23.63 16.23 -2.75
CA GLY B 616 -24.85 16.30 -3.56
C GLY B 616 -25.59 14.98 -3.60
N ASP B 617 -24.93 13.86 -3.27
CA ASP B 617 -25.57 12.54 -3.21
C ASP B 617 -25.78 12.19 -1.71
N ASN B 618 -27.03 12.28 -1.26
CA ASN B 618 -27.41 12.00 0.13
C ASN B 618 -27.84 10.54 0.39
N ARG B 619 -27.96 9.72 -0.66
CA ARG B 619 -28.49 8.35 -0.60
C ARG B 619 -27.81 7.42 0.42
N TYR B 620 -26.49 7.55 0.67
CA TYR B 620 -25.76 6.66 1.58
C TYR B 620 -25.31 7.30 2.89
N LEU B 621 -25.85 8.49 3.24
CA LEU B 621 -25.47 9.15 4.50
C LEU B 621 -25.99 8.44 5.76
N GLN B 622 -26.87 7.44 5.61
CA GLN B 622 -27.34 6.63 6.73
C GLN B 622 -26.96 5.16 6.49
N LEU B 623 -25.82 4.91 5.81
CA LEU B 623 -25.36 3.55 5.52
C LEU B 623 -25.19 2.73 6.79
N PHE B 624 -24.69 3.33 7.87
CA PHE B 624 -24.44 2.62 9.13
C PHE B 624 -25.44 2.95 10.24
N LYS B 625 -26.41 3.87 10.00
CA LYS B 625 -27.35 4.33 11.02
C LYS B 625 -28.15 3.22 11.69
N ASN B 626 -28.58 2.22 10.93
CA ASN B 626 -29.39 1.14 11.47
C ASN B 626 -28.58 -0.05 12.00
N LEU B 627 -27.29 0.16 12.29
CA LEU B 627 -26.48 -0.84 12.96
C LEU B 627 -26.62 -0.34 14.41
N LEU B 628 -27.80 -0.58 14.99
CA LEU B 628 -28.22 -0.02 16.27
C LEU B 628 -27.32 -0.29 17.46
N LYS B 629 -26.63 -1.43 17.52
CA LYS B 629 -25.73 -1.71 18.64
C LYS B 629 -24.26 -1.44 18.31
N LEU B 630 -23.96 -0.79 17.17
CA LEU B 630 -22.58 -0.56 16.77
C LEU B 630 -21.87 0.37 17.74
N GLU B 631 -20.68 -0.05 18.19
CA GLU B 631 -19.85 0.68 19.14
C GLU B 631 -18.51 1.08 18.55
N GLU B 632 -17.99 0.34 17.57
CA GLU B 632 -16.71 0.62 16.98
C GLU B 632 -16.86 0.67 15.48
N LEU B 633 -16.43 1.78 14.87
CA LEU B 633 -16.49 1.95 13.43
C LEU B 633 -15.12 2.47 12.98
N ASP B 634 -14.46 1.73 12.08
CA ASP B 634 -13.20 2.14 11.50
C ASP B 634 -13.43 2.50 10.04
N ILE B 635 -13.47 3.81 9.75
CA ILE B 635 -13.59 4.31 8.37
C ILE B 635 -12.35 5.13 8.00
N SER B 636 -11.18 4.63 8.43
CA SER B 636 -9.90 5.20 8.05
C SER B 636 -9.59 4.75 6.61
N LYS B 637 -8.65 5.43 5.92
CA LYS B 637 -8.24 5.11 4.56
C LYS B 637 -9.43 5.00 3.60
N ASN B 638 -10.28 6.00 3.60
CA ASN B 638 -11.43 6.06 2.71
C ASN B 638 -11.38 7.32 1.82
N SER B 639 -10.20 7.99 1.70
CA SER B 639 -10.02 9.20 0.86
C SER B 639 -10.98 10.32 1.21
N LEU B 640 -11.41 10.39 2.48
CA LEU B 640 -12.34 11.43 2.91
C LEU B 640 -11.56 12.72 3.15
N SER B 641 -11.37 13.54 2.11
CA SER B 641 -10.69 14.84 2.28
C SER B 641 -11.58 15.84 3.07
N PHE B 642 -12.90 15.58 3.11
CA PHE B 642 -13.89 16.31 3.89
C PHE B 642 -15.03 15.33 4.24
N LEU B 643 -15.87 15.69 5.22
CA LEU B 643 -17.02 14.90 5.58
C LEU B 643 -18.26 15.70 5.23
N PRO B 644 -19.13 15.26 4.28
CA PRO B 644 -20.33 16.05 4.01
C PRO B 644 -21.23 16.17 5.23
N SER B 645 -22.12 17.19 5.25
CA SER B 645 -23.07 17.33 6.36
C SER B 645 -24.07 16.16 6.25
N GLY B 646 -24.33 15.52 7.38
CA GLY B 646 -25.20 14.36 7.45
C GLY B 646 -24.47 13.09 7.86
N VAL B 647 -23.12 13.06 7.75
CA VAL B 647 -22.35 11.88 8.15
C VAL B 647 -22.48 11.62 9.66
N PHE B 648 -22.35 12.66 10.50
CA PHE B 648 -22.43 12.50 11.96
C PHE B 648 -23.85 12.19 12.40
N ASP B 649 -24.84 12.92 11.86
CA ASP B 649 -26.24 12.64 12.16
C ASP B 649 -26.62 11.20 11.70
N GLY B 650 -26.00 10.72 10.62
CA GLY B 650 -26.23 9.37 10.10
C GLY B 650 -25.54 8.25 10.86
N MET B 651 -24.72 8.56 11.89
CA MET B 651 -24.03 7.51 12.65
C MET B 651 -25.00 6.79 13.60
N PRO B 652 -24.76 5.50 13.90
CA PRO B 652 -25.65 4.80 14.84
C PRO B 652 -25.53 5.39 16.26
N PRO B 653 -26.57 5.24 17.10
CA PRO B 653 -26.59 5.97 18.38
C PRO B 653 -25.58 5.63 19.46
N ASN B 654 -25.08 4.39 19.53
CA ASN B 654 -24.15 3.96 20.59
C ASN B 654 -22.70 3.95 20.15
N LEU B 655 -22.32 4.73 19.13
CA LEU B 655 -20.94 4.74 18.65
C LEU B 655 -19.95 5.28 19.67
N LYS B 656 -18.95 4.45 20.06
CA LYS B 656 -17.93 4.79 21.06
C LYS B 656 -16.56 5.13 20.40
N ASN B 657 -15.97 4.20 19.60
CA ASN B 657 -14.69 4.48 18.95
C ASN B 657 -14.93 4.69 17.47
N LEU B 658 -14.52 5.86 16.97
CA LEU B 658 -14.61 6.19 15.57
C LEU B 658 -13.21 6.50 15.10
N SER B 659 -12.77 5.84 14.02
CA SER B 659 -11.50 6.16 13.40
C SER B 659 -11.76 6.74 12.02
N LEU B 660 -11.23 7.93 11.78
CA LEU B 660 -11.19 8.64 10.53
C LEU B 660 -9.70 8.90 10.16
N ALA B 661 -8.77 8.01 10.60
CA ALA B 661 -7.35 8.16 10.35
C ALA B 661 -7.00 7.99 8.86
N LYS B 662 -5.85 8.50 8.44
CA LYS B 662 -5.32 8.32 7.09
C LYS B 662 -6.33 8.59 5.99
N ASN B 663 -7.03 9.72 6.07
CA ASN B 663 -8.03 10.09 5.07
C ASN B 663 -7.67 11.31 4.24
N GLY B 664 -6.62 12.04 4.60
CA GLY B 664 -6.31 13.29 3.91
C GLY B 664 -7.33 14.36 4.25
N LEU B 665 -7.98 14.27 5.44
CA LEU B 665 -9.00 15.23 5.89
C LEU B 665 -8.37 16.61 6.01
N LYS B 666 -8.87 17.60 5.29
CA LYS B 666 -8.33 18.97 5.34
C LYS B 666 -9.11 19.87 6.29
N SER B 667 -10.35 19.54 6.58
CA SER B 667 -11.22 20.33 7.45
C SER B 667 -12.15 19.39 8.21
N PHE B 668 -12.67 19.88 9.32
CA PHE B 668 -13.53 19.09 10.18
C PHE B 668 -14.42 20.01 10.99
N ILE B 669 -15.75 19.89 10.85
CA ILE B 669 -16.70 20.70 11.63
C ILE B 669 -16.82 20.01 12.99
N TRP B 670 -15.96 20.42 13.92
CA TRP B 670 -15.90 19.83 15.26
C TRP B 670 -17.24 19.85 16.01
N GLU B 671 -18.09 20.87 15.77
CA GLU B 671 -19.40 21.00 16.42
C GLU B 671 -20.31 19.82 16.12
N LYS B 672 -20.12 19.15 14.97
CA LYS B 672 -20.93 18.00 14.60
C LYS B 672 -20.72 16.80 15.54
N LEU B 673 -19.65 16.79 16.36
CA LEU B 673 -19.45 15.70 17.32
C LEU B 673 -20.58 15.66 18.37
N ARG B 674 -21.37 16.75 18.53
CA ARG B 674 -22.52 16.79 19.43
C ARG B 674 -23.52 15.67 19.10
N TYR B 675 -23.61 15.27 17.81
CA TYR B 675 -24.51 14.19 17.40
C TYR B 675 -24.09 12.86 18.01
N LEU B 676 -22.78 12.61 18.15
CA LEU B 676 -22.27 11.33 18.68
C LEU B 676 -22.22 11.39 20.21
N LYS B 677 -23.37 11.19 20.84
CA LYS B 677 -23.53 11.34 22.28
C LYS B 677 -22.83 10.26 23.14
N ASN B 678 -22.33 9.19 22.55
CA ASN B 678 -21.61 8.15 23.30
C ASN B 678 -20.11 8.04 22.92
N LEU B 679 -19.58 9.02 22.14
CA LEU B 679 -18.20 8.97 21.65
C LEU B 679 -17.16 9.06 22.76
N GLU B 680 -16.28 8.06 22.84
CA GLU B 680 -15.22 8.02 23.85
C GLU B 680 -13.84 8.14 23.21
N THR B 681 -13.66 7.59 22.01
CA THR B 681 -12.40 7.62 21.29
C THR B 681 -12.62 8.13 19.87
N LEU B 682 -11.83 9.14 19.48
CA LEU B 682 -11.87 9.72 18.16
C LEU B 682 -10.45 9.74 17.61
N ASP B 683 -10.21 8.97 16.53
CA ASP B 683 -8.91 8.92 15.90
C ASP B 683 -8.92 9.70 14.60
N LEU B 684 -8.25 10.87 14.60
CA LEU B 684 -8.09 11.73 13.44
C LEU B 684 -6.59 11.78 13.03
N SER B 685 -5.81 10.74 13.33
CA SER B 685 -4.38 10.74 13.02
C SER B 685 -4.10 10.64 11.53
N HIS B 686 -2.96 11.20 11.10
CA HIS B 686 -2.49 11.13 9.72
C HIS B 686 -3.49 11.74 8.77
N ASN B 687 -3.79 13.01 8.99
CA ASN B 687 -4.69 13.78 8.17
C ASN B 687 -4.01 15.16 7.87
N GLN B 688 -4.75 16.15 7.37
CA GLN B 688 -4.22 17.46 7.07
C GLN B 688 -4.98 18.55 7.84
N LEU B 689 -5.39 18.27 9.09
CA LEU B 689 -6.12 19.24 9.89
C LEU B 689 -5.19 20.35 10.35
N THR B 690 -5.68 21.59 10.33
CA THR B 690 -4.89 22.75 10.72
C THR B 690 -5.36 23.39 12.04
N THR B 691 -6.58 23.05 12.52
CA THR B 691 -7.12 23.65 13.71
C THR B 691 -7.74 22.62 14.66
N VAL B 692 -7.87 23.03 15.93
CA VAL B 692 -8.55 22.30 17.00
C VAL B 692 -9.85 23.12 17.26
N PRO B 693 -10.89 22.57 17.91
CA PRO B 693 -12.11 23.37 18.13
C PRO B 693 -11.91 24.50 19.13
N GLU B 694 -12.65 25.63 18.99
CA GLU B 694 -12.57 26.76 19.93
C GLU B 694 -12.89 26.29 21.35
N ARG B 695 -13.86 25.39 21.50
CA ARG B 695 -14.21 24.80 22.77
C ARG B 695 -14.49 23.32 22.58
N LEU B 696 -13.59 22.45 23.03
CA LEU B 696 -13.80 21.02 22.93
C LEU B 696 -15.01 20.56 23.78
N SER B 697 -15.29 21.26 24.90
CA SER B 697 -16.44 20.93 25.74
C SER B 697 -17.75 21.24 24.99
N ASN B 698 -17.77 22.32 24.17
CA ASN B 698 -18.96 22.67 23.36
C ASN B 698 -19.06 21.75 22.11
N CYS B 699 -18.27 20.64 22.01
CA CYS B 699 -18.26 19.71 20.87
C CYS B 699 -18.66 18.31 21.31
N SER B 700 -18.10 17.84 22.44
CA SER B 700 -18.40 16.53 22.95
C SER B 700 -18.29 16.51 24.46
N ARG B 701 -19.39 16.17 25.14
CA ARG B 701 -19.38 16.05 26.60
C ARG B 701 -18.78 14.71 27.06
N SER B 702 -18.62 13.69 26.16
CA SER B 702 -18.17 12.34 26.50
C SER B 702 -16.76 11.95 26.02
N LEU B 703 -16.19 12.71 25.09
CA LEU B 703 -14.88 12.37 24.50
C LEU B 703 -13.78 12.21 25.56
N LYS B 704 -13.17 11.00 25.63
CA LYS B 704 -12.09 10.67 26.56
C LYS B 704 -10.70 10.60 25.87
N ASN B 705 -10.63 10.09 24.63
CA ASN B 705 -9.38 9.88 23.90
C ASN B 705 -9.42 10.58 22.55
N LEU B 706 -8.64 11.66 22.41
CA LEU B 706 -8.56 12.43 21.17
C LEU B 706 -7.18 12.22 20.58
N ILE B 707 -7.11 11.65 19.38
CA ILE B 707 -5.84 11.41 18.72
C ILE B 707 -5.74 12.30 17.49
N LEU B 708 -4.84 13.26 17.53
CA LEU B 708 -4.59 14.24 16.47
C LEU B 708 -3.16 14.19 15.96
N LYS B 709 -2.41 13.10 16.23
CA LYS B 709 -1.04 13.00 15.76
C LYS B 709 -0.95 13.05 14.23
N ASN B 710 0.17 13.59 13.71
CA ASN B 710 0.45 13.63 12.29
C ASN B 710 -0.59 14.42 11.51
N ASN B 711 -0.74 15.69 11.89
CA ASN B 711 -1.61 16.66 11.21
C ASN B 711 -0.78 17.97 10.99
N GLN B 712 -1.41 19.05 10.57
CA GLN B 712 -0.74 20.32 10.29
C GLN B 712 -1.12 21.40 11.31
N ILE B 713 -1.44 21.02 12.55
CA ILE B 713 -1.87 21.98 13.55
C ILE B 713 -0.70 22.87 13.96
N ARG B 714 -0.84 24.18 13.79
CA ARG B 714 0.21 25.15 14.12
C ARG B 714 -0.04 25.90 15.43
N SER B 715 -1.26 25.88 15.94
CA SER B 715 -1.59 26.54 17.20
C SER B 715 -2.88 25.96 17.77
N LEU B 716 -3.07 26.13 19.08
CA LEU B 716 -4.27 25.68 19.75
C LEU B 716 -5.16 26.90 19.97
N THR B 717 -6.47 26.72 19.91
CA THR B 717 -7.41 27.83 20.12
C THR B 717 -7.29 28.35 21.57
N LYS B 718 -7.58 29.64 21.76
CA LYS B 718 -7.46 30.33 23.05
C LYS B 718 -8.01 29.53 24.25
N TYR B 719 -9.19 28.89 24.12
CA TYR B 719 -9.77 28.13 25.24
C TYR B 719 -10.06 26.66 24.87
N PHE B 720 -9.18 26.04 24.08
CA PHE B 720 -9.31 24.67 23.57
C PHE B 720 -9.89 23.66 24.60
N LEU B 721 -9.14 23.26 25.62
CA LEU B 721 -9.61 22.28 26.60
C LEU B 721 -10.30 22.93 27.79
N GLN B 722 -10.78 24.19 27.68
CA GLN B 722 -11.40 24.88 28.80
C GLN B 722 -12.72 24.20 29.17
N ASP B 723 -12.76 23.61 30.37
CA ASP B 723 -13.92 22.90 30.92
C ASP B 723 -14.19 21.54 30.24
N ALA B 724 -13.20 20.96 29.58
CA ALA B 724 -13.33 19.63 28.99
C ALA B 724 -12.84 18.61 30.04
N PHE B 725 -13.52 18.56 31.21
CA PHE B 725 -13.12 17.72 32.33
C PHE B 725 -13.15 16.18 32.09
N GLN B 726 -13.76 15.70 31.00
CA GLN B 726 -13.85 14.26 30.70
C GLN B 726 -12.63 13.69 29.91
N LEU B 727 -11.77 14.57 29.39
CA LEU B 727 -10.63 14.13 28.58
C LEU B 727 -9.58 13.41 29.43
N ARG B 728 -9.12 12.23 28.98
CA ARG B 728 -8.14 11.41 29.67
C ARG B 728 -6.94 11.03 28.81
N TYR B 729 -6.97 11.28 27.49
CA TYR B 729 -5.85 10.97 26.62
C TYR B 729 -5.85 11.91 25.41
N LEU B 730 -4.76 12.66 25.23
CA LEU B 730 -4.64 13.60 24.12
C LEU B 730 -3.30 13.39 23.41
N ASP B 731 -3.35 13.19 22.09
CA ASP B 731 -2.16 13.04 21.29
C ASP B 731 -2.10 14.18 20.28
N LEU B 732 -1.20 15.13 20.49
CA LEU B 732 -0.96 16.23 19.55
C LEU B 732 0.45 16.11 18.93
N SER B 733 1.09 14.93 19.00
CA SER B 733 2.43 14.74 18.48
C SER B 733 2.48 14.83 16.95
N SER B 734 3.67 15.13 16.41
CA SER B 734 3.88 15.25 14.97
C SER B 734 2.91 16.22 14.31
N ASN B 735 2.85 17.42 14.87
CA ASN B 735 2.10 18.55 14.34
C ASN B 735 3.15 19.70 14.21
N LYS B 736 2.72 20.94 14.05
CA LYS B 736 3.64 22.07 13.90
C LYS B 736 3.34 23.15 14.92
N ILE B 737 2.98 22.73 16.15
CA ILE B 737 2.65 23.67 17.21
C ILE B 737 3.90 24.40 17.67
N GLN B 738 3.83 25.74 17.75
CA GLN B 738 4.93 26.57 18.22
C GLN B 738 4.76 26.94 19.69
N MET B 739 3.53 27.32 20.09
CA MET B 739 3.20 27.82 21.43
C MET B 739 1.97 27.16 22.02
N ILE B 740 1.96 27.01 23.35
CA ILE B 740 0.81 26.49 24.09
C ILE B 740 0.70 27.35 25.34
N GLN B 741 -0.40 28.08 25.50
CA GLN B 741 -0.63 28.93 26.67
C GLN B 741 -1.62 28.27 27.62
N LYS B 742 -1.62 28.71 28.90
CA LYS B 742 -2.47 28.21 29.97
C LYS B 742 -3.96 28.29 29.64
N THR B 743 -4.41 29.34 28.93
CA THR B 743 -5.81 29.46 28.53
C THR B 743 -6.26 28.25 27.68
N SER B 744 -5.41 27.78 26.76
CA SER B 744 -5.73 26.63 25.91
C SER B 744 -5.65 25.31 26.67
N PHE B 745 -4.65 25.19 27.56
CA PHE B 745 -4.37 24.01 28.33
C PHE B 745 -4.53 24.34 29.83
N PRO B 746 -5.77 24.37 30.38
CA PRO B 746 -5.91 24.68 31.81
C PRO B 746 -5.38 23.51 32.63
N GLU B 747 -4.70 23.83 33.73
CA GLU B 747 -4.11 22.80 34.59
C GLU B 747 -5.16 21.87 35.23
N ASN B 748 -6.38 22.38 35.51
CA ASN B 748 -7.45 21.55 36.07
C ASN B 748 -7.87 20.37 35.14
N VAL B 749 -7.67 20.51 33.82
CA VAL B 749 -7.97 19.45 32.84
C VAL B 749 -6.71 18.59 32.61
N LEU B 750 -5.56 19.24 32.40
CA LEU B 750 -4.31 18.54 32.12
C LEU B 750 -3.90 17.53 33.19
N ASN B 751 -4.09 17.85 34.47
CA ASN B 751 -3.68 16.96 35.56
C ASN B 751 -4.45 15.63 35.57
N ASN B 752 -5.70 15.60 35.05
CA ASN B 752 -6.52 14.39 34.97
C ASN B 752 -6.04 13.38 33.89
N LEU B 753 -5.16 13.81 32.96
CA LEU B 753 -4.76 12.97 31.84
C LEU B 753 -3.89 11.76 32.17
N LYS B 754 -4.24 10.60 31.60
CA LYS B 754 -3.45 9.38 31.71
C LYS B 754 -2.18 9.51 30.83
N MET B 755 -2.27 10.26 29.71
CA MET B 755 -1.14 10.53 28.84
C MET B 755 -1.39 11.77 27.98
N LEU B 756 -0.33 12.53 27.69
CA LEU B 756 -0.39 13.72 26.84
C LEU B 756 0.81 13.67 25.93
N LEU B 757 0.61 13.49 24.61
CA LEU B 757 1.73 13.38 23.68
C LEU B 757 1.92 14.71 22.93
N LEU B 758 3.13 15.28 23.04
CA LEU B 758 3.49 16.59 22.46
C LEU B 758 4.76 16.52 21.59
N HIS B 759 5.38 15.35 21.46
CA HIS B 759 6.63 15.21 20.74
C HIS B 759 6.55 15.50 19.26
N HIS B 760 7.68 15.89 18.70
CA HIS B 760 7.83 16.20 17.28
C HIS B 760 6.94 17.37 16.82
N ASN B 761 6.99 18.48 17.55
CA ASN B 761 6.26 19.71 17.21
C ASN B 761 7.30 20.82 16.83
N ARG B 762 6.95 22.12 16.81
CA ARG B 762 7.91 23.17 16.42
C ARG B 762 8.00 24.21 17.54
N PHE B 763 8.20 23.74 18.79
CA PHE B 763 8.19 24.61 19.97
C PHE B 763 9.23 25.71 19.91
N LEU B 764 8.78 26.96 20.11
CA LEU B 764 9.60 28.16 20.04
C LEU B 764 9.83 28.60 21.49
N CYS B 765 11.05 28.42 21.97
CA CYS B 765 11.43 28.62 23.37
C CYS B 765 11.91 30.02 23.70
N THR B 766 10.99 30.99 23.60
CA THR B 766 11.20 32.40 23.94
C THR B 766 10.57 32.65 25.35
N CYS B 767 10.59 33.89 25.86
CA CYS B 767 9.98 34.21 27.12
C CYS B 767 8.45 34.08 27.11
N ASP B 768 7.81 34.03 25.93
CA ASP B 768 6.37 33.80 25.84
C ASP B 768 6.06 32.31 26.21
N ALA B 769 7.02 31.38 26.06
CA ALA B 769 6.83 29.96 26.40
C ALA B 769 7.11 29.66 27.87
N VAL B 770 7.14 30.67 28.73
CA VAL B 770 7.55 30.53 30.12
C VAL B 770 6.62 29.52 30.90
N TRP B 771 5.29 29.64 30.78
CA TRP B 771 4.37 28.72 31.45
C TRP B 771 4.50 27.27 30.95
N PHE B 772 4.49 27.06 29.63
CA PHE B 772 4.58 25.72 29.06
C PHE B 772 5.86 24.97 29.47
N VAL B 773 7.01 25.64 29.40
CA VAL B 773 8.28 25.02 29.77
C VAL B 773 8.27 24.64 31.27
N TRP B 774 7.77 25.52 32.14
CA TRP B 774 7.70 25.25 33.58
C TRP B 774 6.76 24.05 33.84
N TRP B 775 5.55 24.06 33.24
CA TRP B 775 4.59 22.98 33.40
C TRP B 775 5.18 21.63 32.95
N VAL B 776 5.80 21.56 31.76
CA VAL B 776 6.40 20.32 31.27
C VAL B 776 7.49 19.81 32.23
N GLN B 777 8.33 20.71 32.74
CA GLN B 777 9.42 20.31 33.64
C GLN B 777 8.94 19.79 35.01
N HIS B 778 7.88 20.40 35.58
CA HIS B 778 7.37 20.03 36.90
C HIS B 778 6.06 19.22 36.94
N THR B 779 5.61 18.60 35.82
CA THR B 779 4.34 17.87 35.83
C THR B 779 4.47 16.39 36.10
N GLU B 780 3.49 15.83 36.81
CA GLU B 780 3.39 14.39 37.07
C GLU B 780 2.80 13.66 35.83
N VAL B 781 1.99 14.39 35.00
CA VAL B 781 1.32 13.90 33.79
C VAL B 781 2.33 13.25 32.88
N THR B 782 2.01 12.06 32.43
CA THR B 782 2.90 11.27 31.59
C THR B 782 2.96 11.90 30.20
N ILE B 783 4.18 12.22 29.75
CA ILE B 783 4.44 12.79 28.43
C ILE B 783 5.60 11.97 27.90
N PRO B 784 5.39 11.08 26.92
CA PRO B 784 6.51 10.29 26.41
C PRO B 784 7.49 11.10 25.56
N TYR B 785 8.72 10.61 25.48
CA TYR B 785 9.78 11.20 24.68
C TYR B 785 10.28 12.59 25.15
N LEU B 786 10.13 12.94 26.44
CA LEU B 786 10.58 14.25 26.94
C LEU B 786 12.06 14.57 26.76
N ALA B 787 12.91 13.57 26.92
CA ALA B 787 14.35 13.75 26.81
C ALA B 787 14.92 13.37 25.44
N THR B 788 14.07 13.19 24.42
CA THR B 788 14.56 12.78 23.11
C THR B 788 13.82 13.49 21.94
N ASP B 789 12.53 13.87 22.06
CA ASP B 789 11.80 14.50 20.94
C ASP B 789 10.77 15.55 21.37
N VAL B 790 10.98 16.23 22.50
CA VAL B 790 10.15 17.35 22.95
C VAL B 790 11.19 18.47 23.03
N THR B 791 11.48 19.02 21.84
CA THR B 791 12.59 19.92 21.57
C THR B 791 12.21 21.32 21.11
N CYS B 792 13.08 22.30 21.39
CA CYS B 792 12.93 23.66 20.90
C CYS B 792 13.46 23.67 19.47
N VAL B 793 12.77 24.32 18.55
CA VAL B 793 13.30 24.54 17.19
C VAL B 793 14.00 25.93 17.08
N GLY B 794 13.94 26.74 18.13
CA GLY B 794 14.54 28.06 18.21
C GLY B 794 14.15 28.78 19.50
N PRO B 795 14.58 30.03 19.69
CA PRO B 795 15.45 30.84 18.81
C PRO B 795 16.92 30.53 19.03
N GLY B 796 17.72 30.69 17.97
CA GLY B 796 19.17 30.51 17.95
C GLY B 796 19.78 29.52 18.93
N ALA B 797 20.17 30.02 20.11
CA ALA B 797 20.81 29.22 21.16
C ALA B 797 20.03 27.96 21.56
N HIS B 798 18.69 28.02 21.52
CA HIS B 798 17.83 26.92 21.93
C HIS B 798 17.47 25.91 20.83
N LYS B 799 17.90 26.12 19.56
CA LYS B 799 17.60 25.17 18.50
C LYS B 799 18.20 23.80 18.83
N GLY B 800 17.37 22.76 18.77
CA GLY B 800 17.77 21.39 19.07
C GLY B 800 17.81 21.02 20.55
N GLN B 801 17.59 21.98 21.45
CA GLN B 801 17.63 21.71 22.89
C GLN B 801 16.28 21.19 23.42
N SER B 802 16.34 20.18 24.29
CA SER B 802 15.14 19.62 24.92
C SER B 802 14.50 20.68 25.82
N VAL B 803 13.15 20.78 25.85
CA VAL B 803 12.52 21.78 26.72
C VAL B 803 12.70 21.39 28.23
N ILE B 804 12.93 20.10 28.53
CA ILE B 804 13.15 19.59 29.89
C ILE B 804 14.43 20.18 30.54
N SER B 805 15.49 20.44 29.73
CA SER B 805 16.76 21.03 30.19
C SER B 805 16.86 22.56 30.00
N LEU B 806 15.76 23.22 29.63
CA LEU B 806 15.74 24.66 29.33
C LEU B 806 15.71 25.54 30.58
N ASP B 807 16.59 26.55 30.64
CA ASP B 807 16.66 27.49 31.77
C ASP B 807 16.26 28.88 31.24
N LEU B 808 15.10 29.39 31.70
CA LEU B 808 14.58 30.69 31.26
C LEU B 808 14.64 31.74 32.37
N TYR B 809 15.74 31.74 33.14
CA TYR B 809 15.91 32.71 34.21
C TYR B 809 16.02 34.15 33.68
N THR B 810 16.58 34.35 32.47
CA THR B 810 16.69 35.68 31.88
C THR B 810 15.31 36.34 31.67
N CYS B 811 14.24 35.53 31.55
CA CYS B 811 12.89 36.04 31.41
C CYS B 811 12.31 36.65 32.69
N GLU B 812 12.96 36.44 33.85
CA GLU B 812 12.49 37.00 35.12
C GLU B 812 13.65 37.59 35.91
N LEU B 813 14.10 38.80 35.49
CA LEU B 813 15.19 39.52 36.15
C LEU B 813 14.67 40.80 36.79
C1 NAG C . -35.64 20.24 -11.33
C2 NAG C . -34.96 20.53 -9.99
C3 NAG C . -35.86 20.01 -8.86
C4 NAG C . -37.27 20.59 -8.97
C5 NAG C . -37.82 20.31 -10.36
C6 NAG C . -39.17 20.95 -10.61
C7 NAG C . -32.58 20.37 -9.37
C8 NAG C . -31.41 19.43 -9.27
N2 NAG C . -33.67 19.86 -9.96
O3 NAG C . -35.30 20.35 -7.60
O4 NAG C . -38.13 19.95 -8.03
O5 NAG C . -36.93 20.86 -11.33
O6 NAG C . -39.60 20.71 -11.94
O7 NAG C . -32.53 21.51 -8.94
H2 NAG C . -34.85 21.60 -9.87
H3 NAG C . -35.92 18.93 -8.93
H4 NAG C . -37.20 21.66 -8.81
H5 NAG C . -37.91 19.24 -10.52
H61 NAG C . -39.08 22.04 -10.56
H62 NAG C . -39.91 20.64 -9.88
H81 NAG C . -30.48 19.92 -8.97
H82 NAG C . -31.20 18.95 -10.23
H83 NAG C . -31.59 18.63 -8.55
HN2 NAG C . -33.63 18.96 -10.42
HO3 NAG C . -36.00 20.15 -6.93
HO6 NAG C . -38.90 21.04 -12.55
C1 NAG C . -38.82 20.73 -7.08
C2 NAG C . -40.00 19.90 -6.56
C3 NAG C . -40.70 20.69 -5.46
C4 NAG C . -39.71 21.02 -4.35
C5 NAG C . -38.52 21.79 -4.92
C6 NAG C . -37.42 22.01 -3.91
C7 NAG C . -41.00 18.42 -8.29
C8 NAG C . -42.04 18.31 -9.36
N2 NAG C . -40.92 19.60 -7.65
O3 NAG C . -41.78 19.92 -4.94
O4 NAG C . -40.36 21.82 -3.37
O5 NAG C . -37.93 21.04 -6.00
O6 NAG C . -36.79 20.80 -3.52
O7 NAG C . -40.23 17.50 -8.02
H2 NAG C . -39.63 18.98 -6.12
H3 NAG C . -41.08 21.62 -5.87
H4 NAG C . -39.35 20.07 -3.94
H5 NAG C . -38.85 22.75 -5.30
H61 NAG C . -37.83 22.40 -2.98
H62 NAG C . -36.69 22.74 -4.27
H81 NAG C . -42.08 17.33 -9.82
H82 NAG C . -41.86 19.03 -10.16
H83 NAG C . -43.04 18.54 -8.97
HN2 NAG C . -41.55 20.36 -7.91
HO3 NAG C . -41.94 20.25 -4.03
HO6 NAG C . -36.78 20.20 -4.31
C1 BMA C . -40.41 21.35 -2.03
C2 BMA C . -40.98 22.45 -1.15
C3 BMA C . -41.11 21.96 0.29
C4 BMA C . -41.89 20.65 0.36
C5 BMA C . -41.29 19.62 -0.60
C6 BMA C . -42.08 18.34 -0.69
O2 BMA C . -42.26 22.84 -1.64
O3 BMA C . -41.73 22.95 1.10
O4 BMA C . -41.87 20.13 1.69
O5 BMA C . -41.23 20.17 -1.92
O6 BMA C . -43.38 18.55 -1.22
H2 BMA C . -40.30 23.29 -1.16
H3 BMA C . -40.12 21.85 0.74
H4 BMA C . -42.93 20.83 0.06
H5 BMA C . -40.27 19.38 -0.28
H61 BMA C . -42.10 17.81 0.27
H62 BMA C . -41.62 17.67 -1.42
HO2 BMA C . -42.73 23.26 -0.87
HO3 BMA C . -41.72 22.64 2.05
HO4 BMA C . -42.63 19.51 1.82
HO6 BMA C . -43.35 19.37 -1.80
C1 NAG D . -5.32 31.44 -27.32
C2 NAG D . -5.18 29.91 -27.24
C3 NAG D . -5.55 29.33 -28.61
C4 NAG D . -6.95 29.76 -29.01
C5 NAG D . -7.04 31.28 -28.97
C6 NAG D . -8.44 31.81 -29.21
C7 NAG D . -3.53 29.00 -25.66
C8 NAG D . -2.20 28.28 -25.57
N2 NAG D . -3.84 29.49 -26.86
O3 NAG D . -5.46 27.90 -28.52
O4 NAG D . -7.27 29.31 -30.33
O5 NAG D . -6.67 31.75 -27.67
O6 NAG D . -9.33 31.45 -28.17
O7 NAG D . -4.28 29.09 -24.70
H2 NAG D . -5.91 29.54 -26.54
H3 NAG D . -4.84 29.68 -29.36
H4 NAG D . -7.66 29.35 -28.30
H5 NAG D . -6.38 31.71 -29.71
H61 NAG D . -8.89 31.34 -30.09
H62 NAG D . -8.45 32.88 -29.39
H81 NAG D . -1.78 28.31 -24.56
H82 NAG D . -1.46 28.74 -26.22
H83 NAG D . -2.28 27.25 -25.86
HN2 NAG D . -3.12 29.61 -27.58
HO3 NAG D . -5.60 27.57 -29.45
HO6 NAG D . -8.78 31.25 -27.36
C1 NAG D . -7.87 28.03 -30.48
C2 NAG D . -8.90 28.10 -31.62
C3 NAG D . -9.49 26.70 -31.81
C4 NAG D . -8.38 25.68 -32.08
C5 NAG D . -7.36 25.71 -30.95
C6 NAG D . -6.15 24.84 -31.21
C7 NAG D . -10.17 30.20 -31.88
C8 NAG D . -11.39 30.96 -31.43
N2 NAG D . -9.95 29.04 -31.24
O3 NAG D . -10.40 26.71 -32.91
O4 NAG D . -8.94 24.38 -32.17
O5 NAG D . -6.87 27.06 -30.78
O6 NAG D . -5.37 25.30 -32.31
O7 NAG D . -9.45 30.62 -32.78
H2 NAG D . -8.41 28.39 -32.54
H3 NAG D . -10.02 26.40 -30.91
H4 NAG D . -7.89 25.96 -33.01
H5 NAG D . -7.82 25.39 -30.02
H61 NAG D . -6.45 23.84 -31.51
H62 NAG D . -5.54 24.74 -30.30
H81 NAG D . -11.54 31.90 -31.96
H82 NAG D . -11.32 31.22 -30.37
H83 NAG D . -12.30 30.37 -31.55
HN2 NAG D . -10.51 28.78 -30.45
HO3 NAG D . -10.54 25.75 -33.16
HO4 NAG D . -8.33 23.81 -32.70
HO6 NAG D . -5.28 26.28 -32.22
C1 NAG E . 34.85 -21.63 10.87
C2 NAG E . 34.95 -20.22 10.25
C3 NAG E . 35.56 -20.34 8.84
C4 NAG E . 36.88 -21.09 8.88
C5 NAG E . 36.69 -22.44 9.58
C6 NAG E . 37.98 -23.20 9.78
C7 NAG E . 33.35 -18.35 10.36
C8 NAG E . 31.94 -17.92 10.04
N2 NAG E . 33.61 -19.65 10.17
O3 NAG E . 35.74 -19.05 8.28
O4 NAG E . 37.35 -21.37 7.57
O5 NAG E . 36.16 -22.20 10.88
O6 NAG E . 37.75 -24.41 10.49
O7 NAG E . 34.19 -17.56 10.76
H2 NAG E . 35.61 -19.61 10.85
H3 NAG E . 34.86 -20.91 8.20
H4 NAG E . 37.60 -20.49 9.45
H5 NAG E . 36.01 -23.06 9.01
H61 NAG E . 38.66 -22.65 10.44
H62 NAG E . 38.51 -23.37 8.84
H81 NAG E . 31.71 -16.92 10.38
H82 NAG E . 31.22 -18.58 10.51
H83 NAG E . 31.76 -17.95 8.97
HN2 NAG E . 32.87 -20.31 9.96
HO3 NAG E . 36.30 -19.18 7.47
HO6 NAG E . 37.31 -24.18 11.34
C1 NAG E . 38.61 -20.89 7.15
C2 NAG E . 39.04 -21.71 5.94
C3 NAG E . 40.36 -21.15 5.42
C4 NAG E . 40.20 -19.67 5.07
C5 NAG E . 39.71 -18.91 6.30
C6 NAG E . 39.38 -17.46 6.01
C7 NAG E . 38.27 -24.06 6.00
C8 NAG E . 38.63 -25.46 6.43
N2 NAG E . 39.19 -23.12 6.28
O3 NAG E . 40.76 -21.88 4.26
O4 NAG E . 41.47 -19.14 4.66
O5 NAG E . 38.50 -19.51 6.80
O6 NAG E . 38.25 -17.34 5.15
O7 NAG E . 37.21 -23.81 5.45
H2 NAG E . 38.31 -21.59 5.14
H3 NAG E . 41.12 -21.25 6.19
H4 NAG E . 39.46 -19.59 4.29
H5 NAG E . 40.47 -18.93 7.08
H61 NAG E . 40.18 -16.98 5.44
H62 NAG E . 39.24 -16.88 6.92
H81 NAG E . 37.88 -26.20 6.15
H82 NAG E . 38.73 -25.52 7.51
H83 NAG E . 39.58 -25.77 6.00
HN2 NAG E . 40.05 -23.36 6.77
HO3 NAG E . 41.36 -21.27 3.75
HO4 NAG E . 41.28 -18.36 4.09
HO6 NAG E . 37.63 -18.08 5.36
C1 NAG F . 16.61 -6.47 38.10
C2 NAG F . 15.53 -6.99 37.15
C3 NAG F . 14.99 -8.31 37.70
C4 NAG F . 16.12 -9.33 37.85
C5 NAG F . 17.22 -8.72 38.72
C6 NAG F . 18.46 -9.58 38.82
C7 NAG F . 14.23 -5.31 35.90
C8 NAG F . 12.87 -4.67 35.77
N2 NAG F . 14.44 -6.04 37.01
O3 NAG F . 14.00 -8.80 36.82
O4 NAG F . 15.65 -10.52 38.49
O5 NAG F . 17.64 -7.47 38.15
O6 NAG F . 19.13 -9.69 37.57
O7 NAG F . 15.09 -5.18 35.03
H2 NAG F . 15.97 -7.20 36.18
H3 NAG F . 14.53 -8.15 38.68
H4 NAG F . 16.53 -9.53 36.87
H5 NAG F . 16.85 -8.54 39.73
H61 NAG F . 18.20 -10.61 39.05
H62 NAG F . 19.13 -9.23 39.60
H81 NAG F . 12.87 -3.78 35.16
H82 NAG F . 12.48 -4.38 36.75
H83 NAG F . 12.15 -5.36 35.34
HN2 NAG F . 13.82 -5.94 37.81
HO3 NAG F . 13.61 -9.60 37.24
HO6 NAG F . 18.85 -8.92 37.00
C1 NAG F . 15.16 -11.59 37.69
C2 NAG F . 15.48 -12.90 38.40
C3 NAG F . 14.88 -14.08 37.62
C4 NAG F . 13.40 -13.86 37.39
C5 NAG F . 13.18 -12.52 36.69
C6 NAG F . 11.72 -12.17 36.48
C7 NAG F . 17.62 -12.96 39.63
C8 NAG F . 19.09 -13.26 39.52
N2 NAG F . 16.93 -13.05 38.48
O3 NAG F . 15.07 -15.28 38.35
O4 NAG F . 12.89 -14.92 36.57
O5 NAG F . 13.75 -11.47 37.50
O6 NAG F . 11.56 -11.00 35.68
O7 NAG F . 17.11 -12.67 40.70
H2 NAG F . 15.03 -12.90 39.40
H3 NAG F . 15.38 -14.16 36.66
H4 NAG F . 12.89 -13.84 38.35
H5 NAG F . 13.67 -12.53 35.72
H61 NAG F . 11.26 -11.88 37.43
H62 NAG F . 11.15 -13.00 36.08
H81 NAG F . 19.64 -13.11 40.45
H82 NAG F . 19.56 -12.60 38.79
H83 NAG F . 19.28 -14.27 39.18
HN2 NAG F . 17.41 -13.23 37.61
HO3 NAG F . 14.66 -16.00 37.81
HO4 NAG F . 11.91 -14.97 36.73
HO6 NAG F . 10.60 -10.78 35.65
C1 NAG G . -4.44 -6.36 -18.61
C2 NAG G . -3.70 -5.11 -19.09
C3 NAG G . -3.49 -4.18 -17.90
C4 NAG G . -4.80 -3.86 -17.20
C5 NAG G . -5.56 -5.14 -16.85
C6 NAG G . -6.97 -4.86 -16.38
C7 NAG G . -1.91 -4.94 -20.78
C8 NAG G . -0.49 -5.34 -21.10
N2 NAG G . -2.43 -5.49 -19.66
O3 NAG G . -2.89 -2.96 -18.35
O4 NAG G . -4.56 -3.13 -16.00
O5 NAG G . -5.69 -5.95 -18.02
O6 NAG G . -7.62 -6.06 -16.01
O7 NAG G . -2.53 -4.17 -21.48
H2 NAG G . -4.33 -4.58 -19.81
H3 NAG G . -2.81 -4.66 -17.17
H4 NAG G . -5.41 -3.28 -17.90
H5 NAG G . -5.02 -5.69 -16.08
H61 NAG G . -7.57 -4.46 -17.19
H62 NAG G . -6.98 -4.13 -15.57
H81 NAG G . 0.04 -4.59 -21.68
H82 NAG G . -0.48 -6.26 -21.69
H83 NAG G . 0.09 -5.52 -20.20
HN2 NAG G . -1.93 -6.24 -19.19
HO3 NAG G . -3.01 -2.31 -17.61
HO4 NAG G . -5.39 -2.60 -15.79
HO6 NAG G . -7.73 -6.62 -16.83
C1 NAG H . 18.49 -23.22 -13.00
C2 NAG H . 18.86 -23.81 -14.36
C3 NAG H . 18.66 -25.32 -14.33
C4 NAG H . 19.47 -25.95 -13.20
C5 NAG H . 19.15 -25.25 -11.88
C6 NAG H . 20.01 -25.69 -10.73
C7 NAG H . 18.48 -22.52 -16.44
C8 NAG H . 17.45 -22.12 -17.46
N2 NAG H . 18.01 -23.25 -15.41
O3 NAG H . 19.07 -25.90 -15.57
O4 NAG H . 19.14 -27.34 -13.10
O5 NAG H . 19.36 -23.84 -12.04
O6 NAG H . 19.68 -24.99 -9.54
O7 NAG H . 19.65 -22.19 -16.54
H2 NAG H . 19.91 -23.61 -14.56
H3 NAG H . 17.61 -25.55 -14.17
H4 NAG H . 20.53 -25.81 -13.42
H5 NAG H . 18.11 -25.43 -11.62
H61 NAG H . 21.05 -25.41 -10.91
H62 NAG H . 19.98 -26.77 -10.58
H81 NAG H . 17.84 -22.08 -18.47
H82 NAG H . 17.02 -21.15 -17.23
H83 NAG H . 16.61 -22.82 -17.48
HN2 NAG H . 17.02 -23.41 -15.31
HO3 NAG H . 19.26 -26.87 -15.38
HO4 NAG H . 19.90 -27.79 -12.63
HO6 NAG H . 19.52 -24.04 -9.78
C1 NAG I . 39.00 10.83 -8.04
C2 NAG I . 39.60 10.10 -9.24
C3 NAG I . 41.04 9.70 -8.90
C4 NAG I . 41.86 10.93 -8.51
C5 NAG I . 41.15 11.70 -7.39
C6 NAG I . 41.81 13.01 -7.07
C7 NAG I . 37.86 8.88 -10.45
C8 NAG I . 37.08 7.60 -10.55
N2 NAG I . 38.80 8.91 -9.52
O3 NAG I . 41.64 9.09 -10.04
O4 NAG I . 43.14 10.51 -8.06
O5 NAG I . 39.79 12.00 -7.77
O6 NAG I . 41.85 13.86 -8.22
O7 NAG I . 37.62 9.84 -11.18
H2 NAG I . 39.64 10.76 -10.09
H3 NAG I . 41.04 9.00 -8.07
H4 NAG I . 41.94 11.57 -9.38
H5 NAG I . 41.13 11.09 -6.49
H61 NAG I . 42.86 12.87 -6.83
H62 NAG I . 41.34 13.51 -6.22
H81 NAG I . 36.36 7.59 -11.37
H82 NAG I . 36.51 7.43 -9.64
H83 NAG I . 37.73 6.74 -10.69
HN2 NAG I . 39.01 8.09 -8.96
HO3 NAG I . 42.50 8.71 -9.73
HO4 NAG I . 43.75 11.29 -8.13
HO6 NAG I . 41.01 13.72 -8.73
C1 NAG J . -12.81 -26.02 -28.92
C2 NAG J . -13.01 -27.51 -28.64
C3 NAG J . -12.08 -28.31 -29.55
C4 NAG J . -12.30 -27.95 -31.01
C5 NAG J . -12.19 -26.43 -31.20
C6 NAG J . -12.55 -26.01 -32.62
C7 NAG J . -13.63 -28.12 -26.33
C8 NAG J . -13.13 -28.22 -24.91
N2 NAG J . -12.71 -27.78 -27.25
O3 NAG J . -12.30 -29.70 -29.33
O4 NAG J . -11.29 -28.58 -31.80
O5 NAG J . -13.08 -25.75 -30.31
O6 NAG J . -11.91 -24.80 -33.02
O7 NAG J . -14.80 -28.32 -26.62
H2 NAG J . -14.04 -27.80 -28.89
H3 NAG J . -11.04 -28.07 -29.28
H4 NAG J . -13.30 -28.28 -31.29
H5 NAG J . -11.17 -26.13 -30.96
H61 NAG J . -13.60 -25.74 -32.65
H62 NAG J . -12.38 -26.79 -33.34
H81 NAG J . -13.88 -28.58 -24.21
H82 NAG J . -12.81 -27.26 -24.54
H83 NAG J . -12.27 -28.89 -24.84
HN2 NAG J . -11.73 -27.70 -26.98
HO3 NAG J . -11.61 -30.17 -29.88
HO4 NAG J . -11.67 -28.73 -32.71
HO6 NAG J . -12.15 -24.10 -32.35
C1 NAG K . 4.26 -30.51 -18.28
C2 NAG K . 4.91 -31.88 -18.46
C3 NAG K . 4.10 -32.67 -19.50
C4 NAG K . 2.64 -32.75 -19.10
C5 NAG K . 2.09 -31.35 -18.84
C6 NAG K . 0.67 -31.34 -18.33
C7 NAG K . 7.31 -32.42 -18.41
C8 NAG K . 8.67 -32.09 -18.98
N2 NAG K . 6.28 -31.72 -18.90
O3 NAG K . 4.64 -33.97 -19.65
O4 NAG K . 1.90 -33.38 -20.13
O5 NAG K . 2.90 -30.69 -17.85
O6 NAG K . 0.54 -32.04 -17.10
O7 NAG K . 7.16 -33.28 -17.54
H2 NAG K . 4.85 -32.43 -17.52
H3 NAG K . 4.17 -32.15 -20.47
H4 NAG K . 2.59 -33.34 -18.17
H5 NAG K . 2.12 -30.78 -19.76
H61 NAG K . 0.00 -31.88 -19.00
H62 NAG K . 0.28 -30.31 -18.25
H81 NAG K . 9.49 -32.44 -18.36
H82 NAG K . 8.79 -31.02 -19.08
H83 NAG K . 8.79 -32.51 -19.97
HN2 NAG K . 6.44 -31.03 -19.64
HO3 NAG K . 4.08 -34.41 -20.36
HO4 NAG K . 1.08 -33.76 -19.73
HO6 NAG K . -0.28 -31.70 -16.63
C1 NAG L . -33.40 -14.45 -30.87
C2 NAG L . -34.22 -15.74 -30.95
C3 NAG L . -35.37 -15.47 -31.92
C4 NAG L . -36.22 -14.32 -31.43
C5 NAG L . -35.37 -13.07 -31.21
C6 NAG L . -36.14 -11.98 -30.49
C7 NAG L . -32.63 -17.61 -30.63
C8 NAG L . -31.75 -18.60 -31.34
N2 NAG L . -33.44 -16.88 -31.42
O3 NAG L . -36.18 -16.64 -32.06
O4 NAG L . -37.23 -14.02 -32.38
O5 NAG L . -34.23 -13.39 -30.39
O6 NAG L . -35.32 -10.88 -30.10
O7 NAG L . -32.58 -17.44 -29.42
H2 NAG L . -34.66 -15.96 -29.98
H3 NAG L . -34.97 -15.21 -32.90
H4 NAG L . -36.66 -14.62 -30.47
H5 NAG L . -35.02 -12.69 -32.16
H61 NAG L . -36.53 -12.35 -29.55
H62 NAG L . -36.98 -11.64 -31.09
H81 NAG L . -31.20 -19.25 -30.66
H82 NAG L . -31.01 -18.09 -31.95
H83 NAG L . -32.32 -19.25 -32.00
HN2 NAG L . -33.55 -17.13 -32.40
HO3 NAG L . -36.95 -16.37 -32.61
HO4 NAG L . -37.99 -13.57 -31.91
HO6 NAG L . -34.46 -11.25 -29.76
C1 NAG M . 15.39 5.87 -16.60
C2 NAG M . 14.29 6.58 -17.42
C3 NAG M . 13.01 6.70 -16.60
C4 NAG M . 12.60 5.33 -16.05
C5 NAG M . 13.75 4.79 -15.20
C6 NAG M . 13.45 3.47 -14.54
C7 NAG M . 15.42 8.10 -18.99
C8 NAG M . 15.76 9.53 -19.30
N2 NAG M . 14.73 7.89 -17.85
O3 NAG M . 11.96 7.22 -17.42
O4 NAG M . 11.41 5.47 -15.27
O5 NAG M . 14.91 4.63 -16.04
O6 NAG M . 14.52 2.95 -13.74
O7 NAG M . 15.77 7.18 -19.73
H2 NAG M . 14.05 5.96 -18.29
H3 NAG M . 13.17 7.37 -15.77
H4 NAG M . 12.44 4.67 -16.90
H5 NAG M . 13.99 5.52 -14.42
H61 NAG M . 13.32 2.69 -15.29
H62 NAG M . 12.53 3.50 -13.96
H81 NAG M . 16.27 9.67 -20.25
H82 NAG M . 16.41 9.94 -18.54
H83 NAG M . 14.87 10.16 -19.32
HN2 NAG M . 14.50 8.66 -17.25
HO3 NAG M . 11.13 7.15 -16.87
HO4 NAG M . 10.96 4.58 -15.26
HO6 NAG M . 14.15 2.21 -13.18
N1 QEC N . 6.45 -26.10 -5.74
C7 QEC N . 6.37 -27.44 -5.61
C8 QEC N . 7.35 -28.16 -4.86
N2 QEC N . 7.07 -29.49 -4.83
C9 QEC N . 6.03 -31.55 -8.14
O1 QEC N . 4.91 -30.82 -8.49
C1 QEC N . 8.21 -32.98 -7.27
C5 QEC N . 7.98 -32.88 -8.63
C6 QEC N . 6.26 -31.65 -6.76
N3 QEC N . 8.46 -26.12 -4.40
C4 QEC N . 5.41 -28.48 -6.05
C3 QEC N . 6.87 -32.15 -9.05
C2 QEC N . 7.37 -32.37 -6.34
N4 QEC N . 5.91 -29.62 -5.54
C10 QEC N . 8.37 -27.44 -4.22
C11 QEC N . 7.49 -25.50 -5.13
C12 QEC N . 9.23 -37.32 -11.98
C13 QEC N . 9.73 -35.86 -11.75
C14 QEC N . 8.34 -37.19 -10.71
C15 QEC N . 8.49 -35.65 -10.83
C16 QEC N . 8.01 -28.22 1.05
C17 QEC N . 4.62 -30.69 -9.87
C18 QEC N . 5.38 -30.99 -5.73
C19 QEC N . 8.90 -33.54 -9.62
C20 QEC N . 9.13 -27.80 0.17
C21 QEC N . 8.72 -27.76 -1.26
C22 QEC N . 9.85 -27.62 -2.26
N5 QEC N . 7.60 -24.17 -5.26
N6 QEC N . 9.37 -28.06 -3.56
N7 QEC N . 8.80 -35.01 -9.55
H1 QEC N . 9.07 -33.54 -6.91
H4 QEC N . 4.52 -28.36 -6.66
H3 QEC N . 6.71 -32.10 -10.12
H2 QEC N . 7.60 -32.47 -5.28
H5 QEC N . 10.00 -38.08 -11.92
H6 QEC N . 8.69 -37.49 -12.92
H7 QEC N . 9.76 -35.25 -12.65
H8 QEC N . 10.70 -35.77 -11.27
H10 QEC N . 8.78 -37.63 -9.81
H9 QEC N . 7.34 -37.58 -10.79
H11 QEC N . 7.64 -35.20 -11.36
H14 QEC N . 8.27 -28.23 2.10
H12 QEC N . 7.65 -29.23 0.80
H13 QEC N . 7.15 -27.57 0.94
H15 QEC N . 3.71 -30.08 -9.87
H16 QEC N . 4.39 -31.64 -10.35
H17 QEC N . 5.38 -30.15 -10.43
H19 QEC N . 5.42 -31.52 -4.78
H18 QEC N . 4.34 -30.95 -6.03
H20 QEC N . 8.63 -33.24 -10.64
H21 QEC N . 9.91 -33.16 -9.49
H23 QEC N . 9.51 -26.84 0.51
H22 QEC N . 9.97 -28.48 0.29
H24 QEC N . 8.10 -28.61 -1.49
H25 QEC N . 8.05 -26.90 -1.41
H27 QEC N . 10.21 -26.60 -2.32
H26 QEC N . 10.71 -28.22 -1.96
H29 QEC N . 8.36 -23.66 -4.82
H28 QEC N . 6.91 -23.64 -5.77
H30 QEC N . 9.81 -28.86 -4.00
H31 QEC N . 9.62 -35.42 -9.12
C1 NAG O . -6.40 -17.24 8.46
C2 NAG O . -6.20 -16.51 9.78
C3 NAG O . -5.41 -15.22 9.54
C4 NAG O . -4.09 -15.52 8.85
C5 NAG O . -4.31 -16.37 7.60
C6 NAG O . -3.01 -16.88 7.02
C7 NAG O . -7.82 -16.29 11.66
C8 NAG O . -9.15 -15.73 12.06
N2 NAG O . -7.51 -16.20 10.34
O3 NAG O . -5.15 -14.57 10.79
O4 NAG O . -3.45 -14.30 8.46
O5 NAG O . -5.09 -17.52 7.92
O6 NAG O . -3.22 -17.62 5.83
O7 NAG O . -7.06 -16.80 12.47
H2 NAG O . -5.62 -17.13 10.47
H3 NAG O . -5.99 -14.56 8.91
H4 NAG O . -3.47 -16.10 9.54
H5 NAG O . -4.83 -15.78 6.84
H61 NAG O . -2.56 -17.61 7.70
H62 NAG O . -2.29 -16.08 6.86
H81 NAG O . -9.18 -15.41 13.10
H82 NAG O . -9.94 -16.47 11.93
H83 NAG O . -9.43 -14.87 11.45
HN2 NAG O . -8.21 -15.89 9.68
HO3 NAG O . -4.42 -13.93 10.61
HO4 NAG O . -2.47 -14.48 8.40
HO6 NAG O . -3.76 -18.42 6.06
C1 NAG P . -31.92 -5.92 0.64
C2 NAG P . -32.95 -6.76 1.40
C3 NAG P . -33.82 -7.51 0.38
C4 NAG P . -34.47 -6.54 -0.59
C5 NAG P . -33.38 -5.69 -1.25
C6 NAG P . -33.93 -4.62 -2.17
C7 NAG P . -32.38 -7.75 3.58
C8 NAG P . -31.75 -8.92 4.27
N2 NAG P . -32.28 -7.72 2.26
O3 NAG P . -34.81 -8.28 1.06
O4 NAG P . -35.17 -7.28 -1.60
O5 NAG P . -32.63 -5.02 -0.23
O6 NAG P . -32.88 -3.97 -2.88
O7 NAG P . -32.96 -6.86 4.21
H2 NAG P . -33.60 -6.11 1.97
H3 NAG P . -33.18 -8.19 -0.18
H4 NAG P . -35.15 -5.89 -0.04
H5 NAG P . -32.72 -6.35 -1.82
H61 NAG P . -34.38 -3.82 -1.59
H62 NAG P . -34.69 -5.00 -2.86
H81 NAG P . -32.26 -9.23 5.18
H82 NAG P . -30.72 -8.69 4.56
H83 NAG P . -31.70 -9.80 3.63
HN2 NAG P . -31.68 -8.40 1.78
HO3 NAG P . -35.46 -8.56 0.36
HO4 NAG P . -35.84 -6.68 -1.99
HO6 NAG P . -32.24 -3.61 -2.21
C1 NAG Q . -28.36 -21.68 -4.07
C2 NAG Q . -29.84 -21.93 -4.36
C3 NAG Q . -30.09 -23.44 -4.26
C4 NAG Q . -29.20 -24.20 -5.24
C5 NAG Q . -27.75 -23.76 -5.09
C6 NAG Q . -26.85 -24.29 -6.17
C7 NAG Q . -31.81 -20.59 -3.72
C8 NAG Q . -32.43 -19.77 -2.63
N2 NAG Q . -30.66 -21.20 -3.40
O3 NAG Q . -31.46 -23.71 -4.53
O4 NAG Q . -29.28 -25.59 -4.98
O5 NAG Q . -27.66 -22.33 -5.15
O6 NAG Q . -25.51 -23.81 -6.04
O7 NAG Q . -32.32 -20.70 -4.83
H2 NAG Q . -30.06 -21.61 -5.37
H3 NAG Q . -29.86 -23.77 -3.25
H4 NAG Q . -29.54 -23.95 -6.25
H5 NAG Q . -27.35 -24.09 -4.13
H61 NAG Q . -27.16 -23.92 -7.15
H62 NAG Q . -26.87 -25.38 -6.22
H81 NAG Q . -33.12 -19.01 -3.00
H82 NAG Q . -31.67 -19.24 -2.05
H83 NAG Q . -32.99 -20.39 -1.91
HN2 NAG Q . -30.31 -21.18 -2.44
HO3 NAG Q . -31.54 -24.69 -4.61
HO4 NAG Q . -29.03 -26.07 -5.82
HO6 NAG Q . -25.56 -22.82 -5.97
C1 NAG R . -16.41 -37.66 1.66
C2 NAG R . -17.16 -38.35 0.50
C3 NAG R . -18.60 -38.54 0.98
C4 NAG R . -18.64 -39.40 2.23
C5 NAG R . -17.75 -38.80 3.31
C6 NAG R . -17.57 -39.73 4.50
C7 NAG R . -16.17 -37.68 -1.64
C8 NAG R . -16.22 -36.68 -2.76
N2 NAG R . -17.13 -37.56 -0.72
O3 NAG R . -19.34 -39.16 -0.07
O4 NAG R . -19.98 -39.47 2.72
O5 NAG R . -16.43 -38.54 2.78
O6 NAG R . -17.16 -39.05 5.68
O7 NAG R . -15.29 -38.54 -1.57
H2 NAG R . -16.74 -39.33 0.34
H3 NAG R . -19.05 -37.57 1.19
H4 NAG R . -18.27 -40.38 1.97
H5 NAG R . -18.18 -37.86 3.63
H61 NAG R . -16.77 -40.43 4.31
H62 NAG R . -18.47 -40.31 4.69
H81 NAG R . -15.59 -36.94 -3.62
H82 NAG R . -15.86 -35.70 -2.43
H83 NAG R . -17.23 -36.53 -3.12
HN2 NAG R . -17.89 -36.91 -0.85
HO3 NAG R . -20.20 -39.45 0.35
HO4 NAG R . -20.07 -40.31 3.24
HO6 NAG R . -16.30 -38.59 5.47
C1 NAG S . 5.09 -47.31 4.39
C2 NAG S . 4.81 -48.46 3.41
C3 NAG S . 5.52 -49.69 3.98
C4 NAG S . 7.01 -49.44 4.09
C5 NAG S . 7.28 -48.20 4.95
C6 NAG S . 8.74 -47.78 4.89
C7 NAG S . 2.57 -48.03 2.44
C8 NAG S . 1.10 -48.31 2.58
N2 NAG S . 3.38 -48.73 3.24
O3 NAG S . 5.28 -50.81 3.12
O4 NAG S . 7.65 -50.57 4.68
O5 NAG S . 6.51 -47.09 4.46
O6 NAG S . 8.99 -46.53 5.50
O7 NAG S . 2.99 -47.16 1.68
H2 NAG S . 5.25 -48.23 2.44
H3 NAG S . 5.13 -49.91 4.96
H4 NAG S . 7.40 -49.27 3.08
H5 NAG S . 7.01 -48.41 5.98
H61 NAG S . 9.04 -47.62 3.85
H62 NAG S . 9.39 -48.56 5.30
H81 NAG S . 0.48 -47.80 1.85
H82 NAG S . 0.74 -47.99 3.56
H83 NAG S . 0.89 -49.37 2.51
HN2 NAG S . 3.02 -49.51 3.78
HO3 NAG S . 5.85 -51.55 3.47
HO4 NAG S . 8.60 -50.56 4.41
HO6 NAG S . 8.25 -45.92 5.27
C1 NAG T . -12.62 0.47 21.22
C2 NAG T . -11.76 1.06 22.34
C3 NAG T . -11.52 -0.11 23.31
C4 NAG T . -12.84 -0.64 23.86
C5 NAG T . -13.84 -0.94 22.73
C6 NAG T . -15.25 -1.16 23.22
C7 NAG T . -9.78 2.53 22.46
C8 NAG T . -8.50 2.93 21.79
N2 NAG T . -10.50 1.58 21.84
O3 NAG T . -10.69 0.30 24.39
O4 NAG T . -12.60 -1.85 24.58
O5 NAG T . -13.89 0.19 21.83
O6 NAG T . -16.14 -1.39 22.14
O7 NAG T . -10.15 3.04 23.51
H2 NAG T . -12.31 1.83 22.86
H3 NAG T . -11.01 -0.91 22.77
H4 NAG T . -13.26 0.12 24.51
H5 NAG T . -13.52 -1.81 22.17
H61 NAG T . -15.63 -0.25 23.68
H62 NAG T . -15.30 -1.95 23.96
H81 NAG T . -8.01 3.78 22.26
H82 NAG T . -8.67 3.21 20.75
H83 NAG T . -7.78 2.11 21.78
HN2 NAG T . -10.16 1.16 20.98
HO3 NAG T . -10.77 -0.40 25.08
HO4 NAG T . -13.38 -2.00 25.18
HO6 NAG T . -17.07 -1.40 22.49
C1 NAG U . -21.27 26.81 21.55
C2 NAG U . -21.39 28.29 21.89
C3 NAG U . -22.55 28.81 21.03
C4 NAG U . -22.19 28.67 19.55
C5 NAG U . -21.86 27.22 19.24
C6 NAG U . -21.29 27.03 17.85
C7 NAG U . -21.44 29.74 23.88
C8 NAG U . -21.55 29.76 25.39
N2 NAG U . -21.63 28.55 23.30
O3 NAG U . -22.82 30.18 21.32
O4 NAG U . -23.30 29.09 18.76
O5 NAG U . -20.89 26.71 20.17
O6 NAG U . -19.94 27.48 17.74
O7 NAG U . -21.19 30.76 23.24
H2 NAG U . -20.48 28.81 21.58
H3 NAG U . -23.44 28.24 21.23
H4 NAG U . -21.33 29.30 19.34
H5 NAG U . -22.76 26.62 19.32
H61 NAG U . -21.82 27.66 17.14
H62 NAG U . -21.39 26.01 17.49
H81 NAG U . -21.09 30.64 25.83
H82 NAG U . -21.07 28.90 25.82
H83 NAG U . -22.60 29.75 25.72
HN2 NAG U . -21.98 27.76 23.84
HO3 NAG U . -21.94 30.66 21.28
HO4 NAG U . -23.74 29.83 19.25
HO6 NAG U . -19.67 27.41 16.79
N1 QEC V . -23.42 -10.54 -9.90
C7 QEC V . -24.18 -11.10 -10.89
C8 QEC V . -25.11 -10.32 -11.58
N2 QEC V . -25.71 -11.06 -12.56
C9 QEC V . -27.31 -14.59 -11.75
O1 QEC V . -26.19 -15.22 -11.27
C1 QEC V . -29.45 -13.25 -12.85
C5 QEC V . -29.68 -14.15 -11.83
C6 QEC V . -27.08 -13.69 -12.79
N3 QEC V . -24.50 -8.43 -10.28
C4 QEC V . -24.26 -12.43 -11.48
C3 QEC V . -28.59 -14.82 -11.29
C2 QEC V . -28.17 -13.01 -13.32
N4 QEC V . -25.16 -12.31 -12.46
C10 QEC V . -25.22 -8.95 -11.29
C11 QEC V . -23.64 -9.25 -9.63
C12 QEC V . -33.82 -17.86 -12.50
C13 QEC V . -33.62 -16.72 -11.47
C14 QEC V . -32.61 -17.32 -13.31
C15 QEC V . -32.18 -16.54 -12.04
C16 QEC V . -24.03 -6.24 -15.82
C17 QEC V . -26.37 -16.13 -10.18
C18 QEC V . -25.70 -13.35 -13.33
C19 QEC V . -31.08 -14.43 -11.32
C20 QEC V . -24.70 -5.89 -14.51
C21 QEC V . -24.87 -7.08 -13.63
C22 QEC V . -25.83 -6.88 -12.47
N5 QEC V . -22.93 -8.71 -8.64
N6 QEC V . -26.13 -8.17 -11.89
N7 QEC V . -31.85 -15.15 -12.35
H1 QEC V . -30.30 -12.71 -13.29
H4 QEC V . -23.70 -13.33 -11.21
H3 QEC V . -28.81 -15.54 -10.49
H2 QEC V . -28.03 -12.28 -14.11
H5 QEC V . -34.78 -17.82 -13.03
H6 QEC V . -33.74 -18.87 -12.11
H7 QEC V . -33.68 -17.03 -10.43
H8 QEC V . -34.28 -15.85 -11.57
H10 QEC V . -32.87 -16.71 -14.16
H9 QEC V . -31.91 -18.08 -13.67
H11 QEC V . -31.42 -17.07 -11.45
H14 QEC V . -23.94 -5.37 -16.48
H12 QEC V . -24.56 -7.00 -16.38
H13 QEC V . -23.01 -6.61 -15.66
H15 QEC V . -25.35 -16.44 -9.96
H16 QEC V . -26.96 -17.00 -10.43
H17 QEC V . -26.77 -15.66 -9.29
H19 QEC V . -25.74 -13.00 -14.36
H18 QEC V . -25.04 -14.22 -13.33
H20 QEC V . -31.04 -15.04 -10.43
H21 QEC V . -31.54 -13.50 -11.00
H23 QEC V . -24.13 -5.11 -14.03
H22 QEC V . -25.67 -5.43 -14.72
H24 QEC V . -25.16 -7.94 -14.22
H25 QEC V . -23.90 -7.34 -13.23
H27 QEC V . -25.40 -6.22 -11.71
H26 QEC V . -26.74 -6.38 -12.80
H29 QEC V . -23.02 -7.72 -8.40
H28 QEC V . -22.25 -9.26 -8.13
H30 QEC V . -27.10 -8.51 -11.92
H31 QEC V . -32.67 -14.62 -12.66
S SO4 W . -28.58 2.34 -5.86
O1 SO4 W . -29.43 3.28 -6.60
O2 SO4 W . -29.01 0.97 -6.14
O3 SO4 W . -28.70 2.61 -4.42
O4 SO4 W . -27.19 2.50 -6.29
S SO4 X . -32.31 -0.24 1.61
O1 SO4 X . -32.54 0.94 2.46
O2 SO4 X . -33.51 -1.07 1.61
O3 SO4 X . -32.00 0.19 0.25
O4 SO4 X . -31.18 -1.02 2.14
S SO4 Y . -32.11 -10.38 -2.49
O1 SO4 Y . -33.36 -10.57 -3.23
O2 SO4 Y . -32.39 -10.16 -1.08
O3 SO4 Y . -31.28 -11.57 -2.64
O4 SO4 Y . -31.40 -9.21 -3.04
#